data_3QWN
#
_entry.id   3QWN
#
_cell.length_a   132.310
_cell.length_b   132.310
_cell.length_c   163.350
_cell.angle_alpha   90.000
_cell.angle_beta   90.000
_cell.angle_gamma   120.000
#
_symmetry.space_group_name_H-M   'P 31'
#
loop_
_entity.id
_entity.type
_entity.pdbx_description
1 polymer 'Hypothetical nigD-like protein'
2 non-polymer 'CHLORIDE ION'
3 non-polymer 1,2-ETHANEDIOL
4 water water
#
_entity_poly.entity_id   1
_entity_poly.type   'polypeptide(L)'
_entity_poly.pdbx_seq_one_letter_code
;GEDDYYYPSVKLEFVTVKAGTDGSIQTLIPDNGEALTVSKDRTGSAISPNTSRRV(MSE)SNYETLSNGHTATAVIYSLQ
SLVTPTPKPADDPTYRDGLKHDPVDVVSIWLGRGYLN(MSE)ILNLKVNGGKQHVFGIVEDLSEFETNGTVN(MSE)LLY
HDANGDEEYYNRRAYLSVPLDKYADAENPGQKITIKFKYYTYDKDGTAIESGKYCNPGFEYVPDKN
;
_entity_poly.pdbx_strand_id   A,B,C,D,E,F,G,H,I,J,K,L
#
loop_
_chem_comp.id
_chem_comp.type
_chem_comp.name
_chem_comp.formula
CL non-polymer 'CHLORIDE ION' 'Cl -1'
EDO non-polymer 1,2-ETHANEDIOL 'C2 H6 O2'
#
# COMPACT_ATOMS: atom_id res chain seq x y z
N TYR A 7 -4.96 27.75 -67.74
CA TYR A 7 -4.94 27.44 -69.17
C TYR A 7 -4.36 26.04 -69.46
N PRO A 8 -5.11 25.17 -70.21
CA PRO A 8 -4.66 23.79 -70.51
C PRO A 8 -3.32 23.65 -71.26
N SER A 9 -2.68 22.48 -71.03
CA SER A 9 -1.40 22.06 -71.60
C SER A 9 -1.47 21.98 -73.15
N VAL A 10 -2.58 21.42 -73.68
CA VAL A 10 -2.84 21.26 -75.11
C VAL A 10 -3.95 22.24 -75.54
N LYS A 11 -3.69 22.99 -76.63
CA LYS A 11 -4.63 23.93 -77.22
C LYS A 11 -5.70 23.12 -77.99
N LEU A 12 -6.97 23.29 -77.63
CA LEU A 12 -8.10 22.55 -78.21
C LEU A 12 -9.04 23.45 -78.95
N GLU A 13 -9.56 22.98 -80.07
CA GLU A 13 -10.54 23.68 -80.89
C GLU A 13 -11.86 22.91 -80.99
N PHE A 14 -12.97 23.62 -81.18
CA PHE A 14 -14.31 23.07 -81.45
C PHE A 14 -14.31 22.71 -82.91
N VAL A 15 -14.51 21.44 -83.23
CA VAL A 15 -14.55 20.93 -84.62
C VAL A 15 -15.64 19.88 -84.72
N THR A 16 -15.88 19.46 -85.96
CA THR A 16 -16.73 18.34 -86.30
C THR A 16 -15.82 17.27 -86.95
N VAL A 17 -15.97 16.03 -86.57
CA VAL A 17 -15.22 14.94 -87.20
C VAL A 17 -16.20 13.96 -87.80
N LYS A 18 -15.83 13.31 -88.92
CA LYS A 18 -16.61 12.27 -89.58
C LYS A 18 -15.75 11.04 -89.67
N ALA A 19 -16.41 9.88 -89.49
CA ALA A 19 -15.88 8.55 -89.62
C ALA A 19 -16.39 7.93 -90.91
N GLY A 20 -15.62 6.98 -91.42
CA GLY A 20 -15.98 6.23 -92.59
C GLY A 20 -16.48 4.88 -92.14
N THR A 21 -16.39 3.89 -93.03
CA THR A 21 -16.98 2.58 -92.85
C THR A 21 -16.38 1.76 -91.71
N ASP A 22 -15.11 2.07 -91.30
CA ASP A 22 -14.45 1.29 -90.26
C ASP A 22 -14.42 2.07 -88.89
N GLY A 23 -15.00 3.28 -88.85
CA GLY A 23 -15.06 4.08 -87.64
C GLY A 23 -13.91 5.05 -87.43
N SER A 24 -12.85 4.89 -88.22
CA SER A 24 -11.67 5.76 -88.18
C SER A 24 -12.06 7.14 -88.70
N ILE A 25 -11.42 8.19 -88.17
CA ILE A 25 -11.73 9.58 -88.52
C ILE A 25 -11.12 9.90 -89.88
N GLN A 26 -11.96 10.31 -90.82
CA GLN A 26 -11.55 10.57 -92.20
C GLN A 26 -11.62 12.02 -92.53
N THR A 27 -12.47 12.77 -91.81
CA THR A 27 -12.73 14.18 -92.03
C THR A 27 -12.79 14.98 -90.75
N LEU A 28 -12.26 16.20 -90.79
CA LEU A 28 -12.25 17.17 -89.72
C LEU A 28 -12.78 18.46 -90.32
N ILE A 29 -13.78 19.07 -89.69
CA ILE A 29 -14.37 20.29 -90.23
C ILE A 29 -14.19 21.37 -89.19
N PRO A 30 -13.20 22.27 -89.42
CA PRO A 30 -12.99 23.37 -88.48
C PRO A 30 -14.18 24.31 -88.47
N ASP A 31 -14.35 25.08 -87.40
CA ASP A 31 -15.46 26.03 -87.36
C ASP A 31 -15.20 27.21 -88.32
N ASN A 32 -13.93 27.62 -88.40
CA ASN A 32 -13.40 28.74 -89.18
C ASN A 32 -13.14 28.44 -90.68
N GLY A 33 -12.97 27.17 -91.06
CA GLY A 33 -12.66 26.83 -92.45
C GLY A 33 -13.48 25.73 -93.08
N GLU A 34 -13.03 25.29 -94.26
CA GLU A 34 -13.64 24.25 -95.05
C GLU A 34 -13.20 22.88 -94.53
N ALA A 35 -13.97 21.84 -94.86
CA ALA A 35 -13.73 20.44 -94.49
C ALA A 35 -12.38 19.99 -95.01
N LEU A 36 -11.69 19.21 -94.19
CA LEU A 36 -10.37 18.68 -94.54
C LEU A 36 -10.35 17.19 -94.39
N THR A 37 -9.71 16.51 -95.34
CA THR A 37 -9.45 15.08 -95.29
C THR A 37 -8.41 14.89 -94.17
N VAL A 38 -8.59 13.89 -93.30
CA VAL A 38 -7.65 13.58 -92.21
C VAL A 38 -6.58 12.66 -92.80
N SER A 39 -5.36 13.20 -93.06
CA SER A 39 -4.25 12.40 -93.59
C SER A 39 -3.66 11.47 -92.52
N LYS A 40 -3.76 11.85 -91.24
CA LYS A 40 -3.25 11.02 -90.16
C LYS A 40 -3.99 11.33 -88.86
N ASP A 41 -4.51 10.28 -88.20
CA ASP A 41 -5.13 10.38 -86.89
C ASP A 41 -4.19 9.71 -85.93
N ARG A 42 -3.35 10.52 -85.27
CA ARG A 42 -2.36 10.00 -84.34
C ARG A 42 -3.00 9.45 -83.04
N THR A 43 -4.28 9.77 -82.77
CA THR A 43 -4.98 9.30 -81.58
C THR A 43 -5.47 7.85 -81.75
N GLY A 44 -5.60 7.38 -83.00
CA GLY A 44 -6.13 6.05 -83.28
C GLY A 44 -7.56 5.90 -82.77
N SER A 45 -8.35 7.00 -82.79
CA SER A 45 -9.74 7.01 -82.33
C SER A 45 -10.64 6.29 -83.31
N ALA A 46 -11.79 5.87 -82.79
CA ALA A 46 -12.79 5.17 -83.53
C ALA A 46 -14.18 5.60 -83.07
N ILE A 47 -14.98 6.20 -83.94
CA ILE A 47 -16.37 6.51 -83.57
C ILE A 47 -17.29 5.51 -84.34
N SER A 48 -18.62 5.65 -84.23
CA SER A 48 -19.56 4.78 -84.92
C SER A 48 -19.41 4.95 -86.43
N PRO A 49 -19.37 3.83 -87.18
CA PRO A 49 -19.17 3.93 -88.64
C PRO A 49 -20.13 4.90 -89.35
N ASN A 50 -19.55 5.75 -90.20
CA ASN A 50 -20.29 6.69 -91.03
C ASN A 50 -21.14 7.66 -90.19
N THR A 51 -20.56 8.22 -89.10
CA THR A 51 -21.24 9.22 -88.28
C THR A 51 -20.37 10.45 -88.18
N SER A 52 -20.97 11.55 -87.70
CA SER A 52 -20.32 12.83 -87.37
C SER A 52 -20.49 13.12 -85.91
N ARG A 53 -19.45 13.66 -85.32
CA ARG A 53 -19.45 14.08 -83.92
C ARG A 53 -18.84 15.45 -83.77
N ARG A 54 -19.48 16.28 -82.94
CA ARG A 54 -19.01 17.59 -82.49
C ARG A 54 -18.05 17.28 -81.32
N VAL A 55 -16.74 17.61 -81.46
CA VAL A 55 -15.71 17.26 -80.48
C VAL A 55 -14.71 18.40 -80.27
N MSE A 56 -13.82 18.25 -79.27
CA MSE A 56 -12.65 19.09 -79.00
C MSE A 56 -11.41 18.39 -79.63
O MSE A 56 -11.26 17.16 -79.57
CB MSE A 56 -12.42 19.35 -77.50
CG MSE A 56 -13.60 20.10 -76.87
SE MSE A 56 -14.02 21.80 -77.79
CE MSE A 56 -12.34 22.73 -77.46
N SER A 57 -10.54 19.15 -80.27
CA SER A 57 -9.39 18.52 -80.91
C SER A 57 -8.19 19.42 -80.97
N ASN A 58 -7.03 18.79 -80.84
CA ASN A 58 -5.73 19.36 -81.14
C ASN A 58 -5.34 18.74 -82.48
N TYR A 59 -5.22 19.58 -83.50
CA TYR A 59 -4.89 19.11 -84.83
C TYR A 59 -4.08 20.19 -85.52
N GLU A 60 -3.43 19.82 -86.63
CA GLU A 60 -2.78 20.83 -87.43
C GLU A 60 -3.11 20.59 -88.90
N THR A 61 -3.08 21.68 -89.66
CA THR A 61 -3.33 21.70 -91.10
C THR A 61 -1.97 21.69 -91.81
N LEU A 62 -1.76 20.74 -92.77
CA LEU A 62 -0.52 20.72 -93.56
C LEU A 62 -0.84 20.99 -95.01
N SER A 63 -0.15 21.92 -95.64
CA SER A 63 -0.46 22.29 -97.01
C SER A 63 0.71 22.04 -97.96
N ASN A 64 0.39 21.68 -99.20
CA ASN A 64 1.35 21.48 -100.28
C ASN A 64 1.32 22.69 -101.19
N GLY A 65 0.63 23.73 -100.70
CA GLY A 65 0.46 25.01 -101.39
C GLY A 65 -0.76 25.09 -102.28
N HIS A 66 -1.49 23.98 -102.41
CA HIS A 66 -2.70 23.88 -103.25
C HIS A 66 -3.83 23.27 -102.42
N THR A 67 -3.55 22.14 -101.79
CA THR A 67 -4.49 21.41 -100.98
C THR A 67 -3.86 21.19 -99.60
N ALA A 68 -4.66 21.09 -98.58
CA ALA A 68 -4.21 20.85 -97.21
C ALA A 68 -4.91 19.61 -96.62
N THR A 69 -4.31 18.99 -95.62
CA THR A 69 -4.92 17.85 -94.93
C THR A 69 -4.81 18.10 -93.46
N ALA A 70 -5.54 17.39 -92.66
CA ALA A 70 -5.48 17.53 -91.21
C ALA A 70 -4.81 16.34 -90.58
N VAL A 71 -3.94 16.60 -89.58
CA VAL A 71 -3.26 15.63 -88.72
C VAL A 71 -3.84 15.85 -87.30
N ILE A 72 -4.48 14.81 -86.73
CA ILE A 72 -5.11 14.90 -85.41
C ILE A 72 -4.15 14.41 -84.37
N TYR A 73 -3.94 15.24 -83.34
CA TYR A 73 -3.04 14.91 -82.23
C TYR A 73 -3.83 14.52 -80.99
N SER A 74 -5.02 15.12 -80.79
CA SER A 74 -5.90 14.74 -79.65
C SER A 74 -7.35 14.96 -80.00
N LEU A 75 -8.22 14.17 -79.41
CA LEU A 75 -9.67 14.23 -79.54
C LEU A 75 -10.31 13.97 -78.24
N GLN A 76 -11.34 14.74 -77.92
CA GLN A 76 -12.12 14.49 -76.72
C GLN A 76 -13.54 14.99 -76.95
N SER A 77 -14.46 14.43 -76.21
CA SER A 77 -15.85 14.78 -76.31
C SER A 77 -16.14 16.15 -75.71
N LEU A 78 -17.29 16.69 -76.08
CA LEU A 78 -17.84 17.90 -75.51
C LEU A 78 -19.32 17.64 -75.25
N VAL A 79 -19.96 18.49 -74.44
CA VAL A 79 -21.37 18.31 -74.10
C VAL A 79 -22.18 19.05 -75.15
N THR A 80 -23.19 18.39 -75.73
CA THR A 80 -24.12 18.99 -76.70
C THR A 80 -25.52 19.00 -76.06
N PRO A 81 -25.80 19.91 -75.09
CA PRO A 81 -27.12 19.87 -74.44
C PRO A 81 -28.20 20.52 -75.30
N THR A 82 -29.29 19.76 -75.50
CA THR A 82 -30.42 20.30 -76.25
C THR A 82 -31.24 21.16 -75.27
N PRO A 83 -31.51 22.45 -75.60
CA PRO A 83 -32.34 23.27 -74.70
C PRO A 83 -33.71 22.63 -74.47
N LYS A 84 -34.09 22.49 -73.19
CA LYS A 84 -35.35 21.87 -72.81
C LYS A 84 -36.05 22.72 -71.74
N PRO A 85 -37.42 22.79 -71.75
CA PRO A 85 -38.12 23.59 -70.72
C PRO A 85 -37.95 23.00 -69.32
N ALA A 86 -38.14 23.83 -68.28
CA ALA A 86 -37.99 23.43 -66.87
C ALA A 86 -38.90 22.22 -66.49
N ASP A 87 -40.02 22.03 -67.23
CA ASP A 87 -41.01 20.97 -67.03
C ASP A 87 -40.64 19.68 -67.79
N ASP A 88 -39.49 19.65 -68.50
CA ASP A 88 -39.05 18.46 -69.25
C ASP A 88 -38.68 17.34 -68.29
N PRO A 89 -38.95 16.05 -68.65
CA PRO A 89 -38.60 14.94 -67.73
C PRO A 89 -37.13 14.88 -67.27
N THR A 90 -36.15 15.45 -68.03
CA THR A 90 -34.74 15.44 -67.62
C THR A 90 -34.54 16.25 -66.32
N TYR A 91 -35.42 17.25 -66.07
CA TYR A 91 -35.32 18.14 -64.91
C TYR A 91 -36.27 17.75 -63.78
N ARG A 92 -36.80 16.52 -63.83
CA ARG A 92 -37.76 15.97 -62.86
C ARG A 92 -37.27 16.08 -61.40
N ASP A 93 -35.96 15.79 -61.17
CA ASP A 93 -35.36 15.81 -59.83
C ASP A 93 -34.91 17.22 -59.38
N GLY A 94 -35.32 18.25 -60.14
CA GLY A 94 -35.01 19.64 -59.83
C GLY A 94 -33.86 20.25 -60.61
N LEU A 95 -33.89 21.58 -60.74
CA LEU A 95 -32.86 22.35 -61.44
C LEU A 95 -31.65 22.49 -60.52
N LYS A 96 -30.45 22.20 -61.07
CA LYS A 96 -29.17 22.28 -60.37
C LYS A 96 -28.35 23.35 -61.02
N HIS A 97 -27.77 24.24 -60.21
CA HIS A 97 -27.00 25.37 -60.72
C HIS A 97 -25.69 25.58 -59.96
N ASP A 98 -24.88 24.52 -59.87
CA ASP A 98 -23.57 24.60 -59.22
C ASP A 98 -22.68 25.59 -60.01
N PRO A 99 -21.95 26.50 -59.30
CA PRO A 99 -21.26 27.59 -60.01
C PRO A 99 -20.18 27.17 -60.98
N VAL A 100 -20.03 28.00 -62.01
CA VAL A 100 -19.03 27.90 -63.07
C VAL A 100 -18.60 29.33 -63.42
N ASP A 101 -17.48 29.44 -64.14
CA ASP A 101 -17.06 30.69 -64.76
C ASP A 101 -17.13 30.50 -66.27
N VAL A 102 -17.51 31.54 -66.99
CA VAL A 102 -17.49 31.49 -68.45
C VAL A 102 -16.12 32.06 -68.88
N VAL A 103 -15.29 31.25 -69.56
CA VAL A 103 -13.98 31.68 -70.07
C VAL A 103 -14.16 32.41 -71.41
N SER A 104 -14.94 31.80 -72.33
CA SER A 104 -15.21 32.30 -73.66
C SER A 104 -16.58 31.75 -74.10
N ILE A 105 -17.37 32.55 -74.82
CA ILE A 105 -18.72 32.18 -75.27
C ILE A 105 -18.96 32.87 -76.63
N TRP A 106 -19.49 32.13 -77.60
CA TRP A 106 -19.71 32.70 -78.94
C TRP A 106 -20.64 31.82 -79.76
N LEU A 107 -21.26 32.45 -80.75
CA LEU A 107 -22.08 31.74 -81.72
C LEU A 107 -21.16 31.24 -82.85
N GLY A 108 -21.37 30.01 -83.28
CA GLY A 108 -20.59 29.45 -84.36
C GLY A 108 -21.08 28.12 -84.86
N ARG A 109 -21.18 27.99 -86.19
CA ARG A 109 -21.55 26.79 -86.94
C ARG A 109 -22.81 26.08 -86.42
N GLY A 110 -23.85 26.85 -86.18
CA GLY A 110 -25.14 26.34 -85.72
C GLY A 110 -25.25 26.06 -84.24
N TYR A 111 -24.22 26.41 -83.47
CA TYR A 111 -24.20 26.21 -82.02
C TYR A 111 -23.91 27.50 -81.23
N LEU A 112 -24.22 27.46 -79.92
CA LEU A 112 -23.81 28.45 -78.94
C LEU A 112 -22.66 27.76 -78.19
N ASN A 113 -21.39 28.10 -78.53
CA ASN A 113 -20.21 27.46 -77.94
C ASN A 113 -19.71 28.19 -76.71
N MSE A 114 -19.19 27.44 -75.77
CA MSE A 114 -18.67 28.03 -74.56
C MSE A 114 -17.65 27.13 -73.94
O MSE A 114 -17.75 25.89 -74.00
CB MSE A 114 -19.76 28.42 -73.53
CG MSE A 114 -20.44 27.26 -72.81
SE MSE A 114 -22.08 27.90 -71.87
CE MSE A 114 -23.17 28.24 -73.46
N ILE A 115 -16.66 27.81 -73.33
CA ILE A 115 -15.61 27.22 -72.52
C ILE A 115 -15.91 27.66 -71.09
N LEU A 116 -16.10 26.69 -70.20
CA LEU A 116 -16.36 26.96 -68.81
C LEU A 116 -15.18 26.61 -67.95
N ASN A 117 -15.04 27.27 -66.81
CA ASN A 117 -14.06 26.89 -65.81
C ASN A 117 -14.82 26.42 -64.59
N LEU A 118 -14.46 25.23 -64.15
CA LEU A 118 -15.03 24.51 -63.02
C LEU A 118 -13.97 24.26 -61.97
N LYS A 119 -14.40 24.09 -60.74
CA LYS A 119 -13.57 23.65 -59.64
C LYS A 119 -14.12 22.27 -59.31
N VAL A 120 -13.30 21.24 -59.58
CA VAL A 120 -13.65 19.83 -59.43
C VAL A 120 -12.71 19.10 -58.46
N ASN A 121 -12.96 17.81 -58.27
CA ASN A 121 -12.09 16.90 -57.55
C ASN A 121 -12.01 15.62 -58.39
N GLY A 122 -12.93 14.70 -58.19
CA GLY A 122 -12.99 13.44 -58.94
C GLY A 122 -14.06 12.49 -58.47
N GLY A 123 -14.32 11.51 -59.32
CA GLY A 123 -15.26 10.41 -59.05
C GLY A 123 -16.74 10.74 -59.18
N LYS A 124 -17.05 12.02 -59.48
CA LYS A 124 -18.43 12.52 -59.63
C LYS A 124 -18.58 13.13 -61.00
N GLN A 125 -19.70 12.78 -61.65
CA GLN A 125 -20.03 13.24 -63.00
C GLN A 125 -20.67 14.61 -62.91
N HIS A 126 -20.13 15.55 -63.70
CA HIS A 126 -20.65 16.90 -63.79
C HIS A 126 -21.63 16.87 -64.95
N VAL A 127 -22.90 17.11 -64.64
CA VAL A 127 -23.98 17.03 -65.61
C VAL A 127 -24.40 18.46 -65.99
N PHE A 128 -24.34 18.74 -67.31
CA PHE A 128 -24.71 20.02 -67.89
C PHE A 128 -25.98 19.89 -68.73
N GLY A 129 -26.76 20.98 -68.74
CA GLY A 129 -27.95 21.12 -69.55
C GLY A 129 -28.27 22.60 -69.76
N ILE A 130 -29.28 22.87 -70.57
CA ILE A 130 -29.79 24.19 -70.86
C ILE A 130 -31.28 24.19 -70.55
N VAL A 131 -31.68 25.06 -69.61
CA VAL A 131 -33.08 25.25 -69.24
C VAL A 131 -33.61 26.36 -70.15
N GLU A 132 -34.55 26.00 -71.01
CA GLU A 132 -35.14 26.86 -72.04
C GLU A 132 -36.44 27.52 -71.57
N ASP A 133 -36.54 28.84 -71.86
CA ASP A 133 -37.74 29.64 -71.61
C ASP A 133 -38.06 30.37 -72.90
N LEU A 134 -39.22 30.05 -73.50
CA LEU A 134 -39.62 30.65 -74.77
C LEU A 134 -40.77 31.63 -74.60
N SER A 135 -40.99 32.16 -73.37
CA SER A 135 -42.08 33.09 -73.05
C SER A 135 -42.06 34.38 -73.91
N GLU A 136 -40.87 34.82 -74.36
CA GLU A 136 -40.71 36.03 -75.18
C GLU A 136 -40.44 35.69 -76.65
N PHE A 137 -40.37 34.40 -77.02
CA PHE A 137 -40.03 33.98 -78.38
C PHE A 137 -41.01 34.47 -79.46
N GLU A 138 -42.34 34.46 -79.18
CA GLU A 138 -43.34 34.93 -80.13
C GLU A 138 -43.38 36.47 -80.11
N THR A 139 -43.09 37.07 -78.93
CA THR A 139 -43.07 38.52 -78.70
C THR A 139 -41.94 39.21 -79.48
N ASN A 140 -40.66 38.78 -79.28
CA ASN A 140 -39.50 39.45 -79.90
C ASN A 140 -38.37 38.51 -80.35
N GLY A 141 -38.64 37.22 -80.47
CA GLY A 141 -37.66 36.23 -80.91
C GLY A 141 -36.57 35.91 -79.90
N THR A 142 -36.80 36.25 -78.62
CA THR A 142 -35.83 36.01 -77.54
C THR A 142 -35.95 34.58 -77.03
N VAL A 143 -34.80 33.87 -76.96
CA VAL A 143 -34.64 32.54 -76.40
C VAL A 143 -33.87 32.70 -75.09
N ASN A 144 -34.53 32.43 -73.95
CA ASN A 144 -33.87 32.52 -72.66
C ASN A 144 -33.29 31.17 -72.30
N MSE A 145 -31.98 31.16 -71.99
CA MSE A 145 -31.24 29.95 -71.63
C MSE A 145 -30.61 30.08 -70.27
O MSE A 145 -29.96 31.08 -70.00
CB MSE A 145 -30.18 29.64 -72.67
CG MSE A 145 -30.73 29.29 -74.02
SE MSE A 145 -29.33 28.61 -75.14
CE MSE A 145 -30.35 28.48 -76.81
N LEU A 146 -30.79 29.09 -69.43
CA LEU A 146 -30.18 29.04 -68.10
C LEU A 146 -29.36 27.79 -68.03
N LEU A 147 -28.07 27.93 -67.64
CA LEU A 147 -27.21 26.78 -67.52
C LEU A 147 -27.64 25.91 -66.33
N TYR A 148 -27.80 24.61 -66.60
CA TYR A 148 -28.01 23.59 -65.62
C TYR A 148 -26.64 22.94 -65.36
N HIS A 149 -26.23 22.87 -64.10
CA HIS A 149 -24.97 22.23 -63.75
C HIS A 149 -25.13 21.50 -62.43
N ASP A 150 -25.03 20.16 -62.48
CA ASP A 150 -25.08 19.30 -61.32
C ASP A 150 -23.68 18.72 -61.11
N ALA A 151 -22.98 19.17 -60.04
CA ALA A 151 -21.62 18.73 -59.69
C ALA A 151 -21.66 17.43 -58.91
N ASN A 152 -22.89 16.97 -58.52
CA ASN A 152 -23.12 15.70 -57.78
C ASN A 152 -22.27 15.62 -56.48
N GLY A 153 -22.15 16.76 -55.81
CA GLY A 153 -21.40 16.87 -54.56
C GLY A 153 -19.89 16.88 -54.68
N ASP A 154 -19.37 16.94 -55.91
CA ASP A 154 -17.92 16.99 -56.16
C ASP A 154 -17.33 18.22 -55.47
N GLU A 155 -16.19 18.04 -54.78
CA GLU A 155 -15.50 19.12 -54.04
C GLU A 155 -14.92 20.13 -55.05
N GLU A 156 -14.78 21.38 -54.65
CA GLU A 156 -14.27 22.45 -55.50
C GLU A 156 -12.79 22.66 -55.22
N TYR A 157 -11.96 21.72 -55.72
CA TYR A 157 -10.52 21.72 -55.44
C TYR A 157 -9.64 22.21 -56.59
N TYR A 158 -9.84 21.67 -57.81
CA TYR A 158 -8.94 21.93 -58.96
C TYR A 158 -9.68 22.51 -60.15
N ASN A 159 -9.04 23.42 -60.85
CA ASN A 159 -9.62 24.04 -62.02
C ASN A 159 -9.60 23.08 -63.18
N ARG A 160 -10.70 23.02 -63.89
CA ARG A 160 -10.89 22.16 -65.05
C ARG A 160 -11.84 22.85 -65.99
N ARG A 161 -11.52 22.81 -67.26
CA ARG A 161 -12.37 23.37 -68.30
C ARG A 161 -13.38 22.36 -68.75
N ALA A 162 -14.56 22.86 -69.12
CA ALA A 162 -15.65 22.10 -69.71
C ALA A 162 -16.04 22.79 -70.99
N TYR A 163 -16.45 21.99 -71.97
CA TYR A 163 -16.77 22.50 -73.29
C TYR A 163 -18.19 22.13 -73.66
N LEU A 164 -19.01 23.14 -74.00
CA LEU A 164 -20.40 22.97 -74.41
C LEU A 164 -20.66 23.55 -75.80
N SER A 165 -21.46 22.87 -76.61
CA SER A 165 -21.89 23.32 -77.93
C SER A 165 -23.38 23.12 -77.93
N VAL A 166 -24.13 24.18 -77.66
CA VAL A 166 -25.59 24.13 -77.59
C VAL A 166 -26.17 24.17 -79.02
N PRO A 167 -26.82 23.08 -79.53
CA PRO A 167 -27.42 23.11 -80.88
C PRO A 167 -28.57 24.12 -81.00
N LEU A 168 -28.59 24.91 -82.08
CA LEU A 168 -29.61 25.96 -82.28
C LEU A 168 -30.51 25.70 -83.50
N ASP A 169 -30.48 24.46 -84.03
CA ASP A 169 -31.27 24.04 -85.20
C ASP A 169 -32.78 24.11 -84.96
N LYS A 170 -33.23 23.88 -83.70
CA LYS A 170 -34.64 23.90 -83.31
C LYS A 170 -35.30 25.30 -83.42
N TYR A 171 -34.49 26.34 -83.60
CA TYR A 171 -35.00 27.72 -83.68
C TYR A 171 -35.16 28.19 -85.12
N ALA A 172 -34.56 27.45 -86.08
CA ALA A 172 -34.67 27.73 -87.50
C ALA A 172 -36.06 27.34 -87.99
N ASP A 173 -36.72 28.28 -88.71
CA ASP A 173 -38.04 28.06 -89.29
C ASP A 173 -37.95 28.25 -90.80
N ALA A 174 -38.08 27.14 -91.55
CA ALA A 174 -38.00 27.09 -93.01
C ALA A 174 -39.13 27.93 -93.66
N GLU A 175 -40.33 27.96 -93.04
CA GLU A 175 -41.48 28.72 -93.53
C GLU A 175 -41.49 30.17 -92.98
N ASN A 176 -40.43 30.57 -92.23
CA ASN A 176 -40.25 31.91 -91.69
C ASN A 176 -38.76 32.32 -91.84
N PRO A 177 -38.27 32.55 -93.08
CA PRO A 177 -36.84 32.86 -93.25
C PRO A 177 -36.48 34.33 -92.97
N GLY A 178 -35.23 34.54 -92.54
CA GLY A 178 -34.70 35.86 -92.21
C GLY A 178 -35.01 36.33 -90.80
N GLN A 179 -35.62 35.43 -90.00
CA GLN A 179 -36.02 35.61 -88.60
C GLN A 179 -34.77 35.83 -87.72
N LYS A 180 -34.74 36.96 -86.99
CA LYS A 180 -33.65 37.33 -86.08
C LYS A 180 -33.98 36.81 -84.68
N ILE A 181 -33.17 35.87 -84.17
CA ILE A 181 -33.32 35.26 -82.85
C ILE A 181 -32.27 35.87 -81.90
N THR A 182 -32.67 36.14 -80.64
CA THR A 182 -31.78 36.69 -79.62
C THR A 182 -31.63 35.67 -78.48
N ILE A 183 -30.44 35.11 -78.31
CA ILE A 183 -30.21 34.16 -77.24
C ILE A 183 -29.69 34.93 -76.04
N LYS A 184 -30.39 34.82 -74.90
CA LYS A 184 -29.99 35.46 -73.65
C LYS A 184 -29.63 34.34 -72.67
N PHE A 185 -28.33 34.17 -72.43
CA PHE A 185 -27.78 33.10 -71.60
C PHE A 185 -27.46 33.58 -70.18
N LYS A 186 -28.00 32.85 -69.19
CA LYS A 186 -27.78 33.05 -67.75
C LYS A 186 -27.09 31.84 -67.16
N TYR A 187 -26.34 32.04 -66.08
CA TYR A 187 -25.61 30.94 -65.40
C TYR A 187 -25.27 31.38 -63.99
N TYR A 188 -25.18 30.42 -63.05
CA TYR A 188 -24.80 30.72 -61.68
C TYR A 188 -23.30 30.67 -61.56
N THR A 189 -22.74 31.66 -60.87
CA THR A 189 -21.30 31.85 -60.66
C THR A 189 -21.10 32.43 -59.25
N TYR A 190 -19.86 32.46 -58.76
CA TYR A 190 -19.56 33.06 -57.46
C TYR A 190 -19.26 34.53 -57.62
N ASP A 191 -19.75 35.37 -56.68
CA ASP A 191 -19.42 36.80 -56.68
C ASP A 191 -18.07 36.99 -55.99
N LYS A 192 -17.63 38.26 -55.81
CA LYS A 192 -16.38 38.63 -55.14
C LYS A 192 -16.26 38.04 -53.72
N ASP A 193 -17.40 37.85 -53.02
CA ASP A 193 -17.49 37.34 -51.65
C ASP A 193 -17.73 35.81 -51.53
N GLY A 194 -17.75 35.08 -52.66
CA GLY A 194 -17.97 33.64 -52.68
C GLY A 194 -19.42 33.18 -52.58
N THR A 195 -20.34 34.07 -52.90
CA THR A 195 -21.77 33.73 -52.89
C THR A 195 -22.23 33.40 -54.31
N ALA A 196 -22.96 32.29 -54.45
CA ALA A 196 -23.46 31.87 -55.74
C ALA A 196 -24.60 32.78 -56.18
N ILE A 197 -24.44 33.44 -57.34
CA ILE A 197 -25.42 34.37 -57.90
C ILE A 197 -25.70 34.05 -59.37
N GLU A 198 -26.93 34.37 -59.83
CA GLU A 198 -27.32 34.17 -61.23
C GLU A 198 -26.80 35.37 -62.02
N SER A 199 -25.89 35.12 -62.98
CA SER A 199 -25.29 36.18 -63.80
C SER A 199 -26.07 36.39 -65.10
N GLY A 200 -26.44 37.64 -65.35
CA GLY A 200 -27.12 38.05 -66.57
C GLY A 200 -26.19 38.78 -67.51
N LYS A 201 -24.87 38.66 -67.28
CA LYS A 201 -23.75 39.24 -68.05
C LYS A 201 -23.93 39.09 -69.57
N TYR A 202 -24.37 37.90 -70.03
CA TYR A 202 -24.50 37.59 -71.46
C TYR A 202 -25.96 37.76 -72.00
N CYS A 203 -26.80 38.53 -71.26
CA CYS A 203 -28.19 38.83 -71.60
C CYS A 203 -28.33 40.23 -72.19
N ASN A 204 -27.32 41.09 -71.95
CA ASN A 204 -27.36 42.47 -72.41
C ASN A 204 -26.22 42.72 -73.41
N PRO A 205 -26.54 42.83 -74.74
CA PRO A 205 -27.89 42.75 -75.37
C PRO A 205 -28.35 41.33 -75.72
N GLY A 206 -27.48 40.35 -75.53
CA GLY A 206 -27.71 38.95 -75.87
C GLY A 206 -27.04 38.60 -77.17
N PHE A 207 -27.10 37.34 -77.61
CA PHE A 207 -26.47 36.91 -78.87
C PHE A 207 -27.51 36.91 -79.99
N GLU A 208 -27.35 37.82 -80.96
CA GLU A 208 -28.27 37.94 -82.09
C GLU A 208 -27.76 37.18 -83.30
N TYR A 209 -28.65 36.42 -83.92
CA TYR A 209 -28.28 35.63 -85.09
C TYR A 209 -29.52 35.31 -85.94
N VAL A 210 -29.29 35.09 -87.25
CA VAL A 210 -30.31 34.74 -88.23
C VAL A 210 -30.03 33.29 -88.66
N PRO A 211 -30.84 32.29 -88.22
CA PRO A 211 -30.54 30.89 -88.61
C PRO A 211 -30.82 30.62 -90.11
N ASP A 212 -29.85 30.98 -90.99
CA ASP A 212 -29.94 30.79 -92.44
C ASP A 212 -28.54 30.53 -93.03
N TYR B 6 -0.92 5.05 -76.29
CA TYR B 6 -1.27 6.46 -76.06
C TYR B 6 -0.40 7.12 -74.95
N TYR B 7 0.07 8.37 -75.19
CA TYR B 7 0.84 9.17 -74.24
C TYR B 7 0.32 10.62 -74.17
N PRO B 8 -0.01 11.06 -72.92
CA PRO B 8 -0.59 12.40 -72.70
C PRO B 8 0.33 13.59 -73.02
N SER B 9 -0.32 14.74 -73.33
CA SER B 9 0.29 16.02 -73.68
C SER B 9 1.15 16.57 -72.50
N VAL B 10 0.63 16.40 -71.25
CA VAL B 10 1.30 16.82 -70.01
C VAL B 10 1.82 15.60 -69.28
N LYS B 11 3.14 15.59 -68.94
CA LYS B 11 3.75 14.49 -68.19
C LYS B 11 3.31 14.63 -66.70
N LEU B 12 2.64 13.58 -66.17
CA LEU B 12 2.13 13.58 -64.80
C LEU B 12 2.85 12.58 -63.94
N GLU B 13 2.96 12.90 -62.66
CA GLU B 13 3.60 12.09 -61.66
C GLU B 13 2.66 11.86 -60.51
N PHE B 14 2.83 10.75 -59.82
CA PHE B 14 2.12 10.39 -58.62
C PHE B 14 2.80 11.09 -57.47
N VAL B 15 2.09 12.03 -56.83
CA VAL B 15 2.63 12.82 -55.72
C VAL B 15 1.64 12.87 -54.59
N THR B 16 2.08 13.44 -53.50
CA THR B 16 1.21 13.76 -52.36
C THR B 16 1.31 15.27 -52.19
N VAL B 17 0.18 15.95 -52.04
CA VAL B 17 0.18 17.40 -51.78
C VAL B 17 -0.38 17.65 -50.38
N LYS B 18 0.17 18.63 -49.65
CA LYS B 18 -0.28 19.02 -48.32
C LYS B 18 -0.76 20.45 -48.32
N ALA B 19 -1.94 20.70 -47.75
CA ALA B 19 -2.49 22.05 -47.67
C ALA B 19 -2.16 22.75 -46.35
N GLY B 20 -2.04 24.07 -46.43
CA GLY B 20 -1.85 24.95 -45.29
C GLY B 20 -3.16 25.15 -44.54
N THR B 21 -3.22 26.21 -43.70
CA THR B 21 -4.44 26.54 -42.96
C THR B 21 -5.47 27.20 -43.87
N ASP B 22 -5.05 27.81 -44.99
CA ASP B 22 -5.97 28.47 -45.94
C ASP B 22 -6.41 27.50 -47.07
N GLY B 23 -5.96 26.24 -47.03
CA GLY B 23 -6.31 25.25 -48.04
C GLY B 23 -5.42 25.25 -49.26
N SER B 24 -4.51 26.23 -49.40
CA SER B 24 -3.55 26.34 -50.52
C SER B 24 -2.51 25.25 -50.39
N ILE B 25 -1.96 24.78 -51.52
CA ILE B 25 -0.95 23.70 -51.53
C ILE B 25 0.38 24.28 -51.03
N GLN B 26 0.88 23.76 -49.90
CA GLN B 26 2.10 24.27 -49.27
C GLN B 26 3.29 23.33 -49.47
N THR B 27 3.04 22.03 -49.56
CA THR B 27 4.11 21.04 -49.72
C THR B 27 3.73 20.00 -50.78
N LEU B 28 4.71 19.60 -51.59
CA LEU B 28 4.56 18.55 -52.59
C LEU B 28 5.57 17.50 -52.23
N ILE B 29 5.11 16.27 -52.09
CA ILE B 29 5.97 15.16 -51.72
C ILE B 29 6.04 14.18 -52.88
N PRO B 30 7.18 14.15 -53.60
CA PRO B 30 7.33 13.17 -54.69
C PRO B 30 7.47 11.76 -54.12
N ASP B 31 7.21 10.73 -54.93
CA ASP B 31 7.37 9.37 -54.43
C ASP B 31 8.86 9.03 -54.27
N ASN B 32 9.67 9.52 -55.24
CA ASN B 32 11.11 9.31 -55.42
C ASN B 32 12.01 10.22 -54.55
N GLY B 33 11.51 11.36 -54.09
CA GLY B 33 12.32 12.26 -53.28
C GLY B 33 11.77 12.73 -51.95
N GLU B 34 12.47 13.70 -51.39
CA GLU B 34 12.15 14.38 -50.15
C GLU B 34 11.04 15.41 -50.39
N ALA B 35 10.33 15.82 -49.33
CA ALA B 35 9.25 16.79 -49.41
C ALA B 35 9.78 18.15 -49.88
N LEU B 36 8.99 18.85 -50.69
CA LEU B 36 9.36 20.15 -51.24
C LEU B 36 8.37 21.20 -50.84
N THR B 37 8.87 22.37 -50.43
CA THR B 37 8.01 23.51 -50.17
C THR B 37 7.54 23.98 -51.56
N VAL B 38 6.25 24.30 -51.70
CA VAL B 38 5.71 24.79 -52.95
C VAL B 38 5.97 26.30 -52.99
N SER B 39 6.90 26.73 -53.86
CA SER B 39 7.20 28.16 -53.99
C SER B 39 6.13 28.85 -54.81
N LYS B 40 5.48 28.11 -55.72
CA LYS B 40 4.41 28.67 -56.54
C LYS B 40 3.46 27.56 -56.99
N ASP B 41 2.16 27.75 -56.77
CA ASP B 41 1.13 26.85 -57.26
C ASP B 41 0.41 27.62 -58.36
N ARG B 42 0.80 27.36 -59.63
CA ARG B 42 0.23 28.06 -60.76
C ARG B 42 -1.23 27.64 -61.01
N THR B 43 -1.68 26.50 -60.41
CA THR B 43 -3.06 26.01 -60.58
C THR B 43 -4.04 26.77 -59.70
N GLY B 44 -3.56 27.38 -58.62
CA GLY B 44 -4.40 28.06 -57.65
C GLY B 44 -5.38 27.13 -57.00
N SER B 45 -4.98 25.86 -56.78
CA SER B 45 -5.80 24.80 -56.18
C SER B 45 -6.01 25.05 -54.70
N ALA B 46 -7.08 24.47 -54.18
CA ALA B 46 -7.47 24.58 -52.78
C ALA B 46 -8.10 23.29 -52.34
N ILE B 47 -7.52 22.63 -51.33
CA ILE B 47 -8.12 21.41 -50.80
C ILE B 47 -8.56 21.72 -49.37
N SER B 48 -9.06 20.72 -48.62
CA SER B 48 -9.46 20.95 -47.21
C SER B 48 -8.24 21.42 -46.39
N PRO B 49 -8.36 22.51 -45.61
CA PRO B 49 -7.20 23.01 -44.85
C PRO B 49 -6.56 21.95 -43.98
N ASN B 50 -5.20 21.94 -43.98
CA ASN B 50 -4.36 21.05 -43.18
C ASN B 50 -4.52 19.56 -43.54
N THR B 51 -4.88 19.26 -44.78
CA THR B 51 -5.02 17.86 -45.20
C THR B 51 -4.00 17.52 -46.27
N SER B 52 -3.85 16.21 -46.53
CA SER B 52 -2.97 15.63 -47.55
C SER B 52 -3.78 14.86 -48.55
N ARG B 53 -3.41 14.94 -49.81
CA ARG B 53 -4.10 14.21 -50.88
C ARG B 53 -3.09 13.59 -51.80
N ARG B 54 -3.36 12.34 -52.17
CA ARG B 54 -2.60 11.57 -53.14
C ARG B 54 -3.18 12.02 -54.49
N VAL B 55 -2.35 12.60 -55.34
CA VAL B 55 -2.79 13.19 -56.62
C VAL B 55 -1.74 12.99 -57.70
N MSE B 56 -2.10 13.39 -58.95
CA MSE B 56 -1.29 13.40 -60.17
C MSE B 56 -0.92 14.82 -60.45
O MSE B 56 -1.77 15.74 -60.38
CB MSE B 56 -2.04 12.80 -61.37
CG MSE B 56 -2.46 11.40 -61.21
SE MSE B 56 -0.95 10.23 -60.97
CE MSE B 56 -0.01 10.56 -62.68
N SER B 57 0.35 15.06 -60.70
CA SER B 57 0.77 16.45 -60.87
C SER B 57 1.84 16.60 -61.87
N ASN B 58 1.79 17.77 -62.55
CA ASN B 58 2.87 18.26 -63.38
C ASN B 58 3.49 19.37 -62.56
N TYR B 59 4.73 19.18 -62.17
CA TYR B 59 5.46 20.16 -61.39
C TYR B 59 6.92 20.15 -61.76
N GLU B 60 7.65 21.20 -61.37
CA GLU B 60 9.08 21.18 -61.53
C GLU B 60 9.77 21.59 -60.22
N THR B 61 10.98 21.09 -60.02
CA THR B 61 11.85 21.32 -58.90
C THR B 61 12.83 22.42 -59.26
N LEU B 62 12.89 23.47 -58.45
CA LEU B 62 13.85 24.57 -58.62
C LEU B 62 14.90 24.47 -57.54
N SER B 63 16.16 24.28 -57.93
CA SER B 63 17.20 24.11 -56.93
C SER B 63 18.17 25.28 -56.89
N ASN B 64 18.76 25.56 -55.73
CA ASN B 64 19.84 26.56 -55.60
C ASN B 64 21.17 25.84 -55.37
N GLY B 65 21.16 24.51 -55.54
CA GLY B 65 22.32 23.65 -55.38
C GLY B 65 22.48 23.07 -54.00
N HIS B 66 21.59 23.46 -53.07
CA HIS B 66 21.58 23.00 -51.69
C HIS B 66 20.17 22.54 -51.34
N THR B 67 19.20 23.41 -51.58
CA THR B 67 17.81 23.15 -51.29
C THR B 67 16.97 23.41 -52.55
N ALA B 68 15.75 22.92 -52.54
CA ALA B 68 14.87 23.04 -53.68
C ALA B 68 13.45 23.30 -53.24
N THR B 69 12.65 23.87 -54.16
CA THR B 69 11.23 24.12 -54.00
C THR B 69 10.49 23.58 -55.20
N ALA B 70 9.16 23.44 -55.10
CA ALA B 70 8.33 22.97 -56.20
C ALA B 70 7.47 24.08 -56.77
N VAL B 71 7.29 24.08 -58.09
CA VAL B 71 6.37 24.91 -58.85
C VAL B 71 5.37 23.95 -59.47
N ILE B 72 4.09 24.09 -59.11
CA ILE B 72 3.04 23.18 -59.62
C ILE B 72 2.39 23.80 -60.85
N TYR B 73 2.36 23.03 -61.95
CA TYR B 73 1.75 23.47 -63.21
C TYR B 73 0.37 22.85 -63.40
N SER B 74 0.17 21.62 -62.92
CA SER B 74 -1.17 20.99 -62.97
C SER B 74 -1.36 20.02 -61.83
N LEU B 75 -2.60 19.91 -61.37
CA LEU B 75 -3.03 19.01 -60.31
C LEU B 75 -4.33 18.38 -60.69
N GLN B 76 -4.41 17.09 -60.44
CA GLN B 76 -5.65 16.34 -60.66
C GLN B 76 -5.72 15.17 -59.71
N SER B 77 -6.93 14.75 -59.43
CA SER B 77 -7.18 13.64 -58.56
C SER B 77 -6.81 12.31 -59.23
N LEU B 78 -6.67 11.29 -58.39
CA LEU B 78 -6.47 9.92 -58.85
C LEU B 78 -7.44 9.08 -58.02
N VAL B 79 -7.69 7.83 -58.45
CA VAL B 79 -8.61 6.97 -57.71
C VAL B 79 -7.81 6.24 -56.66
N THR B 80 -8.28 6.24 -55.40
CA THR B 80 -7.66 5.48 -54.30
C THR B 80 -8.68 4.43 -53.84
N PRO B 81 -8.85 3.32 -54.59
CA PRO B 81 -9.86 2.33 -54.18
C PRO B 81 -9.40 1.44 -53.04
N THR B 82 -10.22 1.34 -51.99
CA THR B 82 -9.91 0.48 -50.88
C THR B 82 -10.35 -0.94 -51.27
N PRO B 83 -9.45 -1.96 -51.18
CA PRO B 83 -9.87 -3.34 -51.51
C PRO B 83 -11.03 -3.78 -50.60
N LYS B 84 -12.11 -4.29 -51.24
CA LYS B 84 -13.30 -4.75 -50.54
C LYS B 84 -13.74 -6.13 -51.06
N PRO B 85 -14.28 -7.03 -50.20
CA PRO B 85 -14.72 -8.35 -50.69
C PRO B 85 -15.90 -8.23 -51.65
N ALA B 86 -16.12 -9.24 -52.51
CA ALA B 86 -17.22 -9.27 -53.50
C ALA B 86 -18.62 -9.12 -52.84
N ASP B 87 -18.72 -9.50 -51.55
CA ASP B 87 -19.96 -9.44 -50.76
C ASP B 87 -20.17 -8.06 -50.11
N ASP B 88 -19.25 -7.11 -50.30
CA ASP B 88 -19.36 -5.76 -49.73
C ASP B 88 -20.55 -5.01 -50.36
N PRO B 89 -21.28 -4.18 -49.57
CA PRO B 89 -22.43 -3.43 -50.13
C PRO B 89 -22.14 -2.57 -51.38
N THR B 90 -20.88 -2.13 -51.63
CA THR B 90 -20.57 -1.34 -52.84
C THR B 90 -20.75 -2.16 -54.10
N TYR B 91 -20.63 -3.51 -54.00
CA TYR B 91 -20.74 -4.42 -55.14
C TYR B 91 -22.12 -5.08 -55.24
N ARG B 92 -23.12 -4.51 -54.53
CA ARG B 92 -24.50 -5.02 -54.47
C ARG B 92 -25.16 -5.14 -55.86
N ASP B 93 -24.90 -4.16 -56.76
CA ASP B 93 -25.45 -4.13 -58.11
C ASP B 93 -24.64 -4.97 -59.12
N GLY B 94 -23.67 -5.75 -58.62
CA GLY B 94 -22.85 -6.66 -59.42
C GLY B 94 -21.46 -6.17 -59.75
N LEU B 95 -20.55 -7.14 -60.01
CA LEU B 95 -19.18 -6.85 -60.37
C LEU B 95 -19.11 -6.46 -61.84
N LYS B 96 -18.43 -5.35 -62.12
CA LYS B 96 -18.27 -4.80 -63.47
C LYS B 96 -16.81 -4.87 -63.83
N HIS B 97 -16.53 -5.37 -65.01
CA HIS B 97 -15.16 -5.55 -65.46
C HIS B 97 -14.99 -5.11 -66.90
N ASP B 98 -15.37 -3.86 -67.19
CA ASP B 98 -15.18 -3.29 -68.52
C ASP B 98 -13.65 -3.21 -68.80
N PRO B 99 -13.20 -3.62 -70.03
CA PRO B 99 -11.76 -3.75 -70.28
C PRO B 99 -10.94 -2.48 -70.17
N VAL B 100 -9.68 -2.68 -69.74
CA VAL B 100 -8.66 -1.66 -69.63
C VAL B 100 -7.35 -2.31 -70.06
N ASP B 101 -6.33 -1.48 -70.29
CA ASP B 101 -4.95 -1.95 -70.51
C ASP B 101 -4.13 -1.43 -69.35
N VAL B 102 -3.17 -2.20 -68.87
CA VAL B 102 -2.28 -1.71 -67.83
C VAL B 102 -1.06 -1.18 -68.57
N VAL B 103 -0.77 0.12 -68.45
CA VAL B 103 0.38 0.77 -69.08
C VAL B 103 1.63 0.54 -68.22
N SER B 104 1.50 0.71 -66.90
CA SER B 104 2.59 0.60 -65.93
C SER B 104 1.98 0.30 -64.58
N ILE B 105 2.64 -0.58 -63.78
CA ILE B 105 2.17 -0.99 -62.46
C ILE B 105 3.38 -1.27 -61.55
N TRP B 106 3.34 -0.82 -60.29
CA TRP B 106 4.47 -0.94 -59.33
C TRP B 106 4.03 -0.64 -57.92
N LEU B 107 4.79 -1.17 -56.95
CA LEU B 107 4.58 -0.87 -55.53
C LEU B 107 5.37 0.40 -55.17
N GLY B 108 4.72 1.33 -54.48
CA GLY B 108 5.38 2.55 -54.05
C GLY B 108 4.59 3.41 -53.10
N ARG B 109 5.25 3.77 -51.99
CA ARG B 109 4.82 4.66 -50.90
C ARG B 109 3.50 4.23 -50.27
N GLY B 110 3.43 2.92 -49.97
CA GLY B 110 2.30 2.29 -49.31
C GLY B 110 1.12 1.98 -50.19
N TYR B 111 1.30 2.16 -51.51
CA TYR B 111 0.26 1.89 -52.50
C TYR B 111 0.71 0.91 -53.54
N LEU B 112 -0.26 0.30 -54.21
CA LEU B 112 -0.11 -0.40 -55.46
C LEU B 112 -0.55 0.62 -56.50
N ASN B 113 0.41 1.25 -57.20
CA ASN B 113 0.13 2.26 -58.23
C ASN B 113 0.03 1.66 -59.59
N MSE B 114 -0.81 2.26 -60.45
CA MSE B 114 -0.93 1.80 -61.83
C MSE B 114 -1.50 2.87 -62.75
O MSE B 114 -2.35 3.67 -62.37
CB MSE B 114 -1.77 0.53 -61.93
CG MSE B 114 -3.25 0.76 -61.59
SE MSE B 114 -4.19 -0.90 -61.52
CE MSE B 114 -3.48 -1.53 -59.77
N ILE B 115 -1.07 2.82 -64.00
CA ILE B 115 -1.54 3.69 -65.07
C ILE B 115 -2.33 2.80 -66.00
N LEU B 116 -3.60 3.13 -66.21
CA LEU B 116 -4.45 2.36 -67.12
C LEU B 116 -4.73 3.11 -68.41
N ASN B 117 -4.96 2.39 -69.49
CA ASN B 117 -5.44 3.00 -70.72
C ASN B 117 -6.85 2.48 -70.93
N LEU B 118 -7.77 3.43 -71.17
CA LEU B 118 -9.20 3.26 -71.40
C LEU B 118 -9.58 3.82 -72.74
N LYS B 119 -10.69 3.35 -73.32
CA LYS B 119 -11.30 3.92 -74.50
C LYS B 119 -12.62 4.43 -74.02
N VAL B 120 -12.77 5.77 -73.96
CA VAL B 120 -13.92 6.48 -73.43
C VAL B 120 -14.65 7.31 -74.52
N ASN B 121 -15.71 8.01 -74.12
CA ASN B 121 -16.43 8.98 -74.93
C ASN B 121 -16.66 10.18 -74.02
N GLY B 122 -17.78 10.18 -73.30
CA GLY B 122 -18.13 11.26 -72.37
C GLY B 122 -19.50 11.13 -71.76
N GLY B 123 -19.75 11.96 -70.74
CA GLY B 123 -21.01 12.01 -70.02
C GLY B 123 -21.29 10.88 -69.04
N LYS B 124 -20.37 9.89 -68.97
CA LYS B 124 -20.50 8.72 -68.11
C LYS B 124 -19.30 8.63 -67.21
N GLN B 125 -19.56 8.38 -65.93
CA GLN B 125 -18.52 8.23 -64.90
C GLN B 125 -17.96 6.81 -64.96
N HIS B 126 -16.63 6.70 -65.05
CA HIS B 126 -15.92 5.43 -65.02
C HIS B 126 -15.59 5.18 -63.56
N VAL B 127 -16.19 4.14 -62.99
CA VAL B 127 -16.03 3.79 -61.58
C VAL B 127 -15.06 2.61 -61.46
N PHE B 128 -14.00 2.81 -60.68
CA PHE B 128 -12.97 1.84 -60.37
C PHE B 128 -13.04 1.36 -58.92
N GLY B 129 -12.67 0.10 -58.71
CA GLY B 129 -12.62 -0.52 -57.40
C GLY B 129 -11.69 -1.72 -57.43
N ILE B 130 -11.46 -2.32 -56.27
CA ILE B 130 -10.65 -3.51 -56.13
C ILE B 130 -11.49 -4.55 -55.41
N VAL B 131 -11.70 -5.71 -56.06
CA VAL B 131 -12.41 -6.83 -55.46
C VAL B 131 -11.35 -7.69 -54.75
N GLU B 132 -11.46 -7.79 -53.43
CA GLU B 132 -10.50 -8.46 -52.56
C GLU B 132 -10.91 -9.89 -52.23
N ASP B 133 -9.94 -10.81 -52.32
CA ASP B 133 -10.06 -12.21 -51.95
C ASP B 133 -8.90 -12.56 -51.04
N LEU B 134 -9.24 -12.89 -49.77
CA LEU B 134 -8.19 -13.20 -48.79
C LEU B 134 -8.15 -14.67 -48.44
N SER B 135 -8.72 -15.55 -49.31
CA SER B 135 -8.78 -17.00 -49.09
C SER B 135 -7.39 -17.66 -48.86
N GLU B 136 -6.33 -17.09 -49.44
CA GLU B 136 -4.97 -17.64 -49.31
C GLU B 136 -4.11 -16.82 -48.33
N PHE B 137 -4.66 -15.74 -47.75
CA PHE B 137 -3.89 -14.83 -46.89
C PHE B 137 -3.31 -15.50 -45.65
N GLU B 138 -4.05 -16.42 -44.99
CA GLU B 138 -3.53 -17.13 -43.82
C GLU B 138 -2.60 -18.27 -44.24
N THR B 139 -2.87 -18.86 -45.42
CA THR B 139 -2.10 -19.95 -46.03
C THR B 139 -0.66 -19.49 -46.42
N ASN B 140 -0.53 -18.42 -47.24
CA ASN B 140 0.78 -17.97 -47.74
C ASN B 140 0.96 -16.45 -47.88
N GLY B 141 0.10 -15.67 -47.24
CA GLY B 141 0.16 -14.21 -47.28
C GLY B 141 -0.21 -13.58 -48.61
N THR B 142 -0.92 -14.34 -49.46
CA THR B 142 -1.35 -13.87 -50.77
C THR B 142 -2.64 -13.06 -50.66
N VAL B 143 -2.62 -11.86 -51.28
CA VAL B 143 -3.76 -10.95 -51.40
C VAL B 143 -4.18 -10.97 -52.86
N ASN B 144 -5.37 -11.50 -53.15
CA ASN B 144 -5.88 -11.52 -54.51
C ASN B 144 -6.73 -10.28 -54.74
N MSE B 145 -6.41 -9.57 -55.83
CA MSE B 145 -7.09 -8.35 -56.21
C MSE B 145 -7.59 -8.42 -57.62
O MSE B 145 -6.84 -8.78 -58.53
CB MSE B 145 -6.14 -7.15 -56.08
CG MSE B 145 -5.71 -6.84 -54.66
SE MSE B 145 -4.77 -5.13 -54.61
CE MSE B 145 -4.27 -5.18 -52.78
N LEU B 146 -8.86 -8.12 -57.83
CA LEU B 146 -9.45 -8.07 -59.16
C LEU B 146 -9.95 -6.65 -59.39
N LEU B 147 -9.56 -6.05 -60.52
CA LEU B 147 -10.01 -4.72 -60.86
C LEU B 147 -11.50 -4.72 -61.18
N TYR B 148 -12.21 -3.79 -60.55
CA TYR B 148 -13.59 -3.47 -60.83
C TYR B 148 -13.57 -2.24 -61.71
N HIS B 149 -14.24 -2.29 -62.87
CA HIS B 149 -14.35 -1.13 -63.74
C HIS B 149 -15.74 -1.09 -64.37
N ASP B 150 -16.52 -0.05 -64.01
CA ASP B 150 -17.84 0.21 -64.56
C ASP B 150 -17.75 1.43 -65.45
N ALA B 151 -17.85 1.24 -66.77
CA ALA B 151 -17.79 2.32 -67.75
C ALA B 151 -19.15 2.99 -67.91
N ASN B 152 -20.21 2.45 -67.26
CA ASN B 152 -21.57 2.96 -67.28
C ASN B 152 -22.10 3.16 -68.70
N GLY B 153 -21.81 2.18 -69.56
CA GLY B 153 -22.21 2.18 -70.96
C GLY B 153 -21.47 3.15 -71.87
N ASP B 154 -20.42 3.83 -71.37
CA ASP B 154 -19.64 4.79 -72.16
C ASP B 154 -19.01 4.08 -73.36
N GLU B 155 -19.12 4.70 -74.55
CA GLU B 155 -18.60 4.14 -75.79
C GLU B 155 -17.07 4.12 -75.77
N GLU B 156 -16.46 3.18 -76.50
CA GLU B 156 -15.01 3.00 -76.54
C GLU B 156 -14.44 3.74 -77.76
N TYR B 157 -14.40 5.10 -77.68
CA TYR B 157 -14.01 5.93 -78.81
C TYR B 157 -12.56 6.48 -78.73
N TYR B 158 -12.20 7.09 -77.62
CA TYR B 158 -10.95 7.80 -77.44
C TYR B 158 -10.11 7.26 -76.31
N ASN B 159 -8.79 7.25 -76.50
CA ASN B 159 -7.87 6.75 -75.50
C ASN B 159 -7.72 7.77 -74.40
N ARG B 160 -7.79 7.31 -73.16
CA ARG B 160 -7.66 8.15 -72.00
C ARG B 160 -6.98 7.34 -70.91
N ARG B 161 -6.06 7.96 -70.20
CA ARG B 161 -5.40 7.32 -69.08
C ARG B 161 -6.18 7.50 -67.81
N ALA B 162 -6.09 6.53 -66.93
CA ALA B 162 -6.66 6.58 -65.60
C ALA B 162 -5.54 6.20 -64.65
N TYR B 163 -5.56 6.77 -63.46
CA TYR B 163 -4.52 6.59 -62.46
C TYR B 163 -5.12 6.09 -61.18
N LEU B 164 -4.59 4.95 -60.67
CA LEU B 164 -5.02 4.32 -59.42
C LEU B 164 -3.86 4.11 -58.47
N SER B 165 -4.12 4.34 -57.17
CA SER B 165 -3.21 4.09 -56.04
C SER B 165 -4.03 3.34 -55.01
N VAL B 166 -3.83 2.01 -55.00
CA VAL B 166 -4.53 1.14 -54.08
C VAL B 166 -3.82 1.17 -52.70
N PRO B 167 -4.47 1.69 -51.62
CA PRO B 167 -3.83 1.68 -50.27
C PRO B 167 -3.58 0.28 -49.74
N LEU B 168 -2.38 0.01 -49.19
CA LEU B 168 -2.03 -1.33 -48.68
C LEU B 168 -1.80 -1.38 -47.15
N ASP B 169 -2.22 -0.33 -46.44
CA ASP B 169 -2.06 -0.22 -44.98
C ASP B 169 -2.84 -1.27 -44.19
N LYS B 170 -3.99 -1.74 -44.74
CA LYS B 170 -4.86 -2.74 -44.10
C LYS B 170 -4.21 -4.13 -44.00
N TYR B 171 -3.07 -4.35 -44.68
CA TYR B 171 -2.38 -5.63 -44.70
C TYR B 171 -1.24 -5.66 -43.68
N ALA B 172 -0.85 -4.49 -43.15
CA ALA B 172 0.17 -4.38 -42.11
C ALA B 172 -0.38 -4.85 -40.76
N ASP B 173 0.37 -5.75 -40.08
CA ASP B 173 0.01 -6.32 -38.79
C ASP B 173 1.12 -5.99 -37.79
N ALA B 174 0.80 -5.10 -36.82
CA ALA B 174 1.71 -4.64 -35.75
C ALA B 174 2.20 -5.79 -34.86
N GLU B 175 1.31 -6.78 -34.60
CA GLU B 175 1.61 -7.94 -33.78
C GLU B 175 2.20 -9.10 -34.60
N ASN B 176 2.45 -8.87 -35.90
CA ASN B 176 3.06 -9.84 -36.81
C ASN B 176 4.07 -9.11 -37.72
N PRO B 177 5.21 -8.60 -37.18
CA PRO B 177 6.14 -7.83 -38.04
C PRO B 177 7.06 -8.69 -38.89
N GLY B 178 7.47 -8.13 -40.03
CA GLY B 178 8.35 -8.78 -41.00
C GLY B 178 7.64 -9.71 -41.97
N GLN B 179 6.30 -9.71 -41.91
CA GLN B 179 5.36 -10.50 -42.72
C GLN B 179 5.49 -10.10 -44.19
N LYS B 180 5.78 -11.08 -45.08
CA LYS B 180 5.91 -10.88 -46.52
C LYS B 180 4.55 -11.15 -47.17
N ILE B 181 3.96 -10.10 -47.78
CA ILE B 181 2.65 -10.18 -48.45
C ILE B 181 2.88 -10.26 -49.96
N THR B 182 2.07 -11.05 -50.68
CA THR B 182 2.15 -11.18 -52.13
C THR B 182 0.84 -10.69 -52.73
N ILE B 183 0.88 -9.57 -53.48
CA ILE B 183 -0.32 -9.03 -54.13
C ILE B 183 -0.38 -9.61 -55.53
N LYS B 184 -1.49 -10.30 -55.84
CA LYS B 184 -1.74 -10.89 -57.15
C LYS B 184 -2.92 -10.15 -57.76
N PHE B 185 -2.62 -9.26 -58.71
CA PHE B 185 -3.62 -8.41 -59.34
C PHE B 185 -4.08 -8.98 -60.70
N LYS B 186 -5.40 -9.07 -60.86
CA LYS B 186 -6.10 -9.51 -62.07
C LYS B 186 -6.96 -8.37 -62.61
N TYR B 187 -7.20 -8.37 -63.92
CA TYR B 187 -8.02 -7.34 -64.57
C TYR B 187 -8.52 -7.84 -65.89
N TYR B 188 -9.69 -7.37 -66.33
CA TYR B 188 -10.22 -7.74 -67.63
C TYR B 188 -9.67 -6.77 -68.68
N THR B 189 -9.25 -7.34 -69.81
CA THR B 189 -8.65 -6.64 -70.95
C THR B 189 -9.09 -7.34 -72.23
N TYR B 190 -8.84 -6.72 -73.38
CA TYR B 190 -9.16 -7.35 -74.67
C TYR B 190 -7.98 -8.16 -75.17
N ASP B 191 -8.24 -9.34 -75.74
CA ASP B 191 -7.18 -10.14 -76.34
C ASP B 191 -6.93 -9.63 -77.78
N LYS B 192 -6.04 -10.31 -78.52
CA LYS B 192 -5.70 -10.00 -79.92
C LYS B 192 -6.94 -9.96 -80.86
N ASP B 193 -8.00 -10.75 -80.53
CA ASP B 193 -9.24 -10.88 -81.29
C ASP B 193 -10.39 -9.96 -80.82
N GLY B 194 -10.15 -9.11 -79.80
CA GLY B 194 -11.15 -8.18 -79.25
C GLY B 194 -12.15 -8.81 -78.28
N THR B 195 -11.77 -9.94 -77.68
CA THR B 195 -12.57 -10.65 -76.67
C THR B 195 -12.09 -10.22 -75.29
N ALA B 196 -13.02 -9.86 -74.42
CA ALA B 196 -12.69 -9.47 -73.06
C ALA B 196 -12.31 -10.71 -72.26
N ILE B 197 -11.10 -10.74 -71.71
CA ILE B 197 -10.56 -11.86 -70.94
C ILE B 197 -9.96 -11.37 -69.62
N GLU B 198 -9.96 -12.22 -68.60
CA GLU B 198 -9.36 -11.92 -67.31
C GLU B 198 -7.86 -12.23 -67.43
N SER B 199 -7.02 -11.20 -67.27
CA SER B 199 -5.56 -11.34 -67.35
C SER B 199 -4.94 -11.59 -65.98
N GLY B 200 -4.16 -12.65 -65.90
CA GLY B 200 -3.42 -13.03 -64.69
C GLY B 200 -1.96 -12.68 -64.83
N LYS B 201 -1.62 -11.85 -65.84
CA LYS B 201 -0.27 -11.36 -66.19
C LYS B 201 0.55 -10.92 -64.95
N TYR B 202 -0.09 -10.18 -64.00
CA TYR B 202 0.58 -9.61 -62.82
C TYR B 202 0.40 -10.47 -61.56
N CYS B 203 0.08 -11.78 -61.75
CA CYS B 203 -0.11 -12.78 -60.69
C CYS B 203 1.09 -13.68 -60.57
N ASN B 204 1.92 -13.75 -61.63
CA ASN B 204 3.06 -14.65 -61.64
C ASN B 204 4.36 -13.85 -61.77
N PRO B 205 5.16 -13.77 -60.68
CA PRO B 205 4.94 -14.34 -59.33
C PRO B 205 4.08 -13.47 -58.39
N GLY B 206 3.75 -12.26 -58.83
CA GLY B 206 3.00 -11.28 -58.06
C GLY B 206 3.93 -10.25 -57.42
N PHE B 207 3.34 -9.27 -56.74
CA PHE B 207 4.08 -8.18 -56.12
C PHE B 207 4.34 -8.46 -54.63
N GLU B 208 5.60 -8.81 -54.33
CA GLU B 208 6.01 -9.11 -52.95
C GLU B 208 6.47 -7.86 -52.22
N TYR B 209 6.10 -7.74 -50.94
CA TYR B 209 6.52 -6.60 -50.13
C TYR B 209 6.28 -6.86 -48.63
N VAL B 210 7.08 -6.19 -47.79
CA VAL B 210 7.01 -6.32 -46.33
C VAL B 210 6.49 -4.99 -45.78
N PRO B 211 5.22 -4.92 -45.31
CA PRO B 211 4.70 -3.62 -44.83
C PRO B 211 5.33 -3.19 -43.48
N ASP B 212 6.55 -2.60 -43.55
CA ASP B 212 7.31 -2.09 -42.40
C ASP B 212 8.16 -0.86 -42.79
N VAL C 10 5.81 20.11 -73.06
CA VAL C 10 6.35 18.81 -72.61
C VAL C 10 7.48 19.05 -71.62
N LYS C 11 7.48 18.30 -70.50
CA LYS C 11 8.53 18.43 -69.51
C LYS C 11 9.72 17.57 -69.95
N LEU C 12 10.90 18.19 -69.90
CA LEU C 12 12.20 17.65 -70.23
C LEU C 12 12.99 17.37 -68.99
N GLU C 13 13.76 16.30 -69.02
CA GLU C 13 14.66 15.88 -67.96
C GLU C 13 16.06 15.79 -68.49
N PHE C 14 17.08 16.04 -67.61
CA PHE C 14 18.49 15.85 -67.96
C PHE C 14 18.75 14.35 -67.84
N VAL C 15 19.33 13.72 -68.88
CA VAL C 15 19.62 12.28 -68.92
C VAL C 15 20.89 12.08 -69.74
N THR C 16 21.44 10.88 -69.65
CA THR C 16 22.49 10.38 -70.50
C THR C 16 21.88 9.25 -71.34
N VAL C 17 22.10 9.30 -72.66
CA VAL C 17 21.68 8.22 -73.52
C VAL C 17 22.90 7.50 -74.02
N LYS C 18 22.82 6.16 -74.15
CA LYS C 18 23.91 5.33 -74.71
C LYS C 18 23.48 4.70 -76.00
N ALA C 19 24.26 4.89 -77.07
CA ALA C 19 23.95 4.30 -78.38
C ALA C 19 24.63 2.92 -78.55
N GLY C 20 23.97 2.01 -79.26
CA GLY C 20 24.53 0.69 -79.56
C GLY C 20 25.47 0.71 -80.75
N THR C 21 25.83 -0.49 -81.24
CA THR C 21 26.79 -0.56 -82.34
C THR C 21 26.23 -0.03 -83.67
N ASP C 22 24.88 0.06 -83.82
CA ASP C 22 24.22 0.61 -85.02
C ASP C 22 23.79 2.07 -84.76
N GLY C 23 24.19 2.65 -83.64
CA GLY C 23 23.79 4.02 -83.37
C GLY C 23 22.44 4.21 -82.71
N SER C 24 21.66 3.15 -82.57
CA SER C 24 20.36 3.22 -81.90
C SER C 24 20.50 3.39 -80.37
N ILE C 25 19.62 4.18 -79.77
CA ILE C 25 19.61 4.43 -78.33
C ILE C 25 19.25 3.14 -77.61
N GLN C 26 20.19 2.58 -76.80
CA GLN C 26 20.05 1.32 -76.06
C GLN C 26 19.61 1.49 -74.59
N THR C 27 20.20 2.50 -73.92
CA THR C 27 20.01 2.75 -72.50
C THR C 27 19.79 4.27 -72.30
N LEU C 28 18.95 4.64 -71.30
CA LEU C 28 18.67 5.98 -70.81
C LEU C 28 19.03 5.96 -69.33
N ILE C 29 19.95 6.83 -68.94
CA ILE C 29 20.37 6.89 -67.54
C ILE C 29 19.79 8.19 -66.87
N PRO C 30 18.65 8.07 -66.09
CA PRO C 30 18.11 9.28 -65.43
C PRO C 30 19.08 9.74 -64.38
N ASP C 31 19.00 11.02 -64.01
CA ASP C 31 19.91 11.51 -62.98
C ASP C 31 19.50 10.95 -61.59
N ASN C 32 18.18 10.84 -61.37
CA ASN C 32 17.52 10.41 -60.15
C ASN C 32 17.45 8.90 -59.93
N GLY C 33 17.49 8.11 -61.01
CA GLY C 33 17.32 6.67 -60.89
C GLY C 33 18.36 5.80 -61.54
N GLU C 34 18.01 4.50 -61.59
CA GLU C 34 18.79 3.43 -62.16
C GLU C 34 18.71 3.49 -63.68
N ALA C 35 19.72 3.00 -64.38
CA ALA C 35 19.68 2.96 -65.83
C ALA C 35 18.48 2.13 -66.28
N LEU C 36 17.92 2.48 -67.42
CA LEU C 36 16.77 1.80 -68.04
C LEU C 36 17.14 1.39 -69.45
N THR C 37 16.72 0.22 -69.87
CA THR C 37 16.86 -0.22 -71.22
C THR C 37 15.75 0.52 -71.99
N VAL C 38 16.08 0.97 -73.21
CA VAL C 38 15.07 1.62 -74.03
C VAL C 38 14.22 0.55 -74.71
N SER C 39 12.95 0.39 -74.34
CA SER C 39 12.10 -0.60 -75.03
C SER C 39 11.62 -0.05 -76.37
N LYS C 40 11.49 1.29 -76.49
CA LYS C 40 11.04 1.94 -77.71
C LYS C 40 11.52 3.39 -77.73
N ASP C 41 12.12 3.83 -78.85
CA ASP C 41 12.55 5.21 -79.12
C ASP C 41 11.61 5.76 -80.19
N ARG C 42 10.63 6.58 -79.78
CA ARG C 42 9.62 7.09 -80.72
C ARG C 42 10.14 8.29 -81.55
N THR C 43 11.38 8.75 -81.28
CA THR C 43 12.05 9.83 -82.03
C THR C 43 12.85 9.20 -83.20
N GLY C 44 13.20 7.93 -83.03
CA GLY C 44 14.00 7.15 -83.99
C GLY C 44 15.42 7.67 -84.19
N SER C 45 15.92 8.51 -83.24
CA SER C 45 17.26 9.11 -83.22
C SER C 45 18.35 8.09 -83.52
N ALA C 46 19.43 8.60 -84.13
CA ALA C 46 20.61 7.82 -84.37
C ALA C 46 21.80 8.73 -84.19
N ILE C 47 22.48 8.55 -83.06
CA ILE C 47 23.69 9.25 -82.69
C ILE C 47 24.90 8.38 -83.13
N SER C 48 26.13 8.81 -82.82
CA SER C 48 27.32 8.08 -83.18
C SER C 48 27.33 6.70 -82.45
N PRO C 49 27.61 5.59 -83.20
CA PRO C 49 27.64 4.27 -82.57
C PRO C 49 28.59 4.19 -81.40
N ASN C 50 28.19 3.48 -80.36
CA ASN C 50 29.03 3.22 -79.20
C ASN C 50 29.43 4.48 -78.44
N THR C 51 28.55 5.50 -78.41
CA THR C 51 28.80 6.73 -77.67
C THR C 51 27.68 6.97 -76.66
N SER C 52 27.96 7.88 -75.73
CA SER C 52 27.06 8.39 -74.71
C SER C 52 26.89 9.86 -74.92
N ARG C 53 25.65 10.34 -74.80
CA ARG C 53 25.38 11.76 -74.92
C ARG C 53 24.55 12.23 -73.75
N ARG C 54 24.86 13.43 -73.29
CA ARG C 54 24.14 14.17 -72.26
C ARG C 54 23.07 14.97 -73.02
N VAL C 55 21.78 14.68 -72.78
CA VAL C 55 20.70 15.29 -73.53
C VAL C 55 19.51 15.65 -72.64
N MSE C 56 18.54 16.39 -73.18
CA MSE C 56 17.23 16.69 -72.57
C MSE C 56 16.26 15.69 -73.17
O MSE C 56 16.29 15.48 -74.38
CB MSE C 56 16.72 18.15 -72.90
CG MSE C 56 17.55 19.29 -72.32
SE MSE C 56 17.96 19.05 -70.40
CE MSE C 56 16.18 19.44 -69.69
N SER C 57 15.43 15.02 -72.34
CA SER C 57 14.49 14.07 -72.87
C SER C 57 13.16 14.08 -72.16
N ASN C 58 12.12 13.84 -72.95
CA ASN C 58 10.80 13.47 -72.56
C ASN C 58 10.69 11.94 -72.76
N TYR C 59 10.56 11.21 -71.67
CA TYR C 59 10.48 9.75 -71.74
C TYR C 59 9.57 9.28 -70.63
N GLU C 60 9.15 8.03 -70.69
CA GLU C 60 8.43 7.45 -69.58
C GLU C 60 8.98 6.08 -69.24
N THR C 61 8.88 5.74 -67.95
CA THR C 61 9.27 4.48 -67.35
C THR C 61 8.07 3.57 -67.31
N LEU C 62 8.21 2.34 -67.86
CA LEU C 62 7.16 1.34 -67.85
C LEU C 62 7.57 0.23 -66.96
N SER C 63 6.81 0.00 -65.87
CA SER C 63 7.13 -1.04 -64.94
C SER C 63 6.08 -2.14 -65.01
N ASN C 64 6.52 -3.38 -64.85
CA ASN C 64 5.60 -4.52 -64.81
C ASN C 64 5.50 -5.02 -63.37
N GLY C 65 6.10 -4.24 -62.46
CA GLY C 65 6.13 -4.49 -61.03
C GLY C 65 7.38 -5.19 -60.55
N HIS C 66 8.26 -5.57 -61.47
CA HIS C 66 9.52 -6.27 -61.18
C HIS C 66 10.70 -5.56 -61.85
N THR C 67 10.53 -5.23 -63.15
CA THR C 67 11.54 -4.56 -63.95
C THR C 67 10.94 -3.39 -64.68
N ALA C 68 11.82 -2.53 -65.22
CA ALA C 68 11.29 -1.40 -65.97
C ALA C 68 12.14 -1.14 -67.21
N THR C 69 11.53 -0.41 -68.17
CA THR C 69 12.17 0.03 -69.40
C THR C 69 11.72 1.46 -69.66
N ALA C 70 12.37 2.16 -70.59
CA ALA C 70 12.06 3.49 -71.04
C ALA C 70 11.48 3.50 -72.46
N VAL C 71 10.54 4.42 -72.68
CA VAL C 71 9.97 4.77 -73.96
C VAL C 71 10.34 6.24 -74.14
N ILE C 72 11.10 6.56 -75.20
CA ILE C 72 11.57 7.93 -75.45
C ILE C 72 10.64 8.65 -76.41
N TYR C 73 10.10 9.81 -75.96
CA TYR C 73 9.15 10.58 -76.77
C TYR C 73 9.88 11.71 -77.47
N SER C 74 10.90 12.30 -76.84
CA SER C 74 11.67 13.34 -77.48
C SER C 74 13.04 13.39 -76.91
N LEU C 75 13.97 13.90 -77.73
CA LEU C 75 15.38 14.12 -77.38
C LEU C 75 15.82 15.43 -77.97
N GLN C 76 16.63 16.16 -77.24
CA GLN C 76 17.26 17.41 -77.72
C GLN C 76 18.52 17.59 -76.97
N SER C 77 19.41 18.36 -77.54
CA SER C 77 20.72 18.55 -76.94
C SER C 77 20.65 19.60 -75.86
N LEU C 78 21.73 19.65 -75.11
CA LEU C 78 22.01 20.64 -74.13
C LEU C 78 23.45 21.08 -74.37
N VAL C 79 23.88 22.12 -73.69
CA VAL C 79 25.22 22.65 -73.87
C VAL C 79 26.08 21.97 -72.84
N THR C 80 27.16 21.35 -73.27
CA THR C 80 28.10 20.69 -72.36
C THR C 80 29.45 21.42 -72.44
N PRO C 81 29.59 22.64 -71.89
CA PRO C 81 30.87 23.35 -72.02
C PRO C 81 31.97 22.79 -71.10
N THR C 82 33.15 22.51 -71.66
CA THR C 82 34.25 22.06 -70.81
C THR C 82 34.88 23.33 -70.16
N PRO C 83 35.01 23.37 -68.80
CA PRO C 83 35.66 24.54 -68.17
C PRO C 83 37.06 24.73 -68.71
N LYS C 84 37.35 25.94 -69.17
CA LYS C 84 38.64 26.30 -69.78
C LYS C 84 39.13 27.61 -69.18
N PRO C 85 40.47 27.79 -68.98
CA PRO C 85 40.97 29.05 -68.40
C PRO C 85 40.77 30.23 -69.35
N ALA C 86 40.78 31.46 -68.80
CA ALA C 86 40.56 32.71 -69.56
C ALA C 86 41.58 32.87 -70.72
N ASP C 87 42.78 32.24 -70.59
CA ASP C 87 43.89 32.26 -71.55
C ASP C 87 43.77 31.17 -72.63
N ASP C 88 42.67 30.37 -72.61
CA ASP C 88 42.44 29.33 -73.60
C ASP C 88 42.12 29.95 -74.97
N PRO C 89 42.56 29.32 -76.09
CA PRO C 89 42.26 29.85 -77.43
C PRO C 89 40.76 30.12 -77.74
N THR C 90 39.80 29.41 -77.08
CA THR C 90 38.36 29.68 -77.33
C THR C 90 37.97 31.11 -76.88
N TYR C 91 38.70 31.70 -75.92
CA TYR C 91 38.38 33.01 -75.38
C TYR C 91 39.28 34.11 -75.97
N ARG C 92 39.95 33.81 -77.11
CA ARG C 92 40.85 34.70 -77.85
C ARG C 92 40.23 36.08 -78.16
N ASP C 93 38.94 36.09 -78.56
CA ASP C 93 38.24 37.34 -78.93
C ASP C 93 37.63 38.07 -77.71
N GLY C 94 37.95 37.62 -76.51
CA GLY C 94 37.48 38.24 -75.28
C GLY C 94 36.33 37.51 -74.58
N LEU C 95 36.22 37.75 -73.26
CA LEU C 95 35.19 37.15 -72.44
C LEU C 95 33.87 37.91 -72.64
N LYS C 96 32.80 37.17 -72.92
CA LYS C 96 31.47 37.73 -73.12
C LYS C 96 30.58 37.30 -71.98
N HIS C 97 29.85 38.23 -71.38
CA HIS C 97 29.01 37.96 -70.22
C HIS C 97 27.63 38.57 -70.37
N ASP C 98 26.94 38.29 -71.49
CA ASP C 98 25.59 38.80 -71.70
C ASP C 98 24.67 38.19 -70.61
N PRO C 99 23.80 39.01 -69.98
CA PRO C 99 23.04 38.51 -68.82
C PRO C 99 22.09 37.36 -69.07
N VAL C 100 21.94 36.52 -68.03
CA VAL C 100 21.00 35.40 -67.97
C VAL C 100 20.44 35.35 -66.56
N ASP C 101 19.35 34.60 -66.36
CA ASP C 101 18.84 34.27 -65.03
C ASP C 101 19.06 32.77 -64.81
N VAL C 102 19.42 32.38 -63.60
CA VAL C 102 19.52 30.99 -63.26
C VAL C 102 18.14 30.59 -62.69
N VAL C 103 17.46 29.63 -63.35
CA VAL C 103 16.15 29.12 -62.92
C VAL C 103 16.38 28.05 -61.84
N SER C 104 17.31 27.17 -62.05
CA SER C 104 17.63 26.03 -61.19
C SER C 104 19.03 25.58 -61.50
N ILE C 105 19.82 25.27 -60.47
CA ILE C 105 21.21 24.83 -60.57
C ILE C 105 21.45 23.75 -59.54
N TRP C 106 22.09 22.64 -59.95
CA TRP C 106 22.33 21.49 -59.06
C TRP C 106 23.38 20.53 -59.62
N LEU C 107 24.06 19.84 -58.72
CA LEU C 107 25.02 18.78 -58.99
C LEU C 107 24.27 17.50 -59.21
N GLY C 108 24.63 16.80 -60.26
CA GLY C 108 24.05 15.52 -60.55
C GLY C 108 24.80 14.80 -61.62
N ARG C 109 25.25 13.59 -61.30
CA ARG C 109 25.84 12.59 -62.16
C ARG C 109 27.04 13.02 -63.04
N GLY C 110 28.07 13.54 -62.40
CA GLY C 110 29.27 13.93 -63.13
C GLY C 110 29.13 15.25 -63.87
N TYR C 111 28.07 16.05 -63.54
CA TYR C 111 27.78 17.34 -64.19
C TYR C 111 27.28 18.37 -63.23
N LEU C 112 27.56 19.64 -63.53
CA LEU C 112 26.93 20.80 -62.90
C LEU C 112 25.85 21.19 -63.88
N ASN C 113 24.60 20.90 -63.53
CA ASN C 113 23.43 21.20 -64.39
C ASN C 113 22.78 22.53 -64.01
N MSE C 114 22.23 23.20 -65.00
CA MSE C 114 21.49 24.43 -64.76
C MSE C 114 20.51 24.71 -65.88
O MSE C 114 20.72 24.34 -67.04
CB MSE C 114 22.41 25.65 -64.55
CG MSE C 114 23.22 26.04 -65.77
SE MSE C 114 24.61 27.32 -65.31
CE MSE C 114 25.89 26.01 -64.60
N ILE C 115 19.43 25.34 -65.49
CA ILE C 115 18.41 25.84 -66.41
C ILE C 115 18.53 27.36 -66.36
N LEU C 116 18.75 27.99 -67.51
CA LEU C 116 18.86 29.42 -67.61
C LEU C 116 17.65 30.01 -68.28
N ASN C 117 17.33 31.26 -67.95
CA ASN C 117 16.33 32.01 -68.67
C ASN C 117 17.07 33.16 -69.34
N LEU C 118 16.84 33.31 -70.65
CA LEU C 118 17.42 34.29 -71.55
C LEU C 118 16.35 35.13 -72.17
N LYS C 119 16.73 36.32 -72.62
CA LYS C 119 15.85 37.16 -73.44
C LYS C 119 16.54 37.18 -74.81
N VAL C 120 15.87 36.61 -75.80
CA VAL C 120 16.39 36.41 -77.17
C VAL C 120 15.46 37.04 -78.23
N ASN C 121 15.84 36.89 -79.48
CA ASN C 121 15.05 37.22 -80.65
C ASN C 121 15.23 36.04 -81.65
N GLY C 122 16.23 36.12 -82.50
CA GLY C 122 16.51 35.05 -83.46
C GLY C 122 17.62 35.37 -84.43
N GLY C 123 18.16 34.31 -85.02
CA GLY C 123 19.18 34.37 -86.06
C GLY C 123 20.58 34.63 -85.58
N LYS C 124 20.75 34.56 -84.28
CA LYS C 124 22.01 34.75 -83.65
C LYS C 124 22.20 33.62 -82.71
N GLN C 125 23.36 33.01 -82.78
CA GLN C 125 23.70 31.88 -81.94
C GLN C 125 24.12 32.42 -80.58
N HIS C 126 23.57 31.84 -79.52
CA HIS C 126 23.94 32.15 -78.16
C HIS C 126 25.00 31.16 -77.78
N VAL C 127 26.21 31.64 -77.55
CA VAL C 127 27.37 30.79 -77.25
C VAL C 127 27.64 30.84 -75.76
N PHE C 128 27.69 29.66 -75.14
CA PHE C 128 27.96 29.48 -73.72
C PHE C 128 29.31 28.78 -73.49
N GLY C 129 29.92 29.11 -72.36
CA GLY C 129 31.16 28.51 -71.92
C GLY C 129 31.32 28.68 -70.44
N ILE C 130 32.35 28.05 -69.89
CA ILE C 130 32.71 28.16 -68.49
C ILE C 130 34.12 28.69 -68.45
N VAL C 131 34.33 29.85 -67.82
CA VAL C 131 35.67 30.41 -67.61
C VAL C 131 36.15 29.84 -66.27
N GLU C 132 37.20 29.01 -66.34
CA GLU C 132 37.75 28.31 -65.18
C GLU C 132 38.91 29.06 -64.55
N ASP C 133 38.88 29.14 -63.21
CA ASP C 133 39.94 29.71 -62.39
C ASP C 133 40.28 28.70 -61.31
N LEU C 134 41.51 28.18 -61.35
CA LEU C 134 41.95 27.19 -60.38
C LEU C 134 42.95 27.78 -59.39
N SER C 135 42.97 29.11 -59.21
CA SER C 135 43.91 29.81 -58.29
C SER C 135 43.81 29.33 -56.82
N GLU C 136 42.61 28.86 -56.39
CA GLU C 136 42.36 28.38 -55.03
C GLU C 136 42.30 26.86 -54.96
N PHE C 137 42.47 26.16 -56.09
CA PHE C 137 42.37 24.69 -56.13
C PHE C 137 43.40 23.96 -55.25
N GLU C 138 44.65 24.46 -55.18
CA GLU C 138 45.67 23.85 -54.34
C GLU C 138 45.49 24.32 -52.90
N THR C 139 44.93 25.52 -52.69
CA THR C 139 44.65 26.10 -51.37
C THR C 139 43.54 25.33 -50.62
N ASN C 140 42.35 25.18 -51.22
CA ASN C 140 41.19 24.58 -50.55
C ASN C 140 40.27 23.73 -51.45
N GLY C 141 40.76 23.34 -52.63
CA GLY C 141 39.98 22.54 -53.57
C GLY C 141 38.84 23.25 -54.27
N THR C 142 38.86 24.58 -54.25
CA THR C 142 37.84 25.41 -54.88
C THR C 142 38.11 25.56 -56.37
N VAL C 143 37.06 25.30 -57.16
CA VAL C 143 37.00 25.49 -58.61
C VAL C 143 36.09 26.70 -58.85
N ASN C 144 36.66 27.79 -59.35
CA ASN C 144 35.89 28.97 -59.68
C ASN C 144 35.44 28.88 -61.12
N MSE C 145 34.13 29.12 -61.32
CA MSE C 145 33.52 29.07 -62.63
C MSE C 145 32.75 30.31 -62.91
O MSE C 145 31.95 30.75 -62.08
CB MSE C 145 32.59 27.85 -62.75
CG MSE C 145 33.30 26.51 -62.66
SE MSE C 145 32.08 25.12 -63.13
CE MSE C 145 33.29 23.64 -62.83
N LEU C 146 33.00 30.91 -64.08
CA LEU C 146 32.28 32.09 -64.51
C LEU C 146 31.62 31.78 -65.80
N LEU C 147 30.32 32.05 -65.88
CA LEU C 147 29.59 31.82 -67.12
C LEU C 147 30.01 32.77 -68.22
N TYR C 148 30.36 32.19 -69.36
CA TYR C 148 30.62 32.93 -70.59
C TYR C 148 29.33 32.86 -71.39
N HIS C 149 28.80 34.00 -71.83
CA HIS C 149 27.61 34.02 -72.67
C HIS C 149 27.74 35.13 -73.71
N ASP C 150 27.79 34.73 -75.00
CA ASP C 150 27.83 35.65 -76.13
C ASP C 150 26.51 35.55 -76.84
N ALA C 151 25.70 36.58 -76.75
CA ALA C 151 24.38 36.68 -77.39
C ALA C 151 24.51 37.11 -78.86
N ASN C 152 25.72 37.49 -79.31
CA ASN C 152 26.03 37.92 -80.68
C ASN C 152 25.12 39.05 -81.15
N GLY C 153 24.84 39.99 -80.24
CA GLY C 153 23.97 41.12 -80.51
C GLY C 153 22.47 40.83 -80.61
N ASP C 154 22.03 39.60 -80.33
CA ASP C 154 20.61 39.25 -80.33
C ASP C 154 19.81 40.23 -79.41
N GLU C 155 18.65 40.68 -79.89
CA GLU C 155 17.78 41.59 -79.12
C GLU C 155 17.17 40.83 -77.93
N GLU C 156 16.87 41.54 -76.85
CA GLU C 156 16.32 40.91 -75.65
C GLU C 156 14.80 41.06 -75.68
N TYR C 157 14.13 40.25 -76.53
CA TYR C 157 12.68 40.36 -76.76
C TYR C 157 11.85 39.30 -76.06
N TYR C 158 12.22 38.02 -76.22
CA TYR C 158 11.43 36.90 -75.75
C TYR C 158 12.18 36.02 -74.80
N ASN C 159 11.47 35.52 -73.78
CA ASN C 159 12.04 34.59 -72.82
C ASN C 159 12.23 33.23 -73.46
N ARG C 160 13.41 32.67 -73.28
CA ARG C 160 13.76 31.34 -73.77
C ARG C 160 14.65 30.66 -72.72
N ARG C 161 14.42 29.38 -72.45
CA ARG C 161 15.25 28.61 -71.57
C ARG C 161 16.48 28.04 -72.32
N ALA C 162 17.58 27.86 -71.60
CA ALA C 162 18.80 27.24 -72.16
C ALA C 162 19.19 26.19 -71.15
N TYR C 163 19.74 25.06 -71.59
CA TYR C 163 20.06 23.93 -70.70
C TYR C 163 21.51 23.64 -70.75
N LEU C 164 22.19 23.66 -69.59
CA LEU C 164 23.64 23.44 -69.51
C LEU C 164 23.97 22.32 -68.58
N SER C 165 24.95 21.54 -68.99
CA SER C 165 25.48 20.45 -68.22
C SER C 165 26.95 20.51 -68.36
N VAL C 166 27.60 21.08 -67.36
CA VAL C 166 29.03 21.26 -67.36
C VAL C 166 29.66 19.97 -66.90
N PRO C 167 30.49 19.34 -67.77
CA PRO C 167 31.14 18.08 -67.35
C PRO C 167 32.19 18.30 -66.27
N LEU C 168 32.13 17.51 -65.17
CA LEU C 168 33.05 17.57 -64.02
C LEU C 168 34.09 16.40 -64.02
N ASP C 169 34.24 15.64 -65.12
CA ASP C 169 35.19 14.51 -65.26
C ASP C 169 36.66 14.96 -65.21
N LYS C 170 36.95 16.23 -65.58
CA LYS C 170 38.30 16.74 -65.60
C LYS C 170 38.87 16.91 -64.18
N TYR C 171 37.99 16.96 -63.16
CA TYR C 171 38.49 17.18 -61.79
C TYR C 171 38.77 15.86 -61.08
N ALA C 172 38.50 14.73 -61.78
CA ALA C 172 38.81 13.42 -61.24
C ALA C 172 40.27 13.09 -61.47
N ASP C 173 40.95 12.71 -60.37
CA ASP C 173 42.37 12.34 -60.38
C ASP C 173 42.47 10.93 -59.86
N ALA C 174 42.90 9.99 -60.74
CA ALA C 174 43.03 8.57 -60.42
C ALA C 174 44.07 8.32 -59.30
N GLU C 175 45.13 9.15 -59.23
CA GLU C 175 46.15 9.04 -58.19
C GLU C 175 45.77 9.89 -56.93
N ASN C 176 44.56 10.48 -56.89
CA ASN C 176 44.04 11.26 -55.76
C ASN C 176 42.56 10.90 -55.52
N PRO C 177 42.19 9.64 -55.17
CA PRO C 177 40.75 9.35 -55.03
C PRO C 177 40.15 9.85 -53.71
N GLY C 178 38.86 10.24 -53.78
CA GLY C 178 38.10 10.75 -52.64
C GLY C 178 38.28 12.24 -52.38
N GLN C 179 38.97 12.91 -53.31
CA GLN C 179 39.29 14.34 -53.33
C GLN C 179 37.98 15.15 -53.44
N LYS C 180 37.77 16.08 -52.49
CA LYS C 180 36.60 16.94 -52.36
C LYS C 180 36.87 18.28 -53.01
N ILE C 181 36.09 18.62 -54.04
CA ILE C 181 36.18 19.93 -54.68
C ILE C 181 34.93 20.75 -54.29
N THR C 182 35.05 22.06 -54.37
CA THR C 182 33.98 23.02 -54.12
C THR C 182 33.83 23.88 -55.38
N ILE C 183 32.71 23.76 -56.07
CA ILE C 183 32.46 24.56 -57.28
C ILE C 183 31.77 25.84 -56.86
N LYS C 184 32.36 26.98 -57.21
CA LYS C 184 31.79 28.29 -56.93
C LYS C 184 31.47 28.93 -58.29
N PHE C 185 30.16 28.96 -58.62
CA PHE C 185 29.70 29.45 -59.90
C PHE C 185 29.22 30.92 -59.83
N LYS C 186 29.77 31.74 -60.73
CA LYS C 186 29.43 33.15 -60.92
C LYS C 186 28.85 33.34 -62.31
N TYR C 187 28.01 34.36 -62.47
CA TYR C 187 27.39 34.67 -63.77
C TYR C 187 26.90 36.07 -63.75
N TYR C 188 26.84 36.71 -64.91
CA TYR C 188 26.28 38.07 -65.04
C TYR C 188 24.80 37.99 -65.27
N THR C 189 24.07 38.79 -64.53
CA THR C 189 22.61 38.87 -64.56
C THR C 189 22.18 40.33 -64.39
N TYR C 190 20.90 40.60 -64.65
CA TYR C 190 20.39 41.94 -64.40
C TYR C 190 19.85 42.02 -63.00
N ASP C 191 20.11 43.14 -62.30
CA ASP C 191 19.51 43.38 -60.99
C ASP C 191 18.07 43.92 -61.19
N LYS C 192 17.36 44.26 -60.09
CA LYS C 192 15.98 44.78 -60.13
C LYS C 192 15.84 46.02 -61.05
N ASP C 193 16.92 46.85 -61.18
CA ASP C 193 16.98 48.08 -61.97
C ASP C 193 17.47 47.93 -63.42
N GLY C 194 17.78 46.69 -63.83
CA GLY C 194 18.26 46.41 -65.19
C GLY C 194 19.73 46.65 -65.42
N THR C 195 20.51 46.65 -64.34
CA THR C 195 21.97 46.81 -64.38
C THR C 195 22.59 45.44 -64.39
N ALA C 196 23.50 45.18 -65.34
CA ALA C 196 24.20 43.89 -65.43
C ALA C 196 25.24 43.83 -64.34
N ILE C 197 25.13 42.84 -63.47
CA ILE C 197 26.02 42.63 -62.32
C ILE C 197 26.53 41.18 -62.30
N GLU C 198 27.74 40.97 -61.77
CA GLU C 198 28.30 39.62 -61.57
C GLU C 198 27.72 39.09 -60.26
N SER C 199 26.94 38.00 -60.32
CA SER C 199 26.28 37.43 -59.15
C SER C 199 27.11 36.35 -58.52
N GLY C 200 27.34 36.48 -57.21
CA GLY C 200 28.08 35.53 -56.39
C GLY C 200 27.14 34.69 -55.54
N LYS C 201 25.83 34.73 -55.89
CA LYS C 201 24.70 34.00 -55.28
C LYS C 201 25.03 32.51 -55.00
N TYR C 202 25.66 31.83 -55.96
CA TYR C 202 25.94 30.38 -55.88
C TYR C 202 27.38 30.05 -55.47
N CYS C 203 28.06 31.04 -54.84
CA CYS C 203 29.45 30.92 -54.35
C CYS C 203 29.48 30.69 -52.86
N ASN C 204 28.40 31.04 -52.15
CA ASN C 204 28.37 30.91 -50.70
C ASN C 204 27.29 29.91 -50.27
N PRO C 205 27.70 28.70 -49.80
CA PRO C 205 29.09 28.21 -49.61
C PRO C 205 29.73 27.58 -50.87
N GLY C 206 28.95 27.43 -51.94
CA GLY C 206 29.38 26.77 -53.17
C GLY C 206 28.87 25.35 -53.19
N PHE C 207 29.13 24.60 -54.28
CA PHE C 207 28.67 23.22 -54.41
C PHE C 207 29.82 22.21 -54.16
N GLU C 208 29.72 21.40 -53.09
CA GLU C 208 30.75 20.40 -52.76
C GLU C 208 30.52 19.12 -53.51
N TYR C 209 31.59 18.62 -54.15
CA TYR C 209 31.56 17.46 -55.03
C TYR C 209 32.80 16.53 -54.83
N VAL C 210 32.60 15.20 -54.90
CA VAL C 210 33.68 14.21 -54.88
C VAL C 210 33.60 13.49 -56.22
N PRO C 211 34.48 13.80 -57.20
CA PRO C 211 34.36 13.13 -58.53
C PRO C 211 34.71 11.64 -58.49
N ASP C 212 33.77 10.76 -58.04
CA ASP C 212 33.99 9.30 -57.97
C ASP C 212 32.66 8.54 -58.14
N SER D 9 4.93 20.01 -78.74
CA SER D 9 4.64 20.14 -77.31
C SER D 9 3.65 21.29 -77.05
N VAL D 10 3.95 22.51 -77.57
CA VAL D 10 3.09 23.72 -77.55
C VAL D 10 2.64 23.99 -78.96
N LYS D 11 1.32 24.14 -79.18
CA LYS D 11 0.79 24.40 -80.51
C LYS D 11 1.08 25.90 -80.85
N LEU D 12 1.85 26.12 -81.91
CA LEU D 12 2.26 27.43 -82.37
C LEU D 12 1.58 27.75 -83.65
N GLU D 13 1.28 29.03 -83.84
CA GLU D 13 0.66 29.56 -85.04
C GLU D 13 1.51 30.69 -85.57
N PHE D 14 1.48 30.94 -86.89
CA PHE D 14 2.08 32.12 -87.52
C PHE D 14 1.16 33.32 -87.26
N VAL D 15 1.67 34.40 -86.67
CA VAL D 15 0.85 35.58 -86.37
C VAL D 15 1.71 36.83 -86.67
N THR D 16 1.08 38.01 -86.54
CA THR D 16 1.78 39.28 -86.56
C THR D 16 1.46 39.94 -85.19
N VAL D 17 2.48 40.48 -84.50
CA VAL D 17 2.29 41.21 -83.23
C VAL D 17 2.67 42.67 -83.44
N LYS D 18 1.94 43.59 -82.80
CA LYS D 18 2.18 45.04 -82.92
C LYS D 18 2.48 45.60 -81.55
N ALA D 19 3.57 46.37 -81.44
CA ALA D 19 3.94 46.98 -80.16
C ALA D 19 3.46 48.43 -80.06
N GLY D 20 3.19 48.88 -78.83
CA GLY D 20 2.75 50.23 -78.56
C GLY D 20 3.96 51.11 -78.36
N THR D 21 3.75 52.32 -77.88
CA THR D 21 4.84 53.27 -77.73
C THR D 21 5.84 52.85 -76.63
N ASP D 22 5.48 51.92 -75.72
CA ASP D 22 6.44 51.46 -74.70
C ASP D 22 6.99 50.10 -75.08
N GLY D 23 6.71 49.65 -76.28
CA GLY D 23 7.18 48.37 -76.79
C GLY D 23 6.42 47.14 -76.34
N SER D 24 5.37 47.30 -75.53
CA SER D 24 4.55 46.16 -75.06
C SER D 24 3.73 45.60 -76.25
N ILE D 25 3.31 44.34 -76.19
CA ILE D 25 2.50 43.79 -77.29
C ILE D 25 1.05 44.28 -77.10
N GLN D 26 0.52 45.02 -78.12
CA GLN D 26 -0.77 45.63 -78.12
C GLN D 26 -1.82 44.85 -78.87
N THR D 27 -1.41 44.32 -80.01
CA THR D 27 -2.32 43.66 -80.95
C THR D 27 -1.68 42.41 -81.49
N LEU D 28 -2.50 41.37 -81.66
CA LEU D 28 -2.12 40.11 -82.28
C LEU D 28 -3.02 39.93 -83.48
N ILE D 29 -2.42 39.76 -84.66
CA ILE D 29 -3.18 39.56 -85.91
C ILE D 29 -2.98 38.11 -86.39
N PRO D 30 -4.00 37.23 -86.20
CA PRO D 30 -3.88 35.84 -86.70
C PRO D 30 -3.90 35.83 -88.21
N ASP D 31 -3.44 34.73 -88.84
CA ASP D 31 -3.41 34.61 -90.29
C ASP D 31 -4.82 34.30 -90.81
N ASN D 32 -5.62 33.60 -89.98
CA ASN D 32 -6.98 33.13 -90.26
C ASN D 32 -8.11 34.13 -89.87
N GLY D 33 -7.84 35.07 -88.98
CA GLY D 33 -8.86 35.98 -88.52
C GLY D 33 -8.52 37.45 -88.50
N GLU D 34 -9.42 38.19 -87.85
CA GLU D 34 -9.36 39.61 -87.62
C GLU D 34 -8.41 39.91 -86.47
N ALA D 35 -7.84 41.14 -86.43
CA ALA D 35 -6.92 41.60 -85.38
C ALA D 35 -7.56 41.50 -84.01
N LEU D 36 -6.75 41.19 -83.01
CA LEU D 36 -7.21 41.08 -81.63
C LEU D 36 -6.40 41.98 -80.74
N THR D 37 -7.08 42.72 -79.86
CA THR D 37 -6.42 43.49 -78.82
C THR D 37 -5.87 42.45 -77.84
N VAL D 38 -4.65 42.65 -77.37
CA VAL D 38 -4.04 41.74 -76.42
C VAL D 38 -4.52 42.17 -75.04
N SER D 39 -5.40 41.33 -74.42
CA SER D 39 -5.90 41.68 -73.08
C SER D 39 -4.82 41.35 -72.03
N LYS D 40 -4.00 40.33 -72.32
CA LYS D 40 -2.94 39.91 -71.42
C LYS D 40 -1.80 39.24 -72.20
N ASP D 41 -0.57 39.76 -72.03
CA ASP D 41 0.62 39.15 -72.58
C ASP D 41 1.33 38.46 -71.41
N ARG D 42 1.15 37.14 -71.31
CA ARG D 42 1.73 36.39 -70.19
C ARG D 42 3.23 36.28 -70.32
N THR D 43 3.76 36.45 -71.52
CA THR D 43 5.20 36.33 -71.75
C THR D 43 5.98 37.55 -71.26
N GLY D 44 5.31 38.69 -71.09
CA GLY D 44 5.96 39.95 -70.73
C GLY D 44 7.07 40.33 -71.73
N SER D 45 6.76 40.12 -73.03
CA SER D 45 7.68 40.44 -74.11
C SER D 45 7.69 41.94 -74.35
N ALA D 46 8.79 42.40 -74.94
CA ALA D 46 8.98 43.77 -75.33
C ALA D 46 9.76 43.80 -76.65
N ILE D 47 9.21 44.41 -77.69
CA ILE D 47 9.91 44.54 -78.97
C ILE D 47 10.16 46.04 -79.18
N SER D 48 10.72 46.45 -80.31
CA SER D 48 10.96 47.88 -80.56
C SER D 48 9.58 48.64 -80.59
N PRO D 49 9.45 49.79 -79.89
CA PRO D 49 8.17 50.51 -79.85
C PRO D 49 7.67 50.87 -81.24
N ASN D 50 6.35 50.68 -81.46
CA ASN D 50 5.63 51.01 -82.68
C ASN D 50 6.07 50.21 -83.86
N THR D 51 6.49 48.96 -83.64
CA THR D 51 6.87 48.06 -84.72
C THR D 51 5.95 46.88 -84.73
N SER D 52 5.96 46.17 -85.85
CA SER D 52 5.25 44.91 -86.10
C SER D 52 6.27 43.83 -86.35
N ARG D 53 6.00 42.66 -85.84
CA ARG D 53 6.86 41.50 -86.06
C ARG D 53 6.02 40.32 -86.42
N ARG D 54 6.49 39.56 -87.38
CA ARG D 54 5.99 38.27 -87.85
C ARG D 54 6.64 37.24 -86.93
N VAL D 55 5.82 36.59 -86.11
CA VAL D 55 6.32 35.68 -85.08
C VAL D 55 5.46 34.40 -85.03
N MSE D 56 5.92 33.43 -84.26
CA MSE D 56 5.21 32.17 -83.94
C MSE D 56 4.57 32.38 -82.57
O MSE D 56 5.22 32.93 -81.70
CB MSE D 56 6.22 30.95 -83.89
CG MSE D 56 6.82 30.56 -85.22
SE MSE D 56 5.42 30.31 -86.60
CE MSE D 56 4.49 28.63 -85.81
N SER D 57 3.34 31.96 -82.35
CA SER D 57 2.74 32.21 -81.05
C SER D 57 1.80 31.16 -80.58
N ASN D 58 1.79 30.97 -79.27
CA ASN D 58 0.77 30.23 -78.56
C ASN D 58 -0.09 31.29 -77.86
N TYR D 59 -1.33 31.43 -78.30
CA TYR D 59 -2.26 32.38 -77.73
C TYR D 59 -3.65 31.80 -77.74
N GLU D 60 -4.56 32.41 -76.96
CA GLU D 60 -5.96 32.02 -77.05
C GLU D 60 -6.85 33.26 -77.19
N THR D 61 -7.95 33.07 -77.88
CA THR D 61 -8.98 34.05 -78.13
C THR D 61 -10.06 33.92 -77.08
N LEU D 62 -10.39 35.03 -76.40
CA LEU D 62 -11.44 35.09 -75.41
C LEU D 62 -12.57 35.90 -75.98
N SER D 63 -13.75 35.29 -76.17
CA SER D 63 -14.88 36.00 -76.72
C SER D 63 -15.97 36.17 -75.68
N ASN D 64 -16.67 37.30 -75.73
CA ASN D 64 -17.80 37.58 -74.86
C ASN D 64 -19.11 37.45 -75.66
N GLY D 65 -18.98 36.94 -76.89
CA GLY D 65 -20.07 36.71 -77.82
C GLY D 65 -20.37 37.85 -78.74
N HIS D 66 -19.63 38.96 -78.57
CA HIS D 66 -19.74 40.18 -79.39
C HIS D 66 -18.34 40.56 -79.89
N THR D 67 -17.37 40.64 -78.97
CA THR D 67 -16.01 41.02 -79.26
C THR D 67 -15.06 39.99 -78.66
N ALA D 68 -13.79 40.07 -79.04
CA ALA D 68 -12.79 39.15 -78.53
C ALA D 68 -11.45 39.84 -78.29
N THR D 69 -10.62 39.26 -77.41
CA THR D 69 -9.27 39.69 -77.12
C THR D 69 -8.34 38.49 -77.15
N ALA D 70 -7.03 38.75 -77.18
CA ALA D 70 -6.03 37.70 -77.17
C ALA D 70 -5.26 37.67 -75.86
N VAL D 71 -4.97 36.44 -75.38
CA VAL D 71 -4.11 36.16 -74.26
C VAL D 71 -2.92 35.41 -74.85
N ILE D 72 -1.71 36.00 -74.76
CA ILE D 72 -0.49 35.42 -75.32
C ILE D 72 0.20 34.59 -74.26
N TYR D 73 0.47 33.30 -74.58
CA TYR D 73 1.15 32.37 -73.69
C TYR D 73 2.58 32.20 -74.09
N SER D 74 2.91 32.32 -75.40
CA SER D 74 4.31 32.21 -75.82
C SER D 74 4.51 32.95 -77.10
N LEU D 75 5.74 33.48 -77.26
CA LEU D 75 6.20 34.19 -78.44
C LEU D 75 7.59 33.74 -78.80
N GLN D 76 7.83 33.57 -80.08
CA GLN D 76 9.17 33.27 -80.60
C GLN D 76 9.27 33.78 -82.00
N SER D 77 10.49 34.04 -82.39
CA SER D 77 10.78 34.56 -83.70
C SER D 77 10.69 33.46 -84.74
N LEU D 78 10.57 33.88 -85.99
CA LEU D 78 10.66 33.01 -87.15
C LEU D 78 11.63 33.66 -88.12
N VAL D 79 12.08 32.96 -89.12
CA VAL D 79 13.00 33.51 -90.12
C VAL D 79 12.18 34.20 -91.21
N THR D 80 12.52 35.44 -91.54
CA THR D 80 11.87 36.20 -92.62
C THR D 80 12.95 36.50 -93.66
N PRO D 81 13.39 35.50 -94.48
CA PRO D 81 14.48 35.76 -95.41
C PRO D 81 14.00 36.53 -96.66
N THR D 82 14.71 37.63 -96.96
CA THR D 82 14.39 38.40 -98.16
C THR D 82 15.04 37.67 -99.34
N PRO D 83 14.26 37.34 -100.42
CA PRO D 83 14.88 36.67 -101.58
C PRO D 83 15.99 37.53 -102.19
N LYS D 84 17.16 36.93 -102.41
CA LYS D 84 18.31 37.63 -102.96
C LYS D 84 18.98 36.81 -104.07
N PRO D 85 19.52 37.44 -105.16
CA PRO D 85 20.18 36.66 -106.21
C PRO D 85 21.46 35.97 -105.72
N ALA D 86 21.90 34.90 -106.43
CA ALA D 86 23.08 34.11 -106.08
C ALA D 86 24.37 34.98 -105.97
N ASP D 87 24.40 36.13 -106.67
CA ASP D 87 25.52 37.08 -106.71
C ASP D 87 25.45 38.11 -105.57
N ASP D 88 24.43 38.06 -104.70
CA ASP D 88 24.28 39.00 -103.58
C ASP D 88 25.39 38.83 -102.57
N PRO D 89 25.86 39.92 -101.91
CA PRO D 89 26.94 39.80 -100.90
C PRO D 89 26.71 38.77 -99.79
N THR D 90 25.43 38.45 -99.43
CA THR D 90 25.15 37.45 -98.36
C THR D 90 25.60 36.05 -98.77
N TYR D 91 25.68 35.78 -100.08
CA TYR D 91 26.07 34.47 -100.61
C TYR D 91 27.53 34.42 -101.07
N ARG D 92 28.37 35.45 -100.71
CA ARG D 92 29.79 35.56 -101.10
CA ARG D 92 29.79 35.58 -101.08
C ARG D 92 30.61 34.30 -100.74
N ASP D 93 30.32 33.66 -99.57
CA ASP D 93 31.05 32.45 -99.13
C ASP D 93 30.48 31.16 -99.74
N GLY D 94 29.57 31.27 -100.71
CA GLY D 94 28.94 30.15 -101.42
C GLY D 94 27.56 29.73 -100.93
N LEU D 95 26.81 29.08 -101.82
CA LEU D 95 25.45 28.61 -101.59
C LEU D 95 25.48 27.32 -100.83
N LYS D 96 24.74 27.25 -99.73
CA LYS D 96 24.65 26.10 -98.85
C LYS D 96 23.25 25.53 -98.94
N HIS D 97 23.15 24.21 -99.12
CA HIS D 97 21.85 23.54 -99.28
C HIS D 97 21.77 22.30 -98.43
N ASP D 98 22.04 22.42 -97.12
CA ASP D 98 21.93 21.25 -96.24
C ASP D 98 20.45 20.81 -96.23
N PRO D 99 20.20 19.48 -96.30
CA PRO D 99 18.81 19.00 -96.46
C PRO D 99 17.84 19.34 -95.35
N VAL D 100 16.56 19.52 -95.73
CA VAL D 100 15.42 19.75 -94.86
C VAL D 100 14.23 18.98 -95.43
N ASP D 101 13.15 18.86 -94.65
CA ASP D 101 11.86 18.35 -95.15
C ASP D 101 10.87 19.51 -95.07
N VAL D 102 9.95 19.61 -96.03
CA VAL D 102 8.91 20.61 -95.96
C VAL D 102 7.70 19.91 -95.30
N VAL D 103 7.26 20.39 -94.12
CA VAL D 103 6.09 19.84 -93.43
C VAL D 103 4.80 20.48 -94.03
N SER D 104 4.85 21.77 -94.30
CA SER D 104 3.71 22.58 -94.79
C SER D 104 4.26 23.80 -95.50
N ILE D 105 3.62 24.20 -96.60
CA ILE D 105 4.06 25.35 -97.39
C ILE D 105 2.81 26.00 -98.00
N TRP D 106 2.63 27.32 -97.86
CA TRP D 106 1.43 28.01 -98.36
C TRP D 106 1.67 29.49 -98.46
N LEU D 107 0.98 30.13 -99.40
CA LEU D 107 0.95 31.59 -99.53
C LEU D 107 -0.09 32.11 -98.56
N GLY D 108 0.27 33.08 -97.77
CA GLY D 108 -0.66 33.70 -96.83
C GLY D 108 -0.10 34.96 -96.20
N ARG D 109 -0.97 35.98 -96.04
CA ARG D 109 -0.74 37.27 -95.39
C ARG D 109 0.54 38.03 -95.90
N GLY D 110 0.80 37.96 -97.20
CA GLY D 110 1.92 38.63 -97.85
C GLY D 110 3.19 37.81 -97.93
N TYR D 111 3.13 36.56 -97.43
CA TYR D 111 4.31 35.73 -97.43
C TYR D 111 4.10 34.40 -98.08
N LEU D 112 5.22 33.75 -98.37
CA LEU D 112 5.34 32.35 -98.65
C LEU D 112 5.86 31.74 -97.32
N ASN D 113 4.93 31.09 -96.59
CA ASN D 113 5.19 30.49 -95.28
C ASN D 113 5.48 29.01 -95.42
N MSE D 114 6.30 28.47 -94.51
CA MSE D 114 6.59 27.06 -94.48
C MSE D 114 7.08 26.66 -93.14
O MSE D 114 7.81 27.41 -92.45
CB MSE D 114 7.61 26.65 -95.56
CG MSE D 114 9.04 27.13 -95.32
SE MSE D 114 10.08 27.07 -96.95
CE MSE D 114 9.23 28.61 -97.88
N ILE D 115 6.74 25.41 -92.80
CA ILE D 115 7.21 24.68 -91.65
C ILE D 115 8.21 23.67 -92.22
N LEU D 116 9.45 23.69 -91.71
CA LEU D 116 10.47 22.73 -92.11
C LEU D 116 10.76 21.75 -90.99
N ASN D 117 11.20 20.55 -91.36
CA ASN D 117 11.73 19.60 -90.36
C ASN D 117 13.20 19.40 -90.69
N LEU D 118 14.03 19.53 -89.68
CA LEU D 118 15.48 19.45 -89.69
C LEU D 118 15.95 18.38 -88.76
N LYS D 119 17.15 17.86 -89.01
CA LYS D 119 17.84 16.96 -88.09
C LYS D 119 19.02 17.80 -87.61
N VAL D 120 19.02 18.09 -86.31
CA VAL D 120 20.00 18.98 -85.65
C VAL D 120 20.68 18.27 -84.48
N ASN D 121 21.59 19.00 -83.83
CA ASN D 121 22.24 18.56 -82.60
C ASN D 121 22.21 19.81 -81.67
N GLY D 122 23.25 20.62 -81.72
CA GLY D 122 23.30 21.86 -80.97
C GLY D 122 24.60 22.62 -81.13
N GLY D 123 24.54 23.88 -80.68
CA GLY D 123 25.69 24.78 -80.67
C GLY D 123 26.10 25.36 -82.00
N LYS D 124 25.35 25.04 -83.06
CA LYS D 124 25.58 25.57 -84.40
C LYS D 124 24.33 26.25 -84.87
N GLN D 125 24.47 27.45 -85.44
CA GLN D 125 23.38 28.26 -86.01
C GLN D 125 23.00 27.72 -87.37
N HIS D 126 21.71 27.44 -87.55
CA HIS D 126 21.17 27.02 -88.84
C HIS D 126 20.72 28.28 -89.54
N VAL D 127 21.38 28.61 -90.65
CA VAL D 127 21.14 29.86 -91.38
C VAL D 127 20.32 29.53 -92.61
N PHE D 128 19.16 30.19 -92.74
CA PHE D 128 18.22 30.08 -93.84
C PHE D 128 18.23 31.34 -94.70
N GLY D 129 18.01 31.15 -95.99
CA GLY D 129 17.88 32.22 -96.97
C GLY D 129 17.09 31.73 -98.16
N ILE D 130 16.81 32.63 -99.10
CA ILE D 130 16.16 32.32 -100.36
C ILE D 130 17.04 32.83 -101.49
N VAL D 131 17.46 31.92 -102.37
CA VAL D 131 18.25 32.27 -103.55
C VAL D 131 17.25 32.53 -104.64
N GLU D 132 17.20 33.80 -105.02
CA GLU D 132 16.27 34.29 -106.02
C GLU D 132 16.84 34.21 -107.44
N ASP D 133 15.96 33.84 -108.37
CA ASP D 133 16.24 33.80 -109.80
C ASP D 133 15.06 34.47 -110.48
N LEU D 134 15.33 35.62 -111.12
CA LEU D 134 14.29 36.39 -111.74
C LEU D 134 14.38 36.34 -113.26
N SER D 135 15.07 35.34 -113.82
CA SER D 135 15.26 35.21 -115.28
C SER D 135 13.96 35.05 -116.04
N GLU D 136 12.92 34.46 -115.41
CA GLU D 136 11.65 34.30 -116.11
C GLU D 136 10.56 35.04 -115.38
N PHE D 137 10.94 36.12 -114.72
CA PHE D 137 10.01 36.99 -114.03
C PHE D 137 9.39 37.98 -114.98
N GLU D 138 10.20 38.69 -115.81
CA GLU D 138 9.62 39.66 -116.73
C GLU D 138 8.82 38.94 -117.82
N THR D 139 9.29 37.73 -118.26
CA THR D 139 8.67 36.92 -119.30
C THR D 139 7.43 36.15 -118.82
N ASN D 140 7.50 35.40 -117.71
CA ASN D 140 6.31 34.60 -117.33
C ASN D 140 5.68 34.94 -115.98
N GLY D 141 6.16 35.97 -115.29
CA GLY D 141 5.63 36.32 -113.98
C GLY D 141 6.08 35.34 -112.92
N THR D 142 7.11 34.54 -113.27
CA THR D 142 7.65 33.49 -112.42
C THR D 142 8.84 33.97 -111.61
N VAL D 143 8.78 33.71 -110.29
CA VAL D 143 9.89 33.90 -109.33
C VAL D 143 10.45 32.52 -109.02
N ASN D 144 11.72 32.29 -109.30
CA ASN D 144 12.35 31.02 -108.91
C ASN D 144 13.06 31.18 -107.54
N MSE D 145 12.69 30.34 -106.58
CA MSE D 145 13.26 30.40 -105.25
C MSE D 145 13.91 29.08 -104.90
O MSE D 145 13.31 28.01 -105.09
CB MSE D 145 12.20 30.73 -104.21
CG MSE D 145 11.57 32.10 -104.38
SE MSE D 145 10.48 32.42 -102.81
CE MSE D 145 9.82 34.18 -103.32
N LEU D 146 15.15 29.15 -104.43
CA LEU D 146 15.86 27.98 -103.94
C LEU D 146 16.20 28.22 -102.50
N LEU D 147 15.84 27.25 -101.63
CA LEU D 147 16.17 27.37 -100.22
C LEU D 147 17.67 27.27 -99.97
N TYR D 148 18.19 28.23 -99.23
CA TYR D 148 19.56 28.26 -98.73
C TYR D 148 19.49 27.78 -97.29
N HIS D 149 20.30 26.76 -96.96
CA HIS D 149 20.34 26.27 -95.60
C HIS D 149 21.77 25.86 -95.26
N ASP D 150 22.37 26.57 -94.31
CA ASP D 150 23.70 26.29 -93.79
C ASP D 150 23.56 25.77 -92.38
N ALA D 151 23.82 24.46 -92.18
CA ALA D 151 23.74 23.79 -90.88
C ALA D 151 25.01 24.01 -90.05
N ASN D 152 26.05 24.62 -90.66
CA ASN D 152 27.35 24.95 -90.05
C ASN D 152 27.98 23.71 -89.40
N GLY D 153 27.89 22.58 -90.08
CA GLY D 153 28.47 21.32 -89.62
C GLY D 153 27.71 20.62 -88.52
N ASP D 154 26.50 21.13 -88.12
CA ASP D 154 25.68 20.53 -87.07
C ASP D 154 25.31 19.11 -87.44
N GLU D 155 25.47 18.17 -86.48
CA GLU D 155 25.17 16.75 -86.71
C GLU D 155 23.66 16.55 -86.89
N GLU D 156 23.27 15.50 -87.63
CA GLU D 156 21.88 15.23 -87.94
C GLU D 156 21.35 14.19 -86.96
N TYR D 157 21.07 14.62 -85.71
CA TYR D 157 20.70 13.70 -84.65
C TYR D 157 19.22 13.72 -84.28
N TYR D 158 18.66 14.91 -84.02
CA TYR D 158 17.31 15.10 -83.50
C TYR D 158 16.44 15.95 -84.39
N ASN D 159 15.17 15.59 -84.51
CA ASN D 159 14.21 16.34 -85.32
C ASN D 159 13.83 17.63 -84.64
N ARG D 160 13.86 18.72 -85.39
CA ARG D 160 13.48 20.04 -84.93
C ARG D 160 12.80 20.79 -86.07
N ARG D 161 11.72 21.53 -85.77
CA ARG D 161 11.01 22.34 -86.74
C ARG D 161 11.63 23.71 -86.86
N ALA D 162 11.54 24.28 -88.05
CA ALA D 162 11.97 25.64 -88.34
C ALA D 162 10.81 26.30 -89.08
N TYR D 163 10.60 27.58 -88.86
CA TYR D 163 9.49 28.37 -89.40
C TYR D 163 10.04 29.52 -90.18
N LEU D 164 9.66 29.61 -91.43
CA LEU D 164 10.07 30.64 -92.40
C LEU D 164 8.90 31.35 -92.98
N SER D 165 8.99 32.67 -93.07
CA SER D 165 7.97 33.49 -93.72
C SER D 165 8.69 34.35 -94.76
N VAL D 166 8.61 33.99 -96.05
CA VAL D 166 9.30 34.73 -97.11
C VAL D 166 8.49 35.95 -97.53
N PRO D 167 8.94 37.18 -97.27
CA PRO D 167 8.14 38.35 -97.68
C PRO D 167 8.05 38.49 -99.22
N LEU D 168 6.84 38.72 -99.77
CA LEU D 168 6.63 38.84 -101.26
C LEU D 168 6.36 40.26 -101.78
N ASP D 169 6.44 41.25 -100.89
CA ASP D 169 6.20 42.68 -101.18
C ASP D 169 6.98 43.22 -102.39
N LYS D 170 8.22 42.75 -102.60
CA LYS D 170 9.10 43.20 -103.67
C LYS D 170 8.59 42.80 -105.08
N TYR D 171 7.59 41.90 -105.15
CA TYR D 171 7.04 41.43 -106.43
C TYR D 171 5.76 42.19 -106.84
N ALA D 172 5.17 42.91 -105.88
CA ALA D 172 4.01 43.75 -106.11
C ALA D 172 4.44 45.03 -106.83
N ASP D 173 3.73 45.38 -107.92
CA ASP D 173 4.00 46.57 -108.70
C ASP D 173 2.76 47.46 -108.64
N ALA D 174 2.90 48.61 -107.96
CA ALA D 174 1.83 49.60 -107.76
C ALA D 174 1.32 50.18 -109.09
N GLU D 175 2.23 50.36 -110.08
CA GLU D 175 1.90 50.88 -111.40
C GLU D 175 1.49 49.75 -112.38
N ASN D 176 1.43 48.49 -111.88
CA ASN D 176 1.01 47.33 -112.67
C ASN D 176 0.09 46.43 -111.79
N PRO D 177 -1.14 46.89 -111.45
CA PRO D 177 -1.99 46.07 -110.58
C PRO D 177 -2.74 44.96 -111.36
N GLY D 178 -3.05 43.87 -110.64
CA GLY D 178 -3.75 42.72 -111.19
C GLY D 178 -2.84 41.69 -111.84
N GLN D 179 -1.52 41.92 -111.74
CA GLN D 179 -0.44 41.09 -112.28
C GLN D 179 -0.43 39.74 -111.57
N LYS D 180 -0.49 38.63 -112.32
CA LYS D 180 -0.50 37.26 -111.81
C LYS D 180 0.93 36.74 -111.73
N ILE D 181 1.40 36.46 -110.48
CA ILE D 181 2.76 35.99 -110.14
C ILE D 181 2.75 34.51 -109.72
N THR D 182 3.79 33.74 -110.14
CA THR D 182 3.97 32.32 -109.82
C THR D 182 5.30 32.15 -109.10
N ILE D 183 5.28 31.65 -107.84
CA ILE D 183 6.48 31.35 -107.07
C ILE D 183 6.78 29.84 -107.21
N LYS D 184 7.98 29.52 -107.69
CA LYS D 184 8.41 28.11 -107.87
C LYS D 184 9.51 27.86 -106.87
N PHE D 185 9.20 27.15 -105.79
CA PHE D 185 10.12 26.92 -104.71
C PHE D 185 10.80 25.54 -104.80
N LYS D 186 12.13 25.55 -104.75
CA LYS D 186 13.00 24.35 -104.76
C LYS D 186 13.77 24.28 -103.45
N TYR D 187 14.14 23.09 -103.04
CA TYR D 187 14.93 22.87 -101.82
C TYR D 187 15.61 21.51 -101.90
N TYR D 188 16.75 21.38 -101.24
CA TYR D 188 17.46 20.09 -101.13
C TYR D 188 16.91 19.31 -99.94
N THR D 189 16.65 18.03 -100.18
CA THR D 189 16.10 17.10 -99.21
C THR D 189 16.75 15.73 -99.41
N TYR D 190 16.60 14.84 -98.45
CA TYR D 190 17.12 13.49 -98.60
C TYR D 190 16.08 12.62 -99.25
N ASP D 191 16.51 11.73 -100.15
CA ASP D 191 15.60 10.74 -100.72
C ASP D 191 15.49 9.54 -99.73
N LYS D 192 14.75 8.46 -100.13
CA LYS D 192 14.58 7.23 -99.35
C LYS D 192 15.92 6.59 -98.91
N ASP D 193 16.98 6.77 -99.72
CA ASP D 193 18.34 6.19 -99.51
C ASP D 193 19.33 7.10 -98.75
N GLY D 194 18.88 8.30 -98.37
CA GLY D 194 19.75 9.26 -97.70
C GLY D 194 20.65 10.07 -98.61
N THR D 195 20.28 10.18 -99.89
CA THR D 195 21.00 10.98 -100.88
C THR D 195 20.34 12.35 -100.96
N ALA D 196 21.15 13.41 -100.88
CA ALA D 196 20.65 14.78 -100.96
C ALA D 196 20.30 15.10 -102.40
N ILE D 197 19.02 15.44 -102.66
CA ILE D 197 18.54 15.76 -104.00
C ILE D 197 17.80 17.11 -103.98
N GLU D 198 17.83 17.85 -105.13
CA GLU D 198 17.07 19.08 -105.28
C GLU D 198 15.65 18.69 -105.65
N SER D 199 14.67 19.05 -104.81
CA SER D 199 13.25 18.73 -105.03
C SER D 199 12.53 19.87 -105.73
N GLY D 200 11.88 19.52 -106.83
CA GLY D 200 11.08 20.45 -107.62
C GLY D 200 9.59 20.19 -107.41
N LYS D 201 9.25 19.43 -106.34
CA LYS D 201 7.92 19.06 -105.87
C LYS D 201 6.94 20.27 -105.89
N TYR D 202 7.39 21.45 -105.41
CA TYR D 202 6.54 22.65 -105.29
C TYR D 202 6.70 23.65 -106.47
N CYS D 203 7.24 23.17 -107.62
CA CYS D 203 7.45 23.96 -108.85
C CYS D 203 6.40 23.68 -109.89
N ASN D 204 5.71 22.53 -109.78
CA ASN D 204 4.69 22.15 -110.76
C ASN D 204 3.31 22.06 -110.10
N PRO D 205 2.42 23.05 -110.34
CA PRO D 205 2.57 24.24 -111.21
C PRO D 205 3.22 25.46 -110.52
N GLY D 206 3.46 25.37 -109.22
CA GLY D 206 4.01 26.46 -108.43
C GLY D 206 2.89 27.19 -107.71
N PHE D 207 3.20 28.25 -107.01
CA PHE D 207 2.19 28.98 -106.23
C PHE D 207 1.87 30.26 -106.92
N GLU D 208 0.68 30.29 -107.52
CA GLU D 208 0.17 31.39 -108.34
C GLU D 208 -0.83 32.19 -107.56
N TYR D 209 -0.70 33.51 -107.67
CA TYR D 209 -1.50 34.51 -106.97
C TYR D 209 -1.38 35.89 -107.63
N VAL D 210 -2.10 36.89 -107.07
CA VAL D 210 -2.15 38.27 -107.53
C VAL D 210 -1.83 39.19 -106.34
N PRO D 211 -0.63 39.86 -106.31
CA PRO D 211 -0.30 40.71 -105.16
C PRO D 211 -1.15 41.97 -105.07
N ASP D 212 -2.38 41.83 -104.49
CA ASP D 212 -3.33 42.93 -104.28
C ASP D 212 -4.15 42.69 -103.00
N PRO E 8 -6.13 4.75 3.79
CA PRO E 8 -5.77 3.33 3.72
C PRO E 8 -4.47 3.04 2.96
N SER E 9 -3.82 1.91 3.31
CA SER E 9 -2.56 1.42 2.72
C SER E 9 -2.73 1.11 1.21
N VAL E 10 -3.88 0.50 0.84
CA VAL E 10 -4.24 0.17 -0.54
C VAL E 10 -5.34 1.13 -1.00
N LYS E 11 -5.12 1.81 -2.14
CA LYS E 11 -6.09 2.75 -2.72
C LYS E 11 -7.19 1.89 -3.38
N LEU E 12 -8.46 2.08 -2.94
CA LEU E 12 -9.58 1.29 -3.43
C LEU E 12 -10.53 2.15 -4.18
N GLU E 13 -11.17 1.56 -5.20
CA GLU E 13 -12.14 2.21 -6.05
C GLU E 13 -13.45 1.45 -6.07
N PHE E 14 -14.57 2.15 -6.31
CA PHE E 14 -15.93 1.62 -6.49
C PHE E 14 -15.99 1.18 -7.92
N VAL E 15 -16.15 -0.12 -8.14
CA VAL E 15 -16.18 -0.73 -9.47
C VAL E 15 -17.26 -1.79 -9.48
N THR E 16 -17.54 -2.34 -10.66
CA THR E 16 -18.43 -3.44 -10.86
C THR E 16 -17.57 -4.55 -11.50
N VAL E 17 -17.67 -5.79 -11.02
CA VAL E 17 -16.94 -6.91 -11.62
C VAL E 17 -17.96 -7.92 -12.21
N LYS E 18 -17.64 -8.53 -13.37
CA LYS E 18 -18.48 -9.52 -14.04
C LYS E 18 -17.78 -10.84 -14.13
N ALA E 19 -18.46 -11.92 -13.74
CA ALA E 19 -17.90 -13.27 -13.82
C ALA E 19 -18.32 -14.03 -15.08
N GLY E 20 -17.45 -14.92 -15.52
CA GLY E 20 -17.71 -15.80 -16.65
C GLY E 20 -18.47 -17.04 -16.22
N THR E 21 -18.51 -18.08 -17.08
CA THR E 21 -19.23 -19.31 -16.72
C THR E 21 -18.53 -20.08 -15.61
N ASP E 22 -17.22 -19.86 -15.40
CA ASP E 22 -16.47 -20.56 -14.35
C ASP E 22 -16.44 -19.76 -13.03
N GLY E 23 -17.08 -18.59 -12.99
CA GLY E 23 -17.10 -17.76 -11.81
C GLY E 23 -15.92 -16.81 -11.68
N SER E 24 -14.86 -16.97 -12.52
CA SER E 24 -13.67 -16.09 -12.54
C SER E 24 -14.04 -14.69 -13.04
N ILE E 25 -13.33 -13.64 -12.57
CA ILE E 25 -13.61 -12.26 -12.94
C ILE E 25 -13.10 -12.03 -14.37
N GLN E 26 -14.02 -11.70 -15.28
CA GLN E 26 -13.74 -11.52 -16.70
C GLN E 26 -13.70 -10.04 -17.10
N THR E 27 -14.52 -9.22 -16.46
CA THR E 27 -14.63 -7.79 -16.79
C THR E 27 -14.70 -6.93 -15.52
N LEU E 28 -14.05 -5.76 -15.57
CA LEU E 28 -14.08 -4.76 -14.52
C LEU E 28 -14.64 -3.49 -15.15
N ILE E 29 -15.67 -2.93 -14.53
CA ILE E 29 -16.32 -1.73 -15.03
C ILE E 29 -16.10 -0.60 -14.02
N PRO E 30 -15.19 0.36 -14.32
CA PRO E 30 -14.97 1.48 -13.39
C PRO E 30 -16.18 2.41 -13.36
N ASP E 31 -16.32 3.22 -12.32
CA ASP E 31 -17.41 4.20 -12.28
C ASP E 31 -17.18 5.32 -13.31
N ASN E 32 -15.90 5.73 -13.44
CA ASN E 32 -15.39 6.82 -14.29
C ASN E 32 -15.21 6.46 -15.78
N GLY E 33 -15.03 5.18 -16.11
CA GLY E 33 -14.80 4.80 -17.50
C GLY E 33 -15.63 3.68 -18.07
N GLU E 34 -15.22 3.21 -19.26
CA GLU E 34 -15.80 2.10 -20.00
C GLU E 34 -15.27 0.77 -19.43
N ALA E 35 -15.98 -0.32 -19.69
CA ALA E 35 -15.66 -1.67 -19.26
C ALA E 35 -14.30 -2.13 -19.77
N LEU E 36 -13.58 -2.88 -18.92
CA LEU E 36 -12.25 -3.42 -19.20
C LEU E 36 -12.22 -4.92 -19.07
N THR E 37 -11.60 -5.59 -20.05
CA THR E 37 -11.38 -7.04 -19.97
C THR E 37 -10.28 -7.23 -18.92
N VAL E 38 -10.46 -8.19 -18.01
CA VAL E 38 -9.48 -8.46 -16.98
C VAL E 38 -8.40 -9.36 -17.59
N SER E 39 -7.18 -8.83 -17.82
CA SER E 39 -6.10 -9.62 -18.40
C SER E 39 -5.48 -10.51 -17.33
N LYS E 40 -5.54 -10.08 -16.06
CA LYS E 40 -5.00 -10.85 -14.95
C LYS E 40 -5.73 -10.49 -13.65
N ASP E 41 -6.27 -11.50 -12.96
CA ASP E 41 -6.89 -11.32 -11.65
C ASP E 41 -5.93 -11.96 -10.67
N ARG E 42 -5.06 -11.14 -10.06
CA ARG E 42 -4.05 -11.64 -9.13
C ARG E 42 -4.67 -12.12 -7.80
N THR E 43 -5.96 -11.78 -7.53
CA THR E 43 -6.64 -12.20 -6.29
C THR E 43 -7.16 -13.64 -6.41
N GLY E 44 -7.33 -14.15 -7.62
CA GLY E 44 -7.92 -15.47 -7.83
C GLY E 44 -9.33 -15.57 -7.25
N SER E 45 -10.10 -14.49 -7.36
CA SER E 45 -11.47 -14.43 -6.86
C SER E 45 -12.42 -15.22 -7.75
N ALA E 46 -13.53 -15.64 -7.14
CA ALA E 46 -14.58 -16.37 -7.82
C ALA E 46 -15.92 -15.96 -7.23
N ILE E 47 -16.82 -15.45 -8.09
CA ILE E 47 -18.17 -15.09 -7.63
C ILE E 47 -19.14 -16.06 -8.31
N SER E 48 -20.48 -15.87 -8.12
CA SER E 48 -21.45 -16.77 -8.77
C SER E 48 -21.30 -16.66 -10.32
N PRO E 49 -21.22 -17.80 -11.04
CA PRO E 49 -21.04 -17.73 -12.50
C PRO E 49 -22.08 -16.87 -13.20
N ASN E 50 -21.61 -16.06 -14.17
CA ASN E 50 -22.40 -15.16 -15.01
C ASN E 50 -23.13 -14.08 -14.21
N THR E 51 -22.53 -13.60 -13.13
CA THR E 51 -23.16 -12.53 -12.33
C THR E 51 -22.25 -11.33 -12.31
N SER E 52 -22.79 -10.18 -11.84
CA SER E 52 -22.11 -8.91 -11.64
C SER E 52 -22.24 -8.53 -10.21
N ARG E 53 -21.16 -7.97 -9.65
CA ARG E 53 -21.15 -7.48 -8.27
C ARG E 53 -20.55 -6.11 -8.18
N ARG E 54 -21.12 -5.26 -7.30
CA ARG E 54 -20.66 -3.92 -6.90
C ARG E 54 -19.64 -4.17 -5.78
N VAL E 55 -18.37 -3.86 -6.02
CA VAL E 55 -17.27 -4.16 -5.09
C VAL E 55 -16.24 -3.03 -5.01
N MSE E 56 -15.32 -3.11 -4.01
CA MSE E 56 -14.19 -2.20 -3.84
C MSE E 56 -12.97 -2.87 -4.45
O MSE E 56 -12.65 -4.00 -4.06
CB MSE E 56 -13.93 -1.84 -2.35
CG MSE E 56 -15.05 -1.04 -1.68
SE MSE E 56 -15.46 0.61 -2.68
CE MSE E 56 -13.74 1.41 -2.41
N SER E 57 -12.30 -2.23 -5.43
CA SER E 57 -11.11 -2.87 -6.00
C SER E 57 -9.85 -2.00 -6.03
N ASN E 58 -8.67 -2.66 -5.93
CA ASN E 58 -7.37 -2.10 -6.28
C ASN E 58 -6.99 -2.77 -7.60
N TYR E 59 -6.96 -1.99 -8.67
CA TYR E 59 -6.65 -2.53 -9.98
C TYR E 59 -5.87 -1.48 -10.78
N GLU E 60 -5.21 -1.93 -11.85
CA GLU E 60 -4.59 -0.97 -12.74
C GLU E 60 -5.00 -1.27 -14.19
N THR E 61 -5.04 -0.20 -14.99
CA THR E 61 -5.38 -0.20 -16.39
C THR E 61 -4.08 -0.27 -17.18
N LEU E 62 -3.96 -1.22 -18.09
CA LEU E 62 -2.81 -1.34 -18.98
C LEU E 62 -3.26 -0.98 -20.37
N SER E 63 -2.71 0.08 -20.93
CA SER E 63 -3.13 0.56 -22.23
C SER E 63 -2.05 0.39 -23.29
N ASN E 64 -2.48 0.18 -24.53
CA ASN E 64 -1.57 0.12 -25.67
C ASN E 64 -1.76 1.37 -26.51
N GLY E 65 -2.51 2.33 -25.96
CA GLY E 65 -2.80 3.62 -26.59
C GLY E 65 -4.08 3.64 -27.39
N HIS E 66 -4.73 2.48 -27.51
CA HIS E 66 -5.98 2.30 -28.26
C HIS E 66 -6.99 1.58 -27.38
N THR E 67 -6.58 0.44 -26.84
CA THR E 67 -7.41 -0.38 -25.99
C THR E 67 -6.67 -0.62 -24.66
N ALA E 68 -7.41 -1.07 -23.66
CA ALA E 68 -6.85 -1.31 -22.36
C ALA E 68 -7.46 -2.53 -21.74
N THR E 69 -6.75 -3.11 -20.75
CA THR E 69 -7.19 -4.25 -19.97
C THR E 69 -6.96 -3.92 -18.51
N ALA E 70 -7.58 -4.69 -17.61
CA ALA E 70 -7.42 -4.48 -16.20
C ALA E 70 -6.65 -5.63 -15.56
N VAL E 71 -5.79 -5.30 -14.59
CA VAL E 71 -5.08 -6.21 -13.72
C VAL E 71 -5.61 -5.92 -12.33
N ILE E 72 -6.24 -6.91 -11.70
CA ILE E 72 -6.84 -6.76 -10.36
C ILE E 72 -5.84 -7.19 -9.31
N TYR E 73 -5.57 -6.31 -8.34
CA TYR E 73 -4.66 -6.58 -7.24
C TYR E 73 -5.40 -6.92 -5.96
N SER E 74 -6.58 -6.34 -5.74
CA SER E 74 -7.42 -6.66 -4.59
C SER E 74 -8.92 -6.45 -4.92
N LEU E 75 -9.79 -7.26 -4.29
CA LEU E 75 -11.25 -7.26 -4.36
C LEU E 75 -11.83 -7.47 -2.98
N GLN E 76 -12.89 -6.73 -2.67
CA GLN E 76 -13.62 -6.85 -1.42
C GLN E 76 -15.02 -6.32 -1.61
N SER E 77 -15.92 -6.88 -0.82
CA SER E 77 -17.31 -6.49 -0.86
C SER E 77 -17.52 -5.10 -0.25
N LEU E 78 -18.65 -4.52 -0.60
CA LEU E 78 -19.12 -3.26 -0.05
C LEU E 78 -20.59 -3.49 0.28
N VAL E 79 -21.16 -2.64 1.13
CA VAL E 79 -22.55 -2.78 1.54
C VAL E 79 -23.42 -2.09 0.50
N THR E 80 -24.46 -2.79 0.02
CA THR E 80 -25.46 -2.23 -0.91
C THR E 80 -26.81 -2.23 -0.19
N PRO E 81 -27.06 -1.29 0.75
CA PRO E 81 -28.33 -1.32 1.49
C PRO E 81 -29.49 -0.75 0.67
N THR E 82 -30.57 -1.52 0.57
CA THR E 82 -31.76 -1.04 -0.13
C THR E 82 -32.53 -0.17 0.88
N PRO E 83 -32.88 1.08 0.52
CA PRO E 83 -33.65 1.93 1.46
C PRO E 83 -34.99 1.26 1.81
N LYS E 84 -35.27 1.17 3.12
CA LYS E 84 -36.47 0.54 3.62
C LYS E 84 -37.15 1.42 4.67
N PRO E 85 -38.51 1.45 4.76
CA PRO E 85 -39.18 2.28 5.78
C PRO E 85 -38.90 1.78 7.20
N ALA E 86 -39.06 2.65 8.21
CA ALA E 86 -38.81 2.32 9.62
C ALA E 86 -39.66 1.12 10.12
N ASP E 87 -40.82 0.88 9.45
CA ASP E 87 -41.78 -0.19 9.75
C ASP E 87 -41.40 -1.52 9.05
N ASP E 88 -40.30 -1.55 8.27
CA ASP E 88 -39.84 -2.77 7.57
C ASP E 88 -39.39 -3.83 8.58
N PRO E 89 -39.66 -5.13 8.31
CA PRO E 89 -39.25 -6.19 9.25
C PRO E 89 -37.76 -6.20 9.65
N THR E 90 -36.83 -5.66 8.82
CA THR E 90 -35.40 -5.63 9.19
C THR E 90 -35.15 -4.73 10.40
N TYR E 91 -36.03 -3.73 10.63
CA TYR E 91 -35.88 -2.77 11.72
C TYR E 91 -36.76 -3.13 12.93
N ARG E 92 -37.25 -4.39 12.99
CA ARG E 92 -38.10 -4.91 14.06
C ARG E 92 -37.49 -4.75 15.47
N ASP E 93 -36.17 -4.95 15.59
CA ASP E 93 -35.45 -4.85 16.87
C ASP E 93 -35.05 -3.41 17.22
N GLY E 94 -35.52 -2.44 16.43
CA GLY E 94 -35.25 -1.02 16.67
C GLY E 94 -34.18 -0.41 15.79
N LEU E 95 -34.26 0.90 15.60
CA LEU E 95 -33.31 1.64 14.78
C LEU E 95 -32.04 1.87 15.57
N LYS E 96 -30.89 1.55 14.95
CA LYS E 96 -29.58 1.71 15.56
C LYS E 96 -28.82 2.76 14.81
N HIS E 97 -28.21 3.69 15.56
CA HIS E 97 -27.50 4.80 14.95
C HIS E 97 -26.15 5.04 15.62
N ASP E 98 -25.31 4.02 15.68
CA ASP E 98 -23.96 4.14 16.25
C ASP E 98 -23.16 5.13 15.36
N PRO E 99 -22.40 6.08 15.96
CA PRO E 99 -21.79 7.15 15.16
C PRO E 99 -20.78 6.70 14.13
N VAL E 100 -20.73 7.48 13.04
CA VAL E 100 -19.78 7.34 11.93
C VAL E 100 -19.39 8.75 11.48
N ASP E 101 -18.34 8.86 10.65
CA ASP E 101 -17.98 10.09 9.96
C ASP E 101 -18.15 9.82 8.48
N VAL E 102 -18.61 10.81 7.71
CA VAL E 102 -18.70 10.66 6.26
C VAL E 102 -17.42 11.26 5.70
N VAL E 103 -16.61 10.44 5.00
CA VAL E 103 -15.35 10.91 4.40
C VAL E 103 -15.63 11.55 3.04
N SER E 104 -16.45 10.88 2.23
CA SER E 104 -16.81 11.29 0.87
C SER E 104 -18.17 10.72 0.56
N ILE E 105 -19.01 11.46 -0.15
CA ILE E 105 -20.38 11.07 -0.51
C ILE E 105 -20.72 11.69 -1.87
N TRP E 106 -21.28 10.89 -2.79
CA TRP E 106 -21.61 11.37 -4.13
C TRP E 106 -22.53 10.44 -4.85
N LEU E 107 -23.21 10.96 -5.87
CA LEU E 107 -24.04 10.17 -6.75
C LEU E 107 -23.18 9.64 -7.89
N GLY E 108 -23.35 8.38 -8.25
CA GLY E 108 -22.63 7.76 -9.35
C GLY E 108 -23.06 6.36 -9.70
N ARG E 109 -23.21 6.08 -11.02
CA ARG E 109 -23.58 4.79 -11.64
C ARG E 109 -24.85 4.15 -11.01
N GLY E 110 -25.85 4.97 -10.72
CA GLY E 110 -27.13 4.53 -10.16
C GLY E 110 -27.17 4.33 -8.67
N TYR E 111 -26.10 4.76 -7.98
CA TYR E 111 -25.98 4.63 -6.54
C TYR E 111 -25.72 5.96 -5.84
N LEU E 112 -25.99 6.00 -4.54
CA LEU E 112 -25.55 7.05 -3.63
C LEU E 112 -24.35 6.41 -2.94
N ASN E 113 -23.15 6.78 -3.38
CA ASN E 113 -21.93 6.19 -2.84
C ASN E 113 -21.41 6.99 -1.69
N MSE E 114 -20.78 6.32 -0.71
CA MSE E 114 -20.14 6.99 0.42
C MSE E 114 -19.04 6.14 1.05
O MSE E 114 -19.13 4.91 1.09
CB MSE E 114 -21.16 7.43 1.50
CG MSE E 114 -21.79 6.30 2.31
SE MSE E 114 -23.34 6.92 3.32
CE MSE E 114 -24.60 7.06 1.85
N ILE E 115 -18.02 6.83 1.55
CA ILE E 115 -16.92 6.30 2.33
C ILE E 115 -17.13 6.78 3.75
N LEU E 116 -17.20 5.85 4.70
CA LEU E 116 -17.40 6.20 6.11
C LEU E 116 -16.16 5.93 6.90
N ASN E 117 -15.97 6.64 8.01
CA ASN E 117 -14.93 6.32 8.96
C ASN E 117 -15.62 5.91 10.26
N LEU E 118 -15.22 4.74 10.76
CA LEU E 118 -15.71 4.06 11.95
C LEU E 118 -14.61 3.84 12.94
N LYS E 119 -14.97 3.67 14.20
CA LYS E 119 -14.06 3.29 15.26
C LYS E 119 -14.56 1.91 15.68
N VAL E 120 -13.74 0.89 15.44
CA VAL E 120 -14.06 -0.53 15.65
C VAL E 120 -13.07 -1.22 16.59
N ASN E 121 -13.29 -2.49 16.84
CA ASN E 121 -12.38 -3.38 17.55
C ASN E 121 -12.34 -4.69 16.75
N GLY E 122 -13.25 -5.62 17.08
CA GLY E 122 -13.33 -6.90 16.38
C GLY E 122 -14.36 -7.86 16.95
N GLY E 123 -14.65 -8.90 16.18
CA GLY E 123 -15.58 -9.97 16.55
C GLY E 123 -17.05 -9.62 16.53
N LYS E 124 -17.38 -8.38 16.17
CA LYS E 124 -18.74 -7.90 16.06
C LYS E 124 -18.98 -7.37 14.66
N GLN E 125 -20.12 -7.76 14.08
CA GLN E 125 -20.54 -7.35 12.74
C GLN E 125 -21.15 -5.96 12.81
N HIS E 126 -20.65 -5.05 11.96
CA HIS E 126 -21.20 -3.72 11.83
C HIS E 126 -22.24 -3.80 10.74
N VAL E 127 -23.51 -3.59 11.12
CA VAL E 127 -24.64 -3.71 10.21
C VAL E 127 -25.07 -2.31 9.78
N PHE E 128 -25.12 -2.09 8.46
CA PHE E 128 -25.56 -0.83 7.84
C PHE E 128 -26.86 -1.01 7.11
N GLY E 129 -27.65 0.06 7.08
CA GLY E 129 -28.92 0.11 6.39
C GLY E 129 -29.30 1.55 6.12
N ILE E 130 -30.39 1.75 5.37
CA ILE E 130 -30.91 3.07 5.06
C ILE E 130 -32.38 3.09 5.48
N VAL E 131 -32.73 3.99 6.42
CA VAL E 131 -34.11 4.17 6.87
C VAL E 131 -34.73 5.20 5.93
N GLU E 132 -35.74 4.77 5.18
CA GLU E 132 -36.40 5.57 4.15
C GLU E 132 -37.68 6.22 4.66
N ASP E 133 -37.82 7.52 4.34
CA ASP E 133 -39.02 8.32 4.60
C ASP E 133 -39.43 8.98 3.29
N LEU E 134 -40.61 8.63 2.77
CA LEU E 134 -41.10 9.17 1.50
C LEU E 134 -42.26 10.14 1.70
N SER E 135 -42.40 10.73 2.91
CA SER E 135 -43.49 11.66 3.24
C SER E 135 -43.55 12.90 2.33
N GLU E 136 -42.41 13.34 1.80
CA GLU E 136 -42.32 14.51 0.91
C GLU E 136 -42.17 14.12 -0.57
N PHE E 137 -42.11 12.81 -0.88
CA PHE E 137 -41.85 12.33 -2.24
C PHE E 137 -42.91 12.75 -3.27
N GLU E 138 -44.20 12.75 -2.90
CA GLU E 138 -45.25 13.18 -3.82
C GLU E 138 -45.32 14.71 -3.86
N THR E 139 -44.96 15.36 -2.74
CA THR E 139 -44.98 16.81 -2.57
C THR E 139 -43.90 17.49 -3.44
N ASN E 140 -42.59 17.07 -3.31
CA ASN E 140 -41.49 17.73 -4.03
C ASN E 140 -40.38 16.79 -4.52
N GLY E 141 -40.65 15.49 -4.56
CA GLY E 141 -39.68 14.49 -5.01
C GLY E 141 -38.52 14.23 -4.07
N THR E 142 -38.67 14.63 -2.79
CA THR E 142 -37.64 14.45 -1.79
C THR E 142 -37.69 13.05 -1.18
N VAL E 143 -36.51 12.39 -1.15
CA VAL E 143 -36.30 11.08 -0.54
C VAL E 143 -35.45 11.32 0.72
N ASN E 144 -36.03 11.07 1.89
CA ASN E 144 -35.30 11.22 3.15
C ASN E 144 -34.65 9.89 3.52
N MSE E 145 -33.35 9.94 3.79
CA MSE E 145 -32.57 8.76 4.14
C MSE E 145 -31.82 8.96 5.43
O MSE E 145 -31.15 9.98 5.61
CB MSE E 145 -31.57 8.42 3.02
CG MSE E 145 -32.19 8.01 1.71
SE MSE E 145 -30.79 7.37 0.51
CE MSE E 145 -31.92 7.09 -1.05
N LEU E 146 -31.94 8.01 6.34
CA LEU E 146 -31.24 8.03 7.60
C LEU E 146 -30.38 6.80 7.68
N LEU E 147 -29.08 6.97 7.98
CA LEU E 147 -28.18 5.84 8.10
C LEU E 147 -28.50 5.05 9.35
N TYR E 148 -28.65 3.74 9.15
CA TYR E 148 -28.80 2.76 10.20
C TYR E 148 -27.41 2.16 10.39
N HIS E 149 -26.89 2.16 11.62
CA HIS E 149 -25.61 1.54 11.92
C HIS E 149 -25.68 0.87 13.28
N ASP E 150 -25.55 -0.45 13.28
CA ASP E 150 -25.51 -1.27 14.48
C ASP E 150 -24.09 -1.81 14.62
N ALA E 151 -23.34 -1.31 15.62
CA ALA E 151 -21.96 -1.72 15.91
C ALA E 151 -21.94 -2.99 16.75
N ASN E 152 -23.13 -3.46 17.21
CA ASN E 152 -23.31 -4.67 18.02
C ASN E 152 -22.39 -4.69 19.25
N GLY E 153 -22.28 -3.52 19.91
CA GLY E 153 -21.47 -3.34 21.11
C GLY E 153 -19.97 -3.32 20.91
N ASP E 154 -19.51 -3.28 19.63
CA ASP E 154 -18.08 -3.23 19.29
C ASP E 154 -17.47 -1.97 19.85
N GLU E 155 -16.30 -2.10 20.51
CA GLU E 155 -15.59 -0.98 21.15
C GLU E 155 -15.06 -0.03 20.07
N GLU E 156 -14.94 1.26 20.42
CA GLU E 156 -14.47 2.28 19.49
C GLU E 156 -12.96 2.49 19.68
N TYR E 157 -12.15 1.54 19.17
CA TYR E 157 -10.71 1.52 19.36
C TYR E 157 -9.89 1.98 18.14
N TYR E 158 -10.15 1.41 16.97
CA TYR E 158 -9.35 1.64 15.77
C TYR E 158 -10.17 2.18 14.62
N ASN E 159 -9.58 3.10 13.86
CA ASN E 159 -10.25 3.70 12.70
C ASN E 159 -10.29 2.69 11.57
N ARG E 160 -11.45 2.55 10.95
CA ARG E 160 -11.67 1.65 9.83
C ARG E 160 -12.66 2.29 8.89
N ARG E 161 -12.43 2.17 7.59
CA ARG E 161 -13.32 2.69 6.60
C ARG E 161 -14.37 1.66 6.26
N ALA E 162 -15.55 2.13 5.92
CA ALA E 162 -16.66 1.32 5.42
C ALA E 162 -17.14 1.94 4.13
N TYR E 163 -17.59 1.11 3.20
CA TYR E 163 -17.98 1.53 1.88
C TYR E 163 -19.40 1.11 1.61
N LEU E 164 -20.26 2.09 1.24
CA LEU E 164 -21.70 1.89 0.94
C LEU E 164 -22.05 2.42 -0.44
N SER E 165 -22.91 1.71 -1.16
CA SER E 165 -23.43 2.08 -2.46
C SER E 165 -24.91 1.82 -2.38
N VAL E 166 -25.69 2.85 -2.07
CA VAL E 166 -27.14 2.77 -1.94
C VAL E 166 -27.78 2.71 -3.33
N PRO E 167 -28.43 1.60 -3.74
CA PRO E 167 -29.10 1.55 -5.07
C PRO E 167 -30.29 2.52 -5.16
N LEU E 168 -30.41 3.26 -6.27
CA LEU E 168 -31.46 4.27 -6.43
C LEU E 168 -32.46 3.95 -7.56
N ASP E 169 -32.46 2.70 -8.03
CA ASP E 169 -33.32 2.22 -9.12
C ASP E 169 -34.81 2.26 -8.76
N LYS E 170 -35.14 2.10 -7.47
CA LYS E 170 -36.53 2.09 -6.97
C LYS E 170 -37.22 3.46 -7.09
N TYR E 171 -36.45 4.53 -7.36
CA TYR E 171 -36.98 5.88 -7.49
C TYR E 171 -37.25 6.26 -8.93
N ALA E 172 -36.74 5.48 -9.89
CA ALA E 172 -36.99 5.70 -11.31
C ALA E 172 -38.41 5.28 -11.67
N ASP E 173 -39.13 6.18 -12.38
CA ASP E 173 -40.50 5.96 -12.84
C ASP E 173 -40.54 6.05 -14.36
N ALA E 174 -40.74 4.90 -15.01
CA ALA E 174 -40.79 4.75 -16.46
C ALA E 174 -41.96 5.54 -17.07
N GLU E 175 -43.10 5.60 -16.35
CA GLU E 175 -44.30 6.32 -16.80
C GLU E 175 -44.26 7.82 -16.36
N ASN E 176 -43.15 8.26 -15.74
CA ASN E 176 -42.95 9.65 -15.30
C ASN E 176 -41.48 10.04 -15.58
N PRO E 177 -41.07 10.20 -16.88
CA PRO E 177 -39.65 10.50 -17.17
C PRO E 177 -39.28 11.97 -17.00
N GLY E 178 -38.01 12.21 -16.66
CA GLY E 178 -37.46 13.54 -16.45
C GLY E 178 -37.67 14.09 -15.06
N GLN E 179 -38.20 13.23 -14.16
CA GLN E 179 -38.51 13.50 -12.76
C GLN E 179 -37.20 13.75 -11.99
N LYS E 180 -37.12 14.91 -11.31
CA LYS E 180 -35.99 15.35 -10.49
C LYS E 180 -36.23 14.92 -9.05
N ILE E 181 -35.39 14.01 -8.55
CA ILE E 181 -35.45 13.47 -7.20
C ILE E 181 -34.36 14.14 -6.34
N THR E 182 -34.67 14.44 -5.06
CA THR E 182 -33.72 15.06 -4.15
C THR E 182 -33.49 14.11 -2.98
N ILE E 183 -32.26 13.59 -2.85
CA ILE E 183 -31.94 12.69 -1.76
C ILE E 183 -31.38 13.52 -0.63
N LYS E 184 -32.00 13.43 0.55
CA LYS E 184 -31.56 14.13 1.75
C LYS E 184 -31.09 13.07 2.75
N PHE E 185 -29.76 12.94 2.90
CA PHE E 185 -29.16 11.93 3.75
C PHE E 185 -28.74 12.48 5.13
N LYS E 186 -29.19 11.79 6.18
CA LYS E 186 -28.89 12.08 7.59
C LYS E 186 -28.13 10.90 8.20
N TYR E 187 -27.32 11.16 9.21
CA TYR E 187 -26.54 10.14 9.91
C TYR E 187 -26.12 10.64 11.27
N TYR E 188 -25.97 9.74 12.23
CA TYR E 188 -25.50 10.10 13.57
C TYR E 188 -23.99 10.10 13.59
N THR E 189 -23.41 11.14 14.20
CA THR E 189 -21.97 11.36 14.30
C THR E 189 -21.69 12.02 15.66
N TYR E 190 -20.43 12.11 16.07
CA TYR E 190 -20.08 12.77 17.32
C TYR E 190 -19.82 14.24 17.08
N ASP E 191 -20.25 15.10 18.02
CA ASP E 191 -19.95 16.53 17.93
C ASP E 191 -18.58 16.80 18.57
N LYS E 192 -18.19 18.09 18.68
CA LYS E 192 -16.92 18.55 19.27
C LYS E 192 -16.71 18.01 20.70
N ASP E 193 -17.79 17.79 21.46
CA ASP E 193 -17.81 17.31 22.85
C ASP E 193 -17.96 15.78 23.02
N GLY E 194 -18.05 15.02 21.92
CA GLY E 194 -18.20 13.58 21.96
C GLY E 194 -19.62 13.10 22.18
N THR E 195 -20.61 13.96 21.89
CA THR E 195 -22.03 13.65 21.99
C THR E 195 -22.53 13.19 20.63
N ALA E 196 -23.26 12.07 20.59
CA ALA E 196 -23.82 11.57 19.35
C ALA E 196 -24.99 12.44 18.94
N ILE E 197 -24.91 13.05 17.74
CA ILE E 197 -25.97 13.93 17.19
C ILE E 197 -26.33 13.53 15.76
N GLU E 198 -27.58 13.81 15.35
CA GLU E 198 -28.04 13.54 13.99
C GLU E 198 -27.59 14.70 13.12
N SER E 199 -26.72 14.42 12.12
CA SER E 199 -26.21 15.46 11.20
C SER E 199 -27.08 15.56 9.94
N GLY E 200 -27.50 16.79 9.64
CA GLY E 200 -28.27 17.13 8.46
C GLY E 200 -27.41 17.84 7.43
N LYS E 201 -26.07 17.71 7.58
CA LYS E 201 -25.03 18.28 6.72
C LYS E 201 -25.31 18.07 5.22
N TYR E 202 -25.75 16.87 4.85
CA TYR E 202 -25.98 16.48 3.45
C TYR E 202 -27.46 16.57 3.01
N CYS E 203 -28.25 17.37 3.74
CA CYS E 203 -29.67 17.63 3.48
C CYS E 203 -29.87 18.99 2.81
N ASN E 204 -28.89 19.88 2.94
CA ASN E 204 -29.02 21.22 2.40
C ASN E 204 -27.93 21.46 1.32
N PRO E 205 -28.33 21.52 0.02
CA PRO E 205 -29.70 21.40 -0.51
C PRO E 205 -30.18 19.95 -0.74
N GLY E 206 -29.30 18.97 -0.55
CA GLY E 206 -29.58 17.57 -0.81
C GLY E 206 -29.06 17.22 -2.19
N PHE E 207 -28.98 15.92 -2.48
CA PHE E 207 -28.43 15.48 -3.77
C PHE E 207 -29.53 15.37 -4.81
N GLU E 208 -29.46 16.24 -5.83
CA GLU E 208 -30.44 16.25 -6.91
C GLU E 208 -29.97 15.42 -8.07
N TYR E 209 -30.86 14.63 -8.65
CA TYR E 209 -30.55 13.79 -9.79
C TYR E 209 -31.83 13.41 -10.54
N VAL E 210 -31.69 13.11 -11.85
CA VAL E 210 -32.77 12.69 -12.73
C VAL E 210 -32.51 11.23 -13.11
N PRO E 211 -33.27 10.24 -12.56
CA PRO E 211 -32.99 8.84 -12.90
C PRO E 211 -33.40 8.49 -14.35
N ASP E 212 -32.51 8.79 -15.32
CA ASP E 212 -32.69 8.52 -16.75
C ASP E 212 -31.33 8.25 -17.42
N PRO F 8 -1.33 -9.56 1.61
CA PRO F 8 -1.87 -8.23 2.00
C PRO F 8 -1.01 -7.04 1.57
N SER F 9 -1.68 -5.88 1.37
CA SER F 9 -1.08 -4.62 0.95
C SER F 9 -0.08 -4.09 2.00
N VAL F 10 -0.45 -4.22 3.30
CA VAL F 10 0.35 -3.80 4.46
C VAL F 10 0.86 -5.03 5.18
N LYS F 11 2.19 -5.07 5.45
CA LYS F 11 2.84 -6.16 6.17
C LYS F 11 2.50 -5.99 7.66
N LEU F 12 1.81 -6.99 8.26
CA LEU F 12 1.38 -6.95 9.65
C LEU F 12 2.19 -7.90 10.48
N GLU F 13 2.35 -7.57 11.75
CA GLU F 13 3.04 -8.39 12.71
C GLU F 13 2.17 -8.59 13.93
N PHE F 14 2.27 -9.76 14.56
CA PHE F 14 1.63 -10.10 15.83
C PHE F 14 2.39 -9.37 16.90
N VAL F 15 1.75 -8.39 17.60
CA VAL F 15 2.40 -7.65 18.70
C VAL F 15 1.43 -7.53 19.89
N THR F 16 1.91 -6.96 20.98
CA THR F 16 1.12 -6.60 22.16
C THR F 16 1.24 -5.09 22.32
N VAL F 17 0.10 -4.39 22.54
CA VAL F 17 0.11 -2.93 22.75
C VAL F 17 -0.41 -2.65 24.17
N LYS F 18 0.16 -1.63 24.84
CA LYS F 18 -0.22 -1.21 26.20
C LYS F 18 -0.67 0.20 26.21
N ALA F 19 -1.82 0.47 26.82
CA ALA F 19 -2.37 1.82 26.92
C ALA F 19 -2.04 2.45 28.25
N GLY F 20 -1.83 3.77 28.25
CA GLY F 20 -1.61 4.55 29.45
C GLY F 20 -2.92 4.84 30.15
N THR F 21 -3.02 5.99 30.88
CA THR F 21 -4.25 6.34 31.62
C THR F 21 -5.30 6.99 30.72
N ASP F 22 -4.90 7.55 29.57
CA ASP F 22 -5.82 8.18 28.62
C ASP F 22 -6.26 7.20 27.50
N GLY F 23 -5.80 5.96 27.58
CA GLY F 23 -6.14 4.95 26.59
C GLY F 23 -5.28 4.95 25.33
N SER F 24 -4.40 5.95 25.16
CA SER F 24 -3.49 6.06 24.02
C SER F 24 -2.45 4.94 24.10
N ILE F 25 -1.93 4.47 22.94
CA ILE F 25 -0.93 3.40 22.91
C ILE F 25 0.42 3.99 23.35
N GLN F 26 0.96 3.46 24.46
CA GLN F 26 2.21 3.96 25.04
C GLN F 26 3.39 3.03 24.77
N THR F 27 3.12 1.72 24.69
CA THR F 27 4.17 0.71 24.48
C THR F 27 3.73 -0.34 23.48
N LEU F 28 4.68 -0.76 22.63
CA LEU F 28 4.48 -1.83 21.65
C LEU F 28 5.49 -2.91 22.00
N ILE F 29 5.03 -4.13 22.18
CA ILE F 29 5.90 -5.24 22.52
C ILE F 29 5.92 -6.25 21.35
N PRO F 30 7.02 -6.28 20.56
CA PRO F 30 7.10 -7.29 19.48
C PRO F 30 7.25 -8.69 20.06
N ASP F 31 6.94 -9.71 19.28
CA ASP F 31 7.10 -11.10 19.74
C ASP F 31 8.58 -11.46 19.79
N ASN F 32 9.33 -10.98 18.79
CA ASN F 32 10.75 -11.22 18.53
C ASN F 32 11.71 -10.36 19.35
N GLY F 33 11.28 -9.19 19.82
CA GLY F 33 12.16 -8.29 20.56
C GLY F 33 11.69 -7.78 21.91
N GLU F 34 12.44 -6.79 22.40
CA GLU F 34 12.20 -6.09 23.65
C GLU F 34 11.08 -5.05 23.48
N ALA F 35 10.42 -4.64 24.57
CA ALA F 35 9.35 -3.62 24.53
C ALA F 35 9.87 -2.29 24.02
N LEU F 36 9.03 -1.58 23.25
CA LEU F 36 9.36 -0.29 22.67
C LEU F 36 8.38 0.77 23.10
N THR F 37 8.91 1.94 23.46
CA THR F 37 8.07 3.09 23.77
C THR F 37 7.54 3.58 22.42
N VAL F 38 6.26 3.93 22.35
CA VAL F 38 5.67 4.42 21.12
C VAL F 38 5.97 5.92 21.04
N SER F 39 6.86 6.32 20.10
CA SER F 39 7.18 7.73 19.93
C SER F 39 6.08 8.43 19.12
N LYS F 40 5.32 7.68 18.30
CA LYS F 40 4.24 8.23 17.50
C LYS F 40 3.26 7.13 17.12
N ASP F 41 1.96 7.36 17.40
CA ASP F 41 0.90 6.45 16.97
C ASP F 41 0.15 7.19 15.88
N ARG F 42 0.48 6.91 14.62
CA ARG F 42 -0.16 7.61 13.49
C ARG F 42 -1.62 7.19 13.30
N THR F 43 -2.06 6.08 13.91
CA THR F 43 -3.43 5.59 13.80
C THR F 43 -4.39 6.36 14.74
N GLY F 44 -3.85 7.01 15.77
CA GLY F 44 -4.64 7.72 16.78
C GLY F 44 -5.61 6.78 17.49
N SER F 45 -5.21 5.52 17.72
CA SER F 45 -6.02 4.50 18.36
C SER F 45 -6.12 4.75 19.84
N ALA F 46 -7.16 4.21 20.45
CA ALA F 46 -7.42 4.32 21.88
C ALA F 46 -8.06 3.02 22.33
N ILE F 47 -7.48 2.39 23.35
CA ILE F 47 -8.06 1.16 23.90
C ILE F 47 -8.48 1.49 25.34
N SER F 48 -8.98 0.49 26.11
CA SER F 48 -9.38 0.76 27.49
C SER F 48 -8.14 1.23 28.30
N PRO F 49 -8.24 2.33 29.05
CA PRO F 49 -7.09 2.82 29.82
C PRO F 49 -6.44 1.76 30.71
N ASN F 50 -5.10 1.73 30.72
CA ASN F 50 -4.27 0.85 31.53
C ASN F 50 -4.50 -0.64 31.22
N THR F 51 -4.75 -0.97 29.94
CA THR F 51 -4.92 -2.35 29.51
C THR F 51 -3.91 -2.69 28.44
N SER F 52 -3.78 -3.99 28.16
CA SER F 52 -2.93 -4.58 27.11
C SER F 52 -3.80 -5.34 26.15
N ARG F 53 -3.43 -5.32 24.88
CA ARG F 53 -4.16 -6.08 23.87
C ARG F 53 -3.18 -6.75 22.94
N ARG F 54 -3.51 -7.97 22.53
CA ARG F 54 -2.83 -8.79 21.53
C ARG F 54 -3.47 -8.35 20.19
N VAL F 55 -2.67 -7.75 19.30
CA VAL F 55 -3.15 -7.13 18.06
C VAL F 55 -2.17 -7.38 16.90
N MSE F 56 -2.57 -6.97 15.69
CA MSE F 56 -1.75 -6.99 14.47
C MSE F 56 -1.31 -5.56 14.20
O MSE F 56 -2.16 -4.66 14.21
CB MSE F 56 -2.50 -7.52 13.23
CG MSE F 56 -2.99 -8.93 13.34
SE MSE F 56 -1.59 -10.21 13.67
CE MSE F 56 -0.59 -10.10 12.05
N SER F 57 -0.03 -5.33 13.95
CA SER F 57 0.35 -3.96 13.66
C SER F 57 1.36 -3.84 12.51
N ASN F 58 1.28 -2.73 11.81
CA ASN F 58 2.31 -2.28 10.91
C ASN F 58 2.99 -1.15 11.67
N TYR F 59 4.25 -1.35 12.02
CA TYR F 59 5.00 -0.38 12.80
C TYR F 59 6.45 -0.43 12.39
N GLU F 60 7.20 0.61 12.74
CA GLU F 60 8.63 0.57 12.49
C GLU F 60 9.39 1.00 13.72
N THR F 61 10.58 0.44 13.88
CA THR F 61 11.51 0.72 14.95
C THR F 61 12.48 1.81 14.48
N LEU F 62 12.58 2.89 15.26
CA LEU F 62 13.51 3.98 15.00
C LEU F 62 14.59 3.94 16.05
N SER F 63 15.84 3.77 15.63
CA SER F 63 16.93 3.70 16.58
C SER F 63 17.84 4.93 16.51
N ASN F 64 18.41 5.32 17.65
CA ASN F 64 19.38 6.41 17.71
C ASN F 64 20.77 5.83 17.93
N GLY F 65 20.85 4.50 17.79
CA GLY F 65 22.08 3.71 17.94
C GLY F 65 22.31 3.18 19.33
N HIS F 66 21.44 3.57 20.28
CA HIS F 66 21.53 3.19 21.69
C HIS F 66 20.19 2.66 22.16
N THR F 67 19.13 3.41 21.88
CA THR F 67 17.78 3.05 22.24
C THR F 67 16.89 3.17 21.01
N ALA F 68 15.71 2.57 21.07
CA ALA F 68 14.78 2.62 19.97
C ALA F 68 13.36 2.86 20.45
N THR F 69 12.53 3.39 19.54
CA THR F 69 11.12 3.66 19.79
C THR F 69 10.33 3.11 18.63
N ALA F 70 9.02 2.98 18.81
CA ALA F 70 8.15 2.49 17.76
C ALA F 70 7.25 3.61 17.23
N VAL F 71 7.01 3.58 15.92
CA VAL F 71 6.07 4.41 15.19
C VAL F 71 5.05 3.44 14.64
N ILE F 72 3.77 3.59 15.05
CA ILE F 72 2.69 2.70 14.62
C ILE F 72 1.99 3.29 13.41
N TYR F 73 1.90 2.51 12.33
CA TYR F 73 1.25 2.93 11.08
C TYR F 73 -0.13 2.33 10.96
N SER F 74 -0.35 1.13 11.51
CA SER F 74 -1.68 0.50 11.48
C SER F 74 -1.83 -0.45 12.64
N LEU F 75 -3.09 -0.59 13.11
CA LEU F 75 -3.49 -1.49 14.19
C LEU F 75 -4.80 -2.13 13.87
N GLN F 76 -4.92 -3.42 14.19
CA GLN F 76 -6.18 -4.14 14.05
C GLN F 76 -6.22 -5.26 15.03
N SER F 77 -7.44 -5.67 15.39
CA SER F 77 -7.65 -6.76 16.32
C SER F 77 -7.32 -8.12 15.69
N LEU F 78 -7.16 -9.13 16.53
CA LEU F 78 -6.99 -10.52 16.13
C LEU F 78 -7.87 -11.34 17.06
N VAL F 79 -8.15 -12.60 16.69
CA VAL F 79 -8.99 -13.47 17.51
C VAL F 79 -8.11 -14.16 18.53
N THR F 80 -8.49 -14.13 19.81
CA THR F 80 -7.76 -14.82 20.89
C THR F 80 -8.70 -15.88 21.48
N PRO F 81 -8.91 -17.04 20.78
CA PRO F 81 -9.88 -18.02 21.29
C PRO F 81 -9.32 -18.87 22.43
N THR F 82 -10.07 -18.92 23.54
CA THR F 82 -9.66 -19.75 24.67
C THR F 82 -10.10 -21.18 24.35
N PRO F 83 -9.17 -22.18 24.40
CA PRO F 83 -9.59 -23.57 24.17
C PRO F 83 -10.67 -24.01 25.18
N LYS F 84 -11.77 -24.54 24.66
CA LYS F 84 -12.89 -25.01 25.47
C LYS F 84 -13.35 -26.41 25.01
N PRO F 85 -13.79 -27.29 25.95
CA PRO F 85 -14.24 -28.64 25.53
C PRO F 85 -15.51 -28.58 24.66
N ALA F 86 -15.77 -29.63 23.86
CA ALA F 86 -16.92 -29.72 22.97
C ALA F 86 -18.26 -29.58 23.71
N ASP F 87 -18.27 -29.91 25.02
CA ASP F 87 -19.43 -29.86 25.93
C ASP F 87 -19.61 -28.46 26.57
N ASP F 88 -18.74 -27.48 26.21
CA ASP F 88 -18.85 -26.12 26.74
C ASP F 88 -20.11 -25.44 26.19
N PRO F 89 -20.81 -24.59 26.99
CA PRO F 89 -22.02 -23.93 26.48
C PRO F 89 -21.84 -23.11 25.20
N THR F 90 -20.61 -22.65 24.84
CA THR F 90 -20.40 -21.89 23.58
C THR F 90 -20.65 -22.78 22.35
N TYR F 91 -20.49 -24.10 22.50
CA TYR F 91 -20.66 -25.04 21.40
C TYR F 91 -22.04 -25.75 21.43
N ARG F 92 -23.00 -25.20 22.20
CA ARG F 92 -24.35 -25.73 22.38
C ARG F 92 -25.10 -25.94 21.05
N ASP F 93 -24.94 -24.99 20.10
CA ASP F 93 -25.61 -25.03 18.80
C ASP F 93 -24.86 -25.89 17.76
N GLY F 94 -23.83 -26.60 18.21
CA GLY F 94 -23.05 -27.49 17.37
C GLY F 94 -21.71 -26.96 16.91
N LEU F 95 -20.79 -27.90 16.63
CA LEU F 95 -19.46 -27.57 16.15
C LEU F 95 -19.54 -27.19 14.67
N LYS F 96 -18.91 -26.07 14.31
CA LYS F 96 -18.87 -25.57 12.93
C LYS F 96 -17.45 -25.64 12.45
N HIS F 97 -17.24 -26.19 11.25
CA HIS F 97 -15.90 -26.37 10.70
C HIS F 97 -15.81 -25.94 9.25
N ASP F 98 -16.26 -24.72 8.94
CA ASP F 98 -16.15 -24.18 7.58
C ASP F 98 -14.65 -24.10 7.16
N PRO F 99 -14.29 -24.54 5.94
CA PRO F 99 -12.87 -24.68 5.59
C PRO F 99 -12.06 -23.40 5.60
N VAL F 100 -10.79 -23.57 5.94
CA VAL F 100 -9.76 -22.52 5.95
C VAL F 100 -8.46 -23.16 5.44
N ASP F 101 -7.47 -22.33 5.11
CA ASP F 101 -6.13 -22.77 4.81
C ASP F 101 -5.23 -22.20 5.88
N VAL F 102 -4.23 -22.95 6.32
CA VAL F 102 -3.25 -22.41 7.27
C VAL F 102 -2.10 -21.86 6.42
N VAL F 103 -1.83 -20.54 6.52
CA VAL F 103 -0.72 -19.90 5.80
C VAL F 103 0.59 -20.11 6.58
N SER F 104 0.55 -19.87 7.89
CA SER F 104 1.68 -19.97 8.80
C SER F 104 1.13 -20.27 10.20
N ILE F 105 1.83 -21.10 10.96
CA ILE F 105 1.45 -21.50 12.33
C ILE F 105 2.74 -21.68 13.14
N TRP F 106 2.78 -21.18 14.36
CA TRP F 106 3.96 -21.29 15.22
C TRP F 106 3.63 -20.94 16.67
N LEU F 107 4.49 -21.40 17.57
CA LEU F 107 4.41 -21.07 18.98
C LEU F 107 5.21 -19.79 19.24
N GLY F 108 4.66 -18.88 20.04
CA GLY F 108 5.34 -17.64 20.38
C GLY F 108 4.63 -16.80 21.40
N ARG F 109 5.39 -16.28 22.39
CA ARG F 109 4.97 -15.38 23.49
C ARG F 109 3.75 -15.87 24.27
N GLY F 110 3.70 -17.17 24.56
CA GLY F 110 2.64 -17.81 25.31
C GLY F 110 1.39 -18.14 24.52
N TYR F 111 1.47 -18.02 23.18
CA TYR F 111 0.35 -18.30 22.26
C TYR F 111 0.73 -19.29 21.17
N LEU F 112 -0.31 -19.93 20.59
CA LEU F 112 -0.21 -20.72 19.38
C LEU F 112 -0.78 -19.77 18.32
N ASN F 113 0.09 -19.21 17.48
CA ASN F 113 -0.29 -18.22 16.49
C ASN F 113 -0.53 -18.84 15.16
N MSE F 114 -1.39 -18.22 14.38
CA MSE F 114 -1.62 -18.71 13.03
C MSE F 114 -2.23 -17.63 12.15
O MSE F 114 -3.00 -16.77 12.61
CB MSE F 114 -2.46 -20.00 12.98
CG MSE F 114 -3.89 -19.83 13.41
SE MSE F 114 -4.79 -21.53 13.71
CE MSE F 114 -3.91 -22.00 15.45
N ILE F 115 -1.87 -17.68 10.88
CA ILE F 115 -2.42 -16.87 9.81
C ILE F 115 -3.23 -17.84 8.98
N LEU F 116 -4.52 -17.54 8.83
CA LEU F 116 -5.41 -18.35 8.03
C LEU F 116 -5.79 -17.65 6.76
N ASN F 117 -6.10 -18.41 5.72
CA ASN F 117 -6.66 -17.86 4.49
C ASN F 117 -8.06 -18.39 4.36
N LEU F 118 -8.99 -17.48 4.19
CA LEU F 118 -10.42 -17.69 4.07
C LEU F 118 -10.93 -17.21 2.73
N LYS F 119 -12.05 -17.77 2.27
CA LYS F 119 -12.75 -17.28 1.10
C LYS F 119 -14.04 -16.74 1.69
N VAL F 120 -14.20 -15.39 1.64
CA VAL F 120 -15.31 -14.63 2.23
C VAL F 120 -16.09 -13.85 1.16
N ASN F 121 -17.13 -13.12 1.60
CA ASN F 121 -17.89 -12.18 0.79
C ASN F 121 -18.09 -10.93 1.66
N GLY F 122 -19.16 -10.90 2.44
CA GLY F 122 -19.41 -9.79 3.36
C GLY F 122 -20.71 -9.91 4.12
N GLY F 123 -20.84 -9.07 5.15
CA GLY F 123 -22.03 -8.95 5.99
C GLY F 123 -22.27 -10.05 6.99
N LYS F 124 -21.37 -11.04 7.03
CA LYS F 124 -21.47 -12.18 7.93
C LYS F 124 -20.21 -12.25 8.75
N GLN F 125 -20.38 -12.44 10.07
CA GLN F 125 -19.28 -12.56 11.03
C GLN F 125 -18.73 -13.98 10.98
N HIS F 126 -17.39 -14.08 10.82
CA HIS F 126 -16.69 -15.34 10.83
C HIS F 126 -16.28 -15.56 12.27
N VAL F 127 -16.85 -16.61 12.90
CA VAL F 127 -16.60 -16.92 14.32
C VAL F 127 -15.60 -18.08 14.41
N PHE F 128 -14.50 -17.85 15.13
CA PHE F 128 -13.45 -18.81 15.39
C PHE F 128 -13.43 -19.22 16.85
N GLY F 129 -13.01 -20.45 17.08
CA GLY F 129 -12.85 -21.03 18.40
C GLY F 129 -11.90 -22.19 18.34
N ILE F 130 -11.58 -22.75 19.51
CA ILE F 130 -10.72 -23.92 19.63
C ILE F 130 -11.49 -24.93 20.45
N VAL F 131 -11.71 -26.11 19.86
CA VAL F 131 -12.35 -27.23 20.53
C VAL F 131 -11.23 -28.03 21.18
N GLU F 132 -11.23 -28.08 22.52
CA GLU F 132 -10.21 -28.72 23.33
C GLU F 132 -10.58 -30.12 23.75
N ASP F 133 -9.63 -31.04 23.59
CA ASP F 133 -9.73 -32.44 24.01
C ASP F 133 -8.49 -32.74 24.85
N LEU F 134 -8.70 -33.02 26.14
CA LEU F 134 -7.60 -33.31 27.05
C LEU F 134 -7.53 -34.79 27.43
N SER F 135 -8.14 -35.68 26.63
CA SER F 135 -8.17 -37.13 26.89
C SER F 135 -6.78 -37.75 27.04
N GLU F 136 -5.75 -37.20 26.35
CA GLU F 136 -4.38 -37.71 26.40
C GLU F 136 -3.46 -36.84 27.28
N PHE F 137 -4.00 -35.76 27.89
CA PHE F 137 -3.17 -34.82 28.68
C PHE F 137 -2.51 -35.45 29.91
N GLU F 138 -3.19 -36.34 30.63
CA GLU F 138 -2.57 -37.00 31.79
C GLU F 138 -1.66 -38.15 31.32
N THR F 139 -2.00 -38.77 30.16
CA THR F 139 -1.26 -39.87 29.55
C THR F 139 0.13 -39.41 29.05
N ASN F 140 0.20 -38.37 28.17
CA ASN F 140 1.46 -37.94 27.57
C ASN F 140 1.61 -36.41 27.37
N GLY F 141 0.79 -35.63 28.05
CA GLY F 141 0.84 -34.17 27.96
C GLY F 141 0.35 -33.60 26.63
N THR F 142 -0.41 -34.38 25.86
CA THR F 142 -0.95 -33.96 24.57
C THR F 142 -2.24 -33.16 24.74
N VAL F 143 -2.29 -31.99 24.09
CA VAL F 143 -3.44 -31.13 24.02
C VAL F 143 -3.97 -31.20 22.59
N ASN F 144 -5.17 -31.76 22.41
CA ASN F 144 -5.78 -31.84 21.09
C ASN F 144 -6.65 -30.63 20.87
N MSE F 145 -6.39 -29.93 19.76
CA MSE F 145 -7.11 -28.72 19.39
C MSE F 145 -7.73 -28.86 18.03
O MSE F 145 -7.05 -29.26 17.08
CB MSE F 145 -6.18 -27.51 19.41
CG MSE F 145 -5.65 -27.17 20.77
SE MSE F 145 -4.77 -25.46 20.67
CE MSE F 145 -4.12 -25.40 22.50
N LEU F 146 -9.01 -28.55 17.92
CA LEU F 146 -9.71 -28.57 16.64
C LEU F 146 -10.24 -27.17 16.40
N LEU F 147 -9.97 -26.64 15.20
CA LEU F 147 -10.44 -25.30 14.86
C LEU F 147 -11.94 -25.32 14.64
N TYR F 148 -12.62 -24.38 15.31
CA TYR F 148 -14.02 -24.11 15.14
C TYR F 148 -14.09 -22.91 14.22
N HIS F 149 -14.85 -23.01 13.12
CA HIS F 149 -15.03 -21.88 12.21
C HIS F 149 -16.45 -21.87 11.69
N ASP F 150 -17.19 -20.83 12.04
CA ASP F 150 -18.55 -20.59 11.58
C ASP F 150 -18.52 -19.39 10.65
N ALA F 151 -18.73 -19.63 9.35
CA ALA F 151 -18.75 -18.59 8.31
C ALA F 151 -20.10 -17.92 8.24
N ASN F 152 -21.10 -18.44 8.98
CA ASN F 152 -22.50 -17.94 9.06
C ASN F 152 -23.13 -17.78 7.66
N GLY F 153 -22.84 -18.75 6.79
CA GLY F 153 -23.39 -18.79 5.44
C GLY F 153 -22.73 -17.87 4.45
N ASP F 154 -21.63 -17.20 4.83
CA ASP F 154 -20.90 -16.28 3.96
C ASP F 154 -20.36 -17.01 2.75
N GLU F 155 -20.54 -16.45 1.55
CA GLU F 155 -20.09 -17.05 0.29
C GLU F 155 -18.58 -17.05 0.19
N GLU F 156 -18.01 -18.04 -0.54
CA GLU F 156 -16.56 -18.19 -0.65
C GLU F 156 -16.07 -17.52 -1.92
N TYR F 157 -16.02 -16.18 -1.92
CA TYR F 157 -15.70 -15.37 -3.10
C TYR F 157 -14.28 -14.81 -3.14
N TYR F 158 -13.87 -14.14 -2.06
CA TYR F 158 -12.59 -13.44 -2.01
C TYR F 158 -11.69 -13.94 -0.92
N ASN F 159 -10.38 -13.99 -1.20
CA ASN F 159 -9.39 -14.39 -0.23
C ASN F 159 -9.17 -13.32 0.78
N ARG F 160 -9.19 -13.70 2.05
CA ARG F 160 -9.00 -12.81 3.17
C ARG F 160 -8.24 -13.56 4.24
N ARG F 161 -7.29 -12.90 4.89
CA ARG F 161 -6.54 -13.49 5.98
C ARG F 161 -7.24 -13.26 7.29
N ALA F 162 -7.10 -14.21 8.21
CA ALA F 162 -7.56 -14.12 9.58
C ALA F 162 -6.37 -14.44 10.46
N TYR F 163 -6.31 -13.81 11.62
CA TYR F 163 -5.22 -13.91 12.55
C TYR F 163 -5.72 -14.41 13.90
N LEU F 164 -5.15 -15.54 14.37
CA LEU F 164 -5.49 -16.16 15.66
C LEU F 164 -4.27 -16.30 16.54
N SER F 165 -4.42 -15.95 17.82
CA SER F 165 -3.40 -16.13 18.84
C SER F 165 -4.09 -16.89 19.95
N VAL F 166 -3.90 -18.23 20.01
CA VAL F 166 -4.52 -19.12 21.02
C VAL F 166 -3.73 -19.03 22.34
N PRO F 167 -4.31 -18.47 23.44
CA PRO F 167 -3.57 -18.40 24.72
C PRO F 167 -3.31 -19.79 25.32
N LEU F 168 -2.06 -20.03 25.79
CA LEU F 168 -1.66 -21.35 26.30
C LEU F 168 -1.32 -21.32 27.81
N ASP F 169 -1.74 -20.25 28.51
CA ASP F 169 -1.49 -20.06 29.95
C ASP F 169 -2.18 -21.12 30.81
N LYS F 170 -3.35 -21.64 30.38
CA LYS F 170 -4.12 -22.65 31.09
C LYS F 170 -3.41 -24.02 31.19
N TYR F 171 -2.34 -24.22 30.41
CA TYR F 171 -1.61 -25.48 30.40
C TYR F 171 -0.38 -25.44 31.33
N ALA F 172 0.02 -24.23 31.75
CA ALA F 172 1.11 -24.05 32.70
C ALA F 172 0.65 -24.44 34.11
N ASP F 173 1.44 -25.27 34.79
CA ASP F 173 1.13 -25.72 36.14
C ASP F 173 2.25 -25.26 37.08
N ALA F 174 1.93 -24.33 37.99
CA ALA F 174 2.88 -23.75 38.95
C ALA F 174 3.48 -24.82 39.89
N GLU F 175 2.66 -25.82 40.27
CA GLU F 175 3.07 -26.92 41.16
C GLU F 175 3.69 -28.10 40.35
N ASN F 176 3.83 -27.94 39.02
CA ASN F 176 4.43 -28.94 38.14
C ASN F 176 5.31 -28.23 37.07
N PRO F 177 6.46 -27.62 37.47
CA PRO F 177 7.27 -26.89 36.48
C PRO F 177 8.18 -27.80 35.64
N GLY F 178 8.45 -27.37 34.40
CA GLY F 178 9.30 -28.11 33.45
C GLY F 178 8.55 -29.14 32.63
N GLN F 179 7.23 -29.14 32.77
CA GLN F 179 6.28 -30.02 32.09
C GLN F 179 6.28 -29.75 30.57
N LYS F 180 6.52 -30.79 29.75
CA LYS F 180 6.54 -30.70 28.29
C LYS F 180 5.15 -31.04 27.74
N ILE F 181 4.50 -30.05 27.11
CA ILE F 181 3.17 -30.16 26.51
C ILE F 181 3.29 -30.28 24.98
N THR F 182 2.43 -31.12 24.35
CA THR F 182 2.42 -31.30 22.90
C THR F 182 1.06 -30.85 22.37
N ILE F 183 1.04 -29.76 21.58
CA ILE F 183 -0.20 -29.27 20.98
C ILE F 183 -0.37 -29.91 19.63
N LYS F 184 -1.48 -30.62 19.42
CA LYS F 184 -1.80 -31.26 18.16
C LYS F 184 -3.03 -30.55 17.61
N PHE F 185 -2.81 -29.70 16.59
CA PHE F 185 -3.87 -28.87 16.01
C PHE F 185 -4.43 -29.48 14.72
N LYS F 186 -5.76 -29.61 14.66
CA LYS F 186 -6.54 -30.10 13.52
C LYS F 186 -7.47 -28.99 13.02
N TYR F 187 -7.80 -29.03 11.74
CA TYR F 187 -8.68 -28.03 11.12
C TYR F 187 -9.25 -28.60 9.83
N TYR F 188 -10.44 -28.15 9.45
CA TYR F 188 -11.06 -28.57 8.19
C TYR F 188 -10.60 -27.64 7.08
N THR F 189 -10.26 -28.24 5.95
CA THR F 189 -9.75 -27.57 4.74
C THR F 189 -10.30 -28.32 3.52
N TYR F 190 -10.17 -27.74 2.33
CA TYR F 190 -10.60 -28.41 1.10
C TYR F 190 -9.47 -29.22 0.51
N ASP F 191 -9.77 -30.43 0.00
CA ASP F 191 -8.76 -31.25 -0.68
C ASP F 191 -8.66 -30.79 -2.15
N LYS F 192 -7.83 -31.47 -2.97
CA LYS F 192 -7.62 -31.20 -4.40
C LYS F 192 -8.94 -31.17 -5.21
N ASP F 193 -9.96 -31.96 -4.78
CA ASP F 193 -11.27 -32.11 -5.40
C ASP F 193 -12.38 -31.17 -4.86
N GLY F 194 -12.05 -30.31 -3.88
CA GLY F 194 -13.00 -29.39 -3.27
C GLY F 194 -13.89 -29.99 -2.20
N THR F 195 -13.44 -31.11 -1.61
CA THR F 195 -14.14 -31.81 -0.52
C THR F 195 -13.53 -31.33 0.81
N ALA F 196 -14.40 -30.96 1.76
CA ALA F 196 -13.94 -30.52 3.07
C ALA F 196 -13.48 -31.73 3.87
N ILE F 197 -12.21 -31.72 4.31
CA ILE F 197 -11.60 -32.80 5.07
C ILE F 197 -10.90 -32.27 6.32
N GLU F 198 -10.83 -33.10 7.38
CA GLU F 198 -10.14 -32.74 8.61
C GLU F 198 -8.64 -33.01 8.40
N SER F 199 -7.80 -31.96 8.43
CA SER F 199 -6.36 -32.09 8.24
C SER F 199 -5.61 -32.29 9.58
N GLY F 200 -4.80 -33.33 9.62
CA GLY F 200 -3.97 -33.68 10.76
C GLY F 200 -2.52 -33.33 10.49
N LYS F 201 -2.28 -32.48 9.47
CA LYS F 201 -0.97 -31.98 9.02
C LYS F 201 -0.08 -31.49 10.20
N TYR F 202 -0.67 -30.75 11.15
CA TYR F 202 0.07 -30.15 12.27
C TYR F 202 -0.01 -30.99 13.57
N CYS F 203 -0.34 -32.29 13.44
CA CYS F 203 -0.44 -33.27 14.55
C CYS F 203 0.77 -34.16 14.60
N ASN F 204 1.52 -34.26 13.50
CA ASN F 204 2.67 -35.14 13.40
C ASN F 204 3.95 -34.31 13.16
N PRO F 205 4.81 -34.15 14.20
CA PRO F 205 4.71 -34.74 15.56
C PRO F 205 3.89 -33.90 16.56
N GLY F 206 3.48 -32.70 16.15
CA GLY F 206 2.76 -31.74 16.97
C GLY F 206 3.74 -30.68 17.46
N PHE F 207 3.23 -29.60 18.08
CA PHE F 207 4.08 -28.53 18.58
C PHE F 207 4.42 -28.77 20.06
N GLU F 208 5.71 -29.04 20.33
CA GLU F 208 6.20 -29.29 21.69
C GLU F 208 6.70 -28.00 22.29
N TYR F 209 6.39 -27.79 23.58
CA TYR F 209 6.80 -26.60 24.30
C TYR F 209 6.73 -26.83 25.82
N VAL F 210 7.57 -26.09 26.56
CA VAL F 210 7.62 -26.13 28.02
C VAL F 210 7.11 -24.76 28.51
N PRO F 211 5.88 -24.66 29.07
CA PRO F 211 5.37 -23.35 29.50
C PRO F 211 6.11 -22.78 30.72
N ASP F 212 7.30 -22.18 30.48
CA ASP F 212 8.15 -21.57 31.53
C ASP F 212 8.96 -20.38 30.97
N ASP G 4 5.86 15.49 8.15
CA ASP G 4 5.19 15.20 6.88
C ASP G 4 4.81 13.70 6.75
N TYR G 5 3.55 13.43 6.29
CA TYR G 5 2.88 12.12 6.09
C TYR G 5 3.81 11.04 5.44
N TYR G 6 3.66 9.76 5.88
CA TYR G 6 4.44 8.61 5.35
C TYR G 6 3.54 7.33 5.21
N SER G 9 5.24 3.03 1.80
CA SER G 9 4.24 2.34 0.97
C SER G 9 4.35 0.81 1.20
N VAL G 10 5.57 0.25 0.99
CA VAL G 10 5.91 -1.17 1.21
C VAL G 10 6.89 -1.20 2.38
N LYS G 11 6.66 -2.08 3.37
CA LYS G 11 7.56 -2.20 4.52
C LYS G 11 8.84 -2.95 4.05
N LEU G 12 9.99 -2.28 4.13
CA LEU G 12 11.28 -2.83 3.72
C LEU G 12 12.17 -3.08 4.89
N GLU G 13 12.92 -4.17 4.82
CA GLU G 13 13.83 -4.60 5.83
C GLU G 13 15.21 -4.74 5.25
N PHE G 14 16.24 -4.40 6.06
CA PHE G 14 17.64 -4.65 5.74
C PHE G 14 17.81 -6.17 5.90
N VAL G 15 18.32 -6.84 4.84
CA VAL G 15 18.54 -8.30 4.79
C VAL G 15 19.80 -8.60 3.95
N THR G 16 20.13 -9.87 3.84
CA THR G 16 21.18 -10.38 3.00
C THR G 16 20.53 -11.52 2.13
N VAL G 17 20.76 -11.51 0.82
CA VAL G 17 20.27 -12.56 -0.06
C VAL G 17 21.46 -13.33 -0.65
N LYS G 18 21.32 -14.66 -0.80
CA LYS G 18 22.37 -15.54 -1.36
C LYS G 18 21.85 -16.17 -2.61
N ALA G 19 22.64 -16.10 -3.70
CA ALA G 19 22.23 -16.71 -4.97
C ALA G 19 22.85 -18.08 -5.15
N GLY G 20 22.12 -18.96 -5.84
CA GLY G 20 22.57 -20.28 -6.22
C GLY G 20 23.37 -20.26 -7.50
N THR G 21 23.78 -21.43 -7.97
CA THR G 21 24.64 -21.53 -9.14
C THR G 21 24.00 -20.94 -10.40
N ASP G 22 22.66 -20.82 -10.44
CA ASP G 22 21.92 -20.23 -11.56
C ASP G 22 21.60 -18.73 -11.35
N GLY G 23 22.05 -18.13 -10.25
CA GLY G 23 21.79 -16.73 -9.96
C GLY G 23 20.48 -16.45 -9.25
N SER G 24 19.60 -17.47 -9.08
CA SER G 24 18.32 -17.32 -8.40
C SER G 24 18.53 -17.14 -6.89
N ILE G 25 17.66 -16.39 -6.21
CA ILE G 25 17.80 -16.15 -4.76
C ILE G 25 17.40 -17.43 -4.03
N GLN G 26 18.35 -18.03 -3.30
CA GLN G 26 18.16 -19.30 -2.59
C GLN G 26 17.93 -19.13 -1.09
N THR G 27 18.59 -18.13 -0.48
CA THR G 27 18.50 -17.89 0.95
C THR G 27 18.34 -16.42 1.23
N LEU G 28 17.50 -16.10 2.23
CA LEU G 28 17.30 -14.76 2.74
C LEU G 28 17.70 -14.79 4.20
N ILE G 29 18.62 -13.92 4.59
CA ILE G 29 19.08 -13.83 5.97
C ILE G 29 18.59 -12.51 6.57
N PRO G 30 17.59 -12.55 7.47
CA PRO G 30 17.14 -11.29 8.15
C PRO G 30 18.20 -10.80 9.11
N ASP G 31 18.16 -9.52 9.45
CA ASP G 31 19.13 -8.98 10.41
C ASP G 31 18.80 -9.49 11.84
N ASN G 32 17.50 -9.61 12.15
CA ASN G 32 16.93 -10.00 13.43
C ASN G 32 16.84 -11.53 13.67
N GLY G 33 16.85 -12.34 12.62
CA GLY G 33 16.70 -13.79 12.77
C GLY G 33 17.72 -14.67 12.08
N GLU G 34 17.40 -15.97 12.06
CA GLU G 34 18.17 -17.04 11.42
C GLU G 34 17.87 -17.05 9.93
N ALA G 35 18.79 -17.63 9.11
CA ALA G 35 18.66 -17.73 7.66
C ALA G 35 17.43 -18.52 7.27
N LEU G 36 16.81 -18.13 6.16
CA LEU G 36 15.62 -18.78 5.62
C LEU G 36 15.83 -19.22 4.19
N THR G 37 15.40 -20.43 3.88
CA THR G 37 15.41 -20.91 2.51
C THR G 37 14.28 -20.12 1.83
N VAL G 38 14.51 -19.65 0.59
CA VAL G 38 13.50 -18.93 -0.16
C VAL G 38 12.61 -19.97 -0.83
N SER G 39 11.34 -20.12 -0.36
CA SER G 39 10.42 -21.10 -0.98
C SER G 39 9.84 -20.52 -2.27
N LYS G 40 9.73 -19.18 -2.36
CA LYS G 40 9.26 -18.51 -3.56
C LYS G 40 9.81 -17.11 -3.66
N ASP G 41 10.39 -16.76 -4.83
CA ASP G 41 10.87 -15.41 -5.10
C ASP G 41 9.93 -14.85 -6.14
N ARG G 42 8.93 -14.07 -5.70
CA ARG G 42 7.93 -13.50 -6.57
C ARG G 42 8.51 -12.37 -7.46
N THR G 43 9.71 -11.88 -7.14
CA THR G 43 10.33 -10.81 -7.92
C THR G 43 11.01 -11.35 -9.18
N GLY G 44 11.32 -12.64 -9.19
CA GLY G 44 12.04 -13.27 -10.29
C GLY G 44 13.40 -12.62 -10.51
N SER G 45 14.07 -12.25 -9.41
CA SER G 45 15.38 -11.62 -9.44
C SER G 45 16.45 -12.65 -9.75
N ALA G 46 17.53 -12.16 -10.31
CA ALA G 46 18.73 -12.95 -10.60
C ALA G 46 19.94 -12.08 -10.36
N ILE G 47 20.79 -12.47 -9.42
CA ILE G 47 22.01 -11.73 -9.12
C ILE G 47 23.18 -12.60 -9.61
N SER G 48 24.42 -12.14 -9.42
CA SER G 48 25.57 -12.91 -9.89
C SER G 48 25.57 -14.28 -9.17
N PRO G 49 25.72 -15.41 -9.94
CA PRO G 49 25.74 -16.75 -9.31
C PRO G 49 26.73 -16.87 -8.17
N ASN G 50 26.27 -17.53 -7.09
CA ASN G 50 27.04 -17.83 -5.87
C ASN G 50 27.55 -16.61 -5.15
N THR G 51 26.77 -15.51 -5.17
CA THR G 51 27.16 -14.30 -4.46
C THR G 51 26.10 -13.99 -3.45
N SER G 52 26.45 -13.10 -2.52
CA SER G 52 25.60 -12.54 -1.49
C SER G 52 25.48 -11.05 -1.70
N ARG G 53 24.29 -10.51 -1.46
CA ARG G 53 24.11 -9.07 -1.54
C ARG G 53 23.36 -8.59 -0.31
N ARG G 54 23.78 -7.45 0.22
CA ARG G 54 23.13 -6.67 1.26
C ARG G 54 22.07 -5.81 0.51
N VAL G 55 20.77 -6.06 0.78
CA VAL G 55 19.67 -5.41 0.04
C VAL G 55 18.51 -5.00 0.99
N MSE G 56 17.53 -4.29 0.43
CA MSE G 56 16.29 -3.95 1.10
C MSE G 56 15.27 -4.91 0.60
O MSE G 56 15.20 -5.12 -0.61
CB MSE G 56 15.84 -2.47 0.82
CG MSE G 56 16.77 -1.40 1.38
SE MSE G 56 17.09 -1.61 3.32
CE MSE G 56 15.31 -1.26 3.94
N SER G 57 14.46 -5.53 1.50
CA SER G 57 13.46 -6.46 0.98
C SER G 57 12.15 -6.43 1.69
N ASN G 58 11.06 -6.66 0.92
CA ASN G 58 9.74 -6.99 1.44
C ASN G 58 9.57 -8.50 1.26
N TYR G 59 9.47 -9.21 2.37
CA TYR G 59 9.34 -10.66 2.36
C TYR G 59 8.49 -11.12 3.52
N GLU G 60 8.02 -12.36 3.49
CA GLU G 60 7.33 -12.90 4.66
C GLU G 60 7.85 -14.30 4.98
N THR G 61 7.79 -14.63 6.27
CA THR G 61 8.21 -15.90 6.83
C THR G 61 7.01 -16.81 6.96
N LEU G 62 7.10 -18.03 6.40
CA LEU G 62 6.05 -19.03 6.49
C LEU G 62 6.53 -20.15 7.37
N SER G 63 5.85 -20.41 8.47
CA SER G 63 6.24 -21.45 9.39
C SER G 63 5.23 -22.59 9.42
N ASN G 64 5.73 -23.83 9.63
CA ASN G 64 4.87 -25.00 9.78
C ASN G 64 4.87 -25.43 11.26
N GLY G 65 5.43 -24.56 12.10
CA GLY G 65 5.55 -24.73 13.54
C GLY G 65 6.81 -25.43 14.00
N HIS G 66 7.66 -25.84 13.03
CA HIS G 66 8.93 -26.51 13.27
C HIS G 66 10.02 -25.78 12.50
N THR G 67 9.79 -25.57 11.19
CA THR G 67 10.70 -24.91 10.27
C THR G 67 9.99 -23.79 9.54
N ALA G 68 10.77 -22.89 8.93
CA ALA G 68 10.22 -21.78 8.18
C ALA G 68 10.98 -21.55 6.88
N THR G 69 10.33 -20.87 5.94
CA THR G 69 10.88 -20.46 4.63
C THR G 69 10.47 -19.02 4.37
N ALA G 70 11.11 -18.38 3.39
CA ALA G 70 10.82 -17.01 3.00
C ALA G 70 10.19 -16.94 1.62
N VAL G 71 9.23 -16.00 1.49
CA VAL G 71 8.58 -15.63 0.25
C VAL G 71 8.96 -14.19 0.02
N ILE G 72 9.67 -13.90 -1.08
CA ILE G 72 10.16 -12.54 -1.38
C ILE G 72 9.15 -11.83 -2.28
N TYR G 73 8.70 -10.64 -1.86
CA TYR G 73 7.74 -9.84 -2.60
C TYR G 73 8.44 -8.68 -3.32
N SER G 74 9.53 -8.15 -2.74
CA SER G 74 10.27 -7.08 -3.40
C SER G 74 11.72 -7.10 -2.95
N LEU G 75 12.60 -6.65 -3.86
CA LEU G 75 14.03 -6.52 -3.65
C LEU G 75 14.50 -5.23 -4.26
N GLN G 76 15.36 -4.51 -3.54
CA GLN G 76 16.00 -3.31 -4.04
C GLN G 76 17.33 -3.16 -3.40
N SER G 77 18.24 -2.50 -4.12
CA SER G 77 19.58 -2.29 -3.64
C SER G 77 19.60 -1.25 -2.55
N LEU G 78 20.72 -1.18 -1.84
CA LEU G 78 21.01 -0.13 -0.85
C LEU G 78 22.46 0.32 -1.12
N VAL G 79 22.87 1.45 -0.56
CA VAL G 79 24.23 1.95 -0.75
C VAL G 79 25.13 1.30 0.31
N THR G 80 26.26 0.73 -0.12
CA THR G 80 27.26 0.14 0.78
C THR G 80 28.57 0.94 0.62
N PRO G 81 28.64 2.18 1.19
CA PRO G 81 29.87 2.97 1.00
C PRO G 81 31.02 2.51 1.88
N THR G 82 32.18 2.28 1.27
CA THR G 82 33.36 1.90 2.03
C THR G 82 33.97 3.20 2.57
N PRO G 83 34.20 3.30 3.90
CA PRO G 83 34.80 4.53 4.44
C PRO G 83 36.18 4.83 3.80
N LYS G 84 36.40 6.07 3.33
CA LYS G 84 37.63 6.50 2.66
C LYS G 84 38.15 7.80 3.25
N PRO G 85 39.49 8.02 3.35
CA PRO G 85 39.98 9.32 3.86
C PRO G 85 39.70 10.46 2.89
N ALA G 86 39.64 11.71 3.38
CA ALA G 86 39.34 12.90 2.57
C ALA G 86 40.31 13.08 1.39
N ASP G 87 41.55 12.52 1.53
CA ASP G 87 42.64 12.59 0.54
C ASP G 87 42.54 11.47 -0.51
N ASP G 88 41.51 10.60 -0.42
CA ASP G 88 41.31 9.52 -1.38
C ASP G 88 40.92 10.08 -2.76
N PRO G 89 41.38 9.46 -3.88
CA PRO G 89 41.00 9.94 -5.22
C PRO G 89 39.48 10.08 -5.49
N THR G 90 38.60 9.35 -4.77
CA THR G 90 37.13 9.48 -4.99
C THR G 90 36.63 10.88 -4.57
N TYR G 91 37.35 11.54 -3.65
CA TYR G 91 36.98 12.86 -3.15
C TYR G 91 37.79 14.00 -3.82
N ARG G 92 38.43 13.69 -4.98
CA ARG G 92 39.25 14.62 -5.78
C ARG G 92 38.52 15.91 -6.14
N ASP G 93 37.21 15.82 -6.51
CA ASP G 93 36.40 16.97 -6.91
C ASP G 93 35.80 17.74 -5.71
N GLY G 94 36.18 17.34 -4.50
CA GLY G 94 35.74 17.98 -3.27
C GLY G 94 34.67 17.23 -2.50
N LEU G 95 34.61 17.50 -1.18
CA LEU G 95 33.64 16.89 -0.30
C LEU G 95 32.30 17.57 -0.48
N LYS G 96 31.24 16.78 -0.65
CA LYS G 96 29.89 17.28 -0.82
C LYS G 96 29.08 16.84 0.36
N HIS G 97 28.36 17.77 0.97
CA HIS G 97 27.58 17.50 2.18
C HIS G 97 26.18 18.06 2.07
N ASP G 98 25.46 17.71 1.00
CA ASP G 98 24.09 18.17 0.83
C ASP G 98 23.25 17.57 2.00
N PRO G 99 22.38 18.38 2.63
CA PRO G 99 21.68 17.93 3.83
C PRO G 99 20.75 16.74 3.67
N VAL G 100 20.67 15.95 4.74
CA VAL G 100 19.79 14.78 4.90
C VAL G 100 19.29 14.80 6.34
N ASP G 101 18.25 14.00 6.62
CA ASP G 101 17.78 13.74 7.98
C ASP G 101 18.07 12.28 8.28
N VAL G 102 18.46 11.95 9.52
CA VAL G 102 18.66 10.57 9.88
C VAL G 102 17.35 10.10 10.52
N VAL G 103 16.66 9.11 9.92
CA VAL G 103 15.39 8.54 10.44
C VAL G 103 15.71 7.49 11.54
N SER G 104 16.66 6.62 11.28
CA SER G 104 17.07 5.57 12.18
C SER G 104 18.53 5.23 11.86
N ILE G 105 19.35 4.95 12.89
CA ILE G 105 20.76 4.57 12.72
C ILE G 105 21.11 3.51 13.76
N TRP G 106 21.83 2.47 13.38
CA TRP G 106 22.20 1.40 14.29
C TRP G 106 23.27 0.48 13.73
N LEU G 107 23.95 -0.20 14.62
CA LEU G 107 24.93 -1.20 14.27
C LEU G 107 24.21 -2.51 14.12
N GLY G 108 24.58 -3.25 13.09
CA GLY G 108 23.99 -4.57 12.88
C GLY G 108 24.56 -5.32 11.71
N ARG G 109 24.73 -6.63 11.94
CA ARG G 109 25.22 -7.64 10.99
C ARG G 109 26.50 -7.17 10.24
N GLY G 110 27.44 -6.57 11.00
CA GLY G 110 28.72 -6.07 10.51
C GLY G 110 28.72 -4.73 9.78
N TYR G 111 27.61 -4.01 9.90
CA TYR G 111 27.43 -2.72 9.25
C TYR G 111 26.96 -1.66 10.20
N LEU G 112 27.17 -0.40 9.79
CA LEU G 112 26.58 0.74 10.41
C LEU G 112 25.43 1.06 9.49
N ASN G 113 24.21 0.72 9.92
CA ASN G 113 23.00 0.92 9.10
C ASN G 113 22.30 2.22 9.38
N MSE G 114 21.68 2.82 8.37
CA MSE G 114 20.89 4.00 8.57
C MSE G 114 19.85 4.16 7.48
O MSE G 114 20.04 3.76 6.33
CB MSE G 114 21.76 5.27 8.69
CG MSE G 114 22.47 5.65 7.41
SE MSE G 114 23.87 6.94 7.76
CE MSE G 114 25.22 5.78 8.53
N ILE G 115 18.73 4.77 7.88
CA ILE G 115 17.64 5.20 7.01
C ILE G 115 17.73 6.72 7.00
N LEU G 116 17.85 7.30 5.81
CA LEU G 116 17.91 8.75 5.66
C LEU G 116 16.65 9.26 5.00
N ASN G 117 16.31 10.51 5.28
CA ASN G 117 15.24 11.19 4.58
C ASN G 117 15.90 12.33 3.81
N LEU G 118 15.59 12.38 2.52
CA LEU G 118 16.08 13.32 1.53
C LEU G 118 14.96 14.08 0.92
N LYS G 119 15.25 15.31 0.44
CA LYS G 119 14.33 16.08 -0.36
C LYS G 119 14.96 16.05 -1.76
N VAL G 120 14.26 15.41 -2.70
CA VAL G 120 14.71 15.14 -4.08
C VAL G 120 13.71 15.70 -5.11
N ASN G 121 14.04 15.52 -6.39
CA ASN G 121 13.17 15.81 -7.52
C ASN G 121 13.31 14.61 -8.45
N GLY G 122 14.28 14.67 -9.37
CA GLY G 122 14.54 13.56 -10.28
C GLY G 122 15.63 13.85 -11.31
N GLY G 123 16.08 12.78 -11.95
CA GLY G 123 17.06 12.82 -13.02
C GLY G 123 18.49 13.06 -12.61
N LYS G 124 18.72 13.23 -11.30
CA LYS G 124 20.05 13.43 -10.74
C LYS G 124 20.35 12.32 -9.76
N GLN G 125 21.55 11.75 -9.86
CA GLN G 125 22.01 10.68 -8.97
C GLN G 125 22.49 11.29 -7.67
N HIS G 126 21.97 10.77 -6.55
CA HIS G 126 22.38 11.17 -5.22
C HIS G 126 23.50 10.23 -4.85
N VAL G 127 24.71 10.77 -4.71
CA VAL G 127 25.91 9.97 -4.42
C VAL G 127 26.24 10.09 -2.94
N PHE G 128 26.34 8.94 -2.26
CA PHE G 128 26.67 8.81 -0.85
C PHE G 128 28.04 8.18 -0.66
N GLY G 129 28.71 8.60 0.40
CA GLY G 129 30.01 8.10 0.78
C GLY G 129 30.24 8.36 2.24
N ILE G 130 31.35 7.86 2.76
CA ILE G 130 31.75 8.05 4.16
C ILE G 130 33.17 8.57 4.13
N VAL G 131 33.39 9.77 4.69
CA VAL G 131 34.70 10.39 4.81
C VAL G 131 35.25 9.93 6.14
N GLU G 132 36.32 9.17 6.08
CA GLU G 132 36.94 8.52 7.21
C GLU G 132 38.10 9.31 7.77
N ASP G 133 38.14 9.43 9.10
CA ASP G 133 39.22 10.03 9.84
C ASP G 133 39.65 9.03 10.90
N LEU G 134 40.89 8.55 10.78
CA LEU G 134 41.41 7.55 11.71
C LEU G 134 42.48 8.13 12.62
N SER G 135 42.49 9.47 12.80
CA SER G 135 43.48 10.17 13.64
C SER G 135 43.47 9.68 15.10
N GLU G 136 42.30 9.23 15.61
CA GLU G 136 42.14 8.76 16.99
C GLU G 136 42.07 7.21 17.05
N PHE G 137 42.12 6.52 15.92
CA PHE G 137 41.98 5.08 15.90
C PHE G 137 43.08 4.32 16.64
N GLU G 138 44.37 4.68 16.47
CA GLU G 138 45.43 3.98 17.17
C GLU G 138 45.47 4.43 18.62
N THR G 139 45.10 5.72 18.88
CA THR G 139 45.13 6.28 20.23
C THR G 139 43.97 5.76 21.08
N ASN G 140 42.70 5.75 20.58
CA ASN G 140 41.60 5.25 21.43
C ASN G 140 40.45 4.56 20.68
N GLY G 141 40.79 3.82 19.62
CA GLY G 141 39.86 3.01 18.84
C GLY G 141 38.66 3.70 18.24
N THR G 142 38.70 5.03 18.16
CA THR G 142 37.62 5.84 17.61
C THR G 142 37.76 5.96 16.08
N VAL G 143 36.65 5.69 15.38
CA VAL G 143 36.54 5.85 13.94
C VAL G 143 35.62 7.04 13.71
N ASN G 144 36.15 8.13 13.14
CA ASN G 144 35.34 9.29 12.81
C ASN G 144 34.80 9.15 11.37
N MSE G 145 33.49 9.30 11.22
CA MSE G 145 32.83 9.18 9.94
C MSE G 145 32.02 10.42 9.65
O MSE G 145 31.25 10.88 10.49
CB MSE G 145 31.92 7.96 9.91
CG MSE G 145 32.65 6.64 9.99
SE MSE G 145 31.43 5.17 9.66
CE MSE G 145 32.66 3.73 9.97
N LEU G 146 32.18 10.98 8.45
CA LEU G 146 31.40 12.12 7.99
C LEU G 146 30.66 11.70 6.73
N LEU G 147 29.35 11.93 6.70
CA LEU G 147 28.56 11.57 5.52
C LEU G 147 28.89 12.49 4.36
N TYR G 148 29.18 11.87 3.23
CA TYR G 148 29.36 12.54 1.95
C TYR G 148 28.04 12.38 1.21
N HIS G 149 27.46 13.48 0.74
CA HIS G 149 26.23 13.41 -0.03
C HIS G 149 26.27 14.47 -1.12
N ASP G 150 26.28 14.02 -2.37
CA ASP G 150 26.25 14.88 -3.55
C ASP G 150 24.89 14.68 -4.20
N ALA G 151 24.03 15.72 -4.14
CA ALA G 151 22.68 15.71 -4.71
C ALA G 151 22.74 16.06 -6.19
N ASN G 152 23.93 16.47 -6.70
CA ASN G 152 24.19 16.82 -8.11
C ASN G 152 23.20 17.89 -8.61
N GLY G 153 22.93 18.85 -7.75
CA GLY G 153 22.02 19.96 -8.05
C GLY G 153 20.54 19.64 -8.09
N ASP G 154 20.14 18.41 -7.67
CA ASP G 154 18.75 17.97 -7.61
C ASP G 154 17.98 18.87 -6.68
N GLU G 155 16.80 19.34 -7.11
CA GLU G 155 15.96 20.26 -6.32
C GLU G 155 15.39 19.53 -5.10
N GLU G 156 15.12 20.27 -4.03
CA GLU G 156 14.64 19.70 -2.77
C GLU G 156 13.11 19.84 -2.73
N TYR G 157 12.42 18.98 -3.49
CA TYR G 157 10.98 19.06 -3.65
C TYR G 157 10.18 18.00 -2.87
N TYR G 158 10.56 16.73 -3.00
CA TYR G 158 9.81 15.60 -2.44
C TYR G 158 10.64 14.78 -1.50
N ASN G 159 10.00 14.29 -0.43
CA ASN G 159 10.67 13.41 0.53
C ASN G 159 10.88 12.03 -0.06
N ARG G 160 12.07 11.50 0.11
CA ARG G 160 12.45 10.16 -0.33
C ARG G 160 13.44 9.56 0.66
N ARG G 161 13.29 8.28 0.97
CA ARG G 161 14.20 7.57 1.86
C ARG G 161 15.36 7.00 1.10
N ALA G 162 16.52 6.98 1.76
CA ALA G 162 17.74 6.36 1.27
C ALA G 162 18.22 5.42 2.34
N TYR G 163 18.81 4.31 1.95
CA TYR G 163 19.25 3.24 2.84
C TYR G 163 20.74 2.99 2.65
N LEU G 164 21.50 3.11 3.75
CA LEU G 164 22.93 2.89 3.76
C LEU G 164 23.34 1.80 4.74
N SER G 165 24.23 0.88 4.30
CA SER G 165 24.86 -0.11 5.18
C SER G 165 26.34 0.04 4.99
N VAL G 166 27.00 0.75 5.94
CA VAL G 166 28.44 1.02 5.91
C VAL G 166 29.20 -0.23 6.39
N PRO G 167 29.96 -0.93 5.52
CA PRO G 167 30.70 -2.13 5.98
C PRO G 167 31.77 -1.78 7.00
N LEU G 168 31.87 -2.57 8.09
CA LEU G 168 32.82 -2.30 9.16
C LEU G 168 33.91 -3.38 9.28
N ASP G 169 34.06 -4.22 8.24
CA ASP G 169 35.03 -5.32 8.21
C ASP G 169 36.48 -4.83 8.25
N LYS G 170 36.75 -3.62 7.69
CA LYS G 170 38.11 -3.04 7.65
C LYS G 170 38.65 -2.65 9.02
N TYR G 171 37.78 -2.64 10.05
CA TYR G 171 38.17 -2.26 11.41
C TYR G 171 38.50 -3.48 12.28
N ALA G 172 38.12 -4.67 11.81
CA ALA G 172 38.44 -5.92 12.48
C ALA G 172 39.93 -6.25 12.23
N ASP G 173 40.66 -6.56 13.28
CA ASP G 173 42.07 -6.92 13.17
C ASP G 173 42.21 -8.36 13.61
N ALA G 174 42.60 -9.26 12.67
CA ALA G 174 42.75 -10.70 12.91
C ALA G 174 43.77 -11.01 14.01
N GLU G 175 44.86 -10.21 14.07
CA GLU G 175 45.93 -10.39 15.07
C GLU G 175 45.62 -9.61 16.36
N ASN G 176 44.44 -8.95 16.44
CA ASN G 176 44.00 -8.19 17.61
C ASN G 176 42.48 -8.43 17.85
N PRO G 177 42.06 -9.66 18.24
CA PRO G 177 40.62 -9.90 18.42
C PRO G 177 40.09 -9.42 19.78
N GLY G 178 38.80 -9.05 19.81
CA GLY G 178 38.15 -8.56 21.03
C GLY G 178 38.26 -7.08 21.25
N GLN G 179 38.84 -6.39 20.26
CA GLN G 179 39.11 -4.95 20.22
C GLN G 179 37.78 -4.18 20.18
N LYS G 180 37.59 -3.20 21.09
CA LYS G 180 36.40 -2.37 21.19
C LYS G 180 36.60 -1.07 20.37
N ILE G 181 35.80 -0.90 19.31
CA ILE G 181 35.85 0.24 18.39
C ILE G 181 34.68 1.18 18.69
N THR G 182 34.88 2.52 18.55
CA THR G 182 33.83 3.52 18.74
C THR G 182 33.61 4.29 17.43
N ILE G 183 32.45 4.14 16.82
CA ILE G 183 32.14 4.87 15.57
C ILE G 183 31.43 6.15 15.94
N LYS G 184 31.97 7.29 15.51
CA LYS G 184 31.41 8.61 15.74
C LYS G 184 31.00 9.17 14.38
N PHE G 185 29.68 9.15 14.10
CA PHE G 185 29.15 9.58 12.82
C PHE G 185 28.62 11.02 12.84
N LYS G 186 29.09 11.84 11.87
CA LYS G 186 28.65 13.22 11.64
C LYS G 186 27.99 13.33 10.26
N TYR G 187 27.07 14.28 10.10
CA TYR G 187 26.38 14.51 8.83
C TYR G 187 25.81 15.91 8.82
N TYR G 188 25.69 16.50 7.63
CA TYR G 188 25.09 17.82 7.48
C TYR G 188 23.58 17.66 7.32
N THR G 189 22.84 18.50 8.04
CA THR G 189 21.38 18.52 8.09
C THR G 189 20.92 19.98 8.19
N TYR G 190 19.64 20.23 7.94
CA TYR G 190 19.09 21.58 8.08
C TYR G 190 18.61 21.80 9.49
N ASP G 191 18.84 22.99 10.04
CA ASP G 191 18.29 23.35 11.35
C ASP G 191 16.83 23.86 11.13
N LYS G 192 16.16 24.31 12.22
CA LYS G 192 14.78 24.84 12.19
C LYS G 192 14.61 25.99 11.16
N ASP G 193 15.69 26.79 10.92
CA ASP G 193 15.73 27.96 10.03
C ASP G 193 16.14 27.67 8.56
N GLY G 194 16.43 26.41 8.25
CA GLY G 194 16.85 25.98 6.92
C GLY G 194 18.33 26.21 6.63
N THR G 195 19.16 26.30 7.69
CA THR G 195 20.60 26.48 7.59
C THR G 195 21.25 25.10 7.70
N ALA G 196 22.14 24.77 6.75
CA ALA G 196 22.84 23.52 6.77
C ALA G 196 23.92 23.56 7.85
N ILE G 197 23.84 22.61 8.79
CA ILE G 197 24.78 22.52 9.93
C ILE G 197 25.31 21.08 10.04
N GLU G 198 26.55 20.94 10.54
CA GLU G 198 27.16 19.64 10.76
C GLU G 198 26.64 19.14 12.12
N SER G 199 25.88 18.02 12.13
CA SER G 199 25.32 17.46 13.36
C SER G 199 26.27 16.42 13.97
N GLY G 200 26.56 16.60 15.24
CA GLY G 200 27.40 15.71 16.04
C GLY G 200 26.57 14.90 17.02
N LYS G 201 25.24 14.88 16.78
CA LYS G 201 24.20 14.15 17.52
C LYS G 201 24.61 12.66 17.82
N TYR G 202 25.20 11.97 16.83
CA TYR G 202 25.54 10.55 16.95
C TYR G 202 27.04 10.31 17.32
N CYS G 203 27.72 11.36 17.87
CA CYS G 203 29.13 11.32 18.29
C CYS G 203 29.26 11.17 19.79
N ASN G 204 28.22 11.52 20.55
CA ASN G 204 28.27 11.47 22.01
C ASN G 204 27.24 10.48 22.54
N PRO G 205 27.67 9.28 23.02
CA PRO G 205 29.07 8.81 23.16
C PRO G 205 29.66 8.15 21.90
N GLY G 206 28.81 7.93 20.89
CA GLY G 206 29.19 7.23 19.66
C GLY G 206 28.69 5.81 19.74
N PHE G 207 28.96 5.02 18.69
CA PHE G 207 28.50 3.63 18.66
C PHE G 207 29.66 2.68 18.96
N GLU G 208 29.62 2.03 20.13
CA GLU G 208 30.70 1.10 20.40
C GLU G 208 30.28 -0.32 20.06
N TYR G 209 31.24 -1.07 19.48
CA TYR G 209 31.05 -2.45 19.06
C TYR G 209 32.40 -3.21 19.04
N VAL G 210 32.32 -4.54 19.15
CA VAL G 210 33.47 -5.44 19.10
C VAL G 210 33.34 -6.26 17.81
N PRO G 211 34.19 -6.00 16.77
CA PRO G 211 34.06 -6.76 15.51
C PRO G 211 34.46 -8.22 15.64
N ASP G 212 33.50 -9.07 16.14
CA ASP G 212 33.64 -10.52 16.33
C ASP G 212 32.29 -11.24 16.16
N TYR H 7 4.06 -4.34 -9.78
CA TYR H 7 2.89 -4.37 -8.93
C TYR H 7 3.07 -3.40 -7.71
N PRO H 8 3.12 -2.03 -7.92
CA PRO H 8 3.39 -1.10 -6.78
C PRO H 8 2.44 -1.09 -5.58
N SER H 9 3.08 -0.87 -4.40
CA SER H 9 2.50 -0.79 -3.05
C SER H 9 1.55 0.40 -2.91
N VAL H 10 1.92 1.56 -3.50
CA VAL H 10 1.09 2.78 -3.51
C VAL H 10 0.61 3.02 -4.92
N LYS H 11 -0.70 3.28 -5.07
CA LYS H 11 -1.28 3.55 -6.39
C LYS H 11 -0.97 5.03 -6.75
N LEU H 12 -0.22 5.22 -7.83
CA LEU H 12 0.21 6.53 -8.31
C LEU H 12 -0.48 6.88 -9.57
N GLU H 13 -0.78 8.16 -9.74
CA GLU H 13 -1.45 8.68 -10.93
C GLU H 13 -0.65 9.77 -11.56
N PHE H 14 -0.73 9.88 -12.92
CA PHE H 14 -0.12 10.98 -13.69
C PHE H 14 -1.03 12.17 -13.47
N VAL H 15 -0.50 13.28 -12.87
CA VAL H 15 -1.26 14.49 -12.57
C VAL H 15 -0.39 15.71 -12.86
N THR H 16 -1.01 16.87 -12.89
CA THR H 16 -0.34 18.16 -12.92
C THR H 16 -0.70 18.84 -11.59
N VAL H 17 0.30 19.43 -10.96
CA VAL H 17 0.09 20.21 -9.77
C VAL H 17 0.45 21.66 -10.08
N LYS H 18 -0.33 22.62 -9.56
CA LYS H 18 -0.10 24.05 -9.75
C LYS H 18 0.20 24.70 -8.43
N ALA H 19 1.33 25.46 -8.36
CA ALA H 19 1.68 26.16 -7.12
C ALA H 19 1.15 27.58 -7.11
N GLY H 20 0.85 28.05 -5.89
CA GLY H 20 0.42 29.41 -5.63
C GLY H 20 1.60 30.35 -5.52
N THR H 21 1.33 31.61 -5.13
CA THR H 21 2.36 32.62 -5.05
C THR H 21 3.40 32.29 -3.96
N ASP H 22 3.05 31.45 -2.99
CA ASP H 22 3.95 31.01 -1.90
C ASP H 22 4.62 29.64 -2.20
N GLY H 23 4.40 29.08 -3.38
CA GLY H 23 4.99 27.79 -3.74
C GLY H 23 4.23 26.55 -3.29
N SER H 24 3.20 26.72 -2.43
CA SER H 24 2.34 25.65 -1.95
C SER H 24 1.47 25.08 -3.11
N ILE H 25 1.15 23.77 -3.09
CA ILE H 25 0.33 23.15 -4.13
C ILE H 25 -1.11 23.61 -3.92
N GLN H 26 -1.67 24.32 -4.91
CA GLN H 26 -3.03 24.88 -4.82
C GLN H 26 -4.06 24.08 -5.60
N THR H 27 -3.65 23.52 -6.74
CA THR H 27 -4.55 22.77 -7.61
C THR H 27 -3.89 21.48 -8.08
N LEU H 28 -4.70 20.40 -8.14
CA LEU H 28 -4.30 19.12 -8.69
C LEU H 28 -5.20 18.87 -9.91
N ILE H 29 -4.60 18.70 -11.08
CA ILE H 29 -5.37 18.46 -12.30
C ILE H 29 -5.17 16.96 -12.75
N PRO H 30 -6.17 16.05 -12.47
CA PRO H 30 -6.04 14.64 -12.90
C PRO H 30 -6.10 14.54 -14.41
N ASP H 31 -5.60 13.42 -14.98
CA ASP H 31 -5.63 13.21 -16.41
C ASP H 31 -7.08 12.90 -16.88
N ASN H 32 -7.85 12.22 -16.03
CA ASN H 32 -9.24 11.79 -16.26
C ASN H 32 -10.27 12.91 -15.97
N GLY H 33 -10.44 13.31 -14.71
CA GLY H 33 -11.40 14.32 -14.29
C GLY H 33 -11.00 15.78 -14.49
N GLU H 34 -11.82 16.69 -13.90
CA GLU H 34 -11.66 18.13 -13.89
C GLU H 34 -10.69 18.51 -12.77
N ALA H 35 -10.14 19.75 -12.83
CA ALA H 35 -9.20 20.28 -11.83
C ALA H 35 -9.81 20.30 -10.43
N LEU H 36 -9.00 20.03 -9.42
CA LEU H 36 -9.40 20.01 -8.02
C LEU H 36 -8.58 20.98 -7.21
N THR H 37 -9.24 21.71 -6.29
CA THR H 37 -8.55 22.57 -5.33
C THR H 37 -7.96 21.61 -4.31
N VAL H 38 -6.73 21.87 -3.88
CA VAL H 38 -6.10 21.03 -2.88
C VAL H 38 -6.56 21.51 -1.51
N SER H 39 -7.39 20.71 -0.80
CA SER H 39 -7.83 21.09 0.53
C SER H 39 -6.73 20.82 1.57
N LYS H 40 -5.91 19.80 1.31
CA LYS H 40 -4.80 19.45 2.19
C LYS H 40 -3.67 18.77 1.40
N ASP H 41 -2.45 19.28 1.55
CA ASP H 41 -1.26 18.68 0.98
C ASP H 41 -0.51 18.11 2.16
N ARG H 42 -0.66 16.79 2.40
N ARG H 42 -0.66 16.81 2.40
CA ARG H 42 -0.04 16.12 3.54
CA ARG H 42 -0.04 16.15 3.55
C ARG H 42 1.47 15.92 3.35
C ARG H 42 1.46 15.90 3.34
N THR H 43 1.99 16.21 2.13
CA THR H 43 3.43 16.08 1.84
C THR H 43 4.18 17.35 2.25
N GLY H 44 3.45 18.46 2.39
CA GLY H 44 3.96 19.78 2.71
C GLY H 44 4.97 20.27 1.68
N SER H 45 4.80 19.86 0.39
CA SER H 45 5.67 20.20 -0.72
C SER H 45 5.56 21.65 -1.09
N ALA H 46 6.67 22.15 -1.64
CA ALA H 46 6.78 23.50 -2.14
C ALA H 46 7.59 23.47 -3.42
N ILE H 47 6.97 23.93 -4.51
CA ILE H 47 7.64 23.98 -5.79
C ILE H 47 7.84 25.47 -6.12
N SER H 48 8.43 25.78 -7.28
CA SER H 48 8.66 27.18 -7.63
C SER H 48 7.31 27.92 -7.68
N PRO H 49 7.19 29.11 -7.05
CA PRO H 49 5.90 29.82 -7.05
C PRO H 49 5.36 30.06 -8.45
N ASN H 50 4.04 29.85 -8.62
CA ASN H 50 3.29 30.07 -9.86
C ASN H 50 3.76 29.21 -11.01
N THR H 51 4.18 27.99 -10.70
CA THR H 51 4.58 27.03 -11.73
C THR H 51 3.69 25.82 -11.64
N SER H 52 3.73 25.02 -12.71
CA SER H 52 3.03 23.77 -12.86
C SER H 52 4.03 22.68 -13.04
N ARG H 53 3.78 21.51 -12.45
CA ARG H 53 4.67 20.39 -12.61
C ARG H 53 3.89 19.16 -12.94
N ARG H 54 4.47 18.35 -13.85
CA ARG H 54 4.01 17.03 -14.23
C ARG H 54 4.65 16.07 -13.23
N VAL H 55 3.79 15.44 -12.40
CA VAL H 55 4.20 14.57 -11.30
C VAL H 55 3.33 13.31 -11.22
N MSE H 56 3.82 12.30 -10.45
CA MSE H 56 3.13 11.07 -10.03
C MSE H 56 2.57 11.39 -8.66
O MSE H 56 3.30 11.94 -7.83
CB MSE H 56 4.08 9.84 -9.94
CG MSE H 56 4.61 9.35 -11.28
SE MSE H 56 3.25 9.10 -12.68
CE MSE H 56 2.30 7.62 -11.88
N SER H 57 1.31 11.08 -8.40
CA SER H 57 0.78 11.42 -7.09
C SER H 57 -0.19 10.40 -6.56
N ASN H 58 -0.09 10.19 -5.23
CA ASN H 58 -1.08 9.45 -4.49
C ASN H 58 -1.94 10.53 -3.81
N TYR H 59 -3.17 10.65 -4.26
CA TYR H 59 -4.11 11.63 -3.72
C TYR H 59 -5.49 11.02 -3.66
N GLU H 60 -6.40 11.66 -2.90
CA GLU H 60 -7.78 11.22 -2.93
C GLU H 60 -8.70 12.44 -3.10
N THR H 61 -9.85 12.19 -3.74
CA THR H 61 -10.89 13.15 -4.00
C THR H 61 -11.93 13.06 -2.90
N LEU H 62 -12.23 14.20 -2.27
CA LEU H 62 -13.25 14.28 -1.25
C LEU H 62 -14.42 15.04 -1.80
N SER H 63 -15.57 14.38 -1.96
CA SER H 63 -16.76 15.03 -2.47
C SER H 63 -17.81 15.17 -1.37
N ASN H 64 -18.53 16.30 -1.39
CA ASN H 64 -19.65 16.54 -0.46
C ASN H 64 -20.97 16.36 -1.19
N GLY H 65 -20.90 15.79 -2.41
CA GLY H 65 -22.02 15.52 -3.29
C GLY H 65 -22.38 16.65 -4.23
N HIS H 66 -21.68 17.77 -4.13
CA HIS H 66 -21.87 18.97 -4.95
C HIS H 66 -20.53 19.40 -5.53
N THR H 67 -19.52 19.52 -4.65
CA THR H 67 -18.19 19.97 -4.99
C THR H 67 -17.17 18.97 -4.43
N ALA H 68 -15.94 19.03 -4.96
CA ALA H 68 -14.87 18.15 -4.49
C ALA H 68 -13.54 18.87 -4.39
N THR H 69 -12.64 18.33 -3.56
CA THR H 69 -11.27 18.82 -3.33
C THR H 69 -10.34 17.64 -3.30
N ALA H 70 -9.03 17.89 -3.39
CA ALA H 70 -8.01 16.87 -3.35
C ALA H 70 -7.19 16.95 -2.07
N VAL H 71 -6.86 15.77 -1.53
CA VAL H 71 -5.95 15.55 -0.40
C VAL H 71 -4.77 14.80 -0.98
N ILE H 72 -3.56 15.41 -0.96
CA ILE H 72 -2.36 14.79 -1.52
C ILE H 72 -1.63 14.03 -0.42
N TYR H 73 -1.33 12.73 -0.68
CA TYR H 73 -0.62 11.87 0.26
C TYR H 73 0.82 11.71 -0.13
N SER H 74 1.13 11.72 -1.43
CA SER H 74 2.51 11.61 -1.89
C SER H 74 2.66 12.26 -3.24
N LEU H 75 3.86 12.69 -3.55
CA LEU H 75 4.27 13.26 -4.82
C LEU H 75 5.63 12.78 -5.15
N GLN H 76 5.86 12.49 -6.41
CA GLN H 76 7.18 12.14 -6.90
C GLN H 76 7.34 12.57 -8.33
N SER H 77 8.55 12.63 -8.83
CA SER H 77 8.75 13.10 -10.18
C SER H 77 8.66 11.97 -11.19
N LEU H 78 8.46 12.37 -12.43
CA LEU H 78 8.47 11.55 -13.62
C LEU H 78 9.39 12.26 -14.63
N VAL H 79 9.89 11.53 -15.63
CA VAL H 79 10.77 12.10 -16.65
C VAL H 79 9.89 12.80 -17.68
N THR H 80 10.16 14.08 -17.99
CA THR H 80 9.42 14.80 -19.03
C THR H 80 10.40 15.06 -20.18
N PRO H 81 10.76 14.05 -21.00
CA PRO H 81 11.78 14.29 -22.03
C PRO H 81 11.21 15.03 -23.23
N THR H 82 11.88 16.14 -23.59
CA THR H 82 11.50 16.90 -24.78
C THR H 82 12.06 16.15 -26.00
N PRO H 83 11.22 15.80 -27.00
CA PRO H 83 11.73 15.13 -28.19
C PRO H 83 12.76 16.00 -28.90
N LYS H 84 13.94 15.42 -29.20
CA LYS H 84 15.04 16.11 -29.84
C LYS H 84 15.60 15.27 -30.99
N PRO H 85 16.04 15.89 -32.10
CA PRO H 85 16.60 15.09 -33.21
C PRO H 85 17.91 14.39 -32.82
N ALA H 86 18.27 13.32 -33.55
CA ALA H 86 19.48 12.53 -33.27
C ALA H 86 20.77 13.38 -33.32
N ASP H 87 20.73 14.48 -34.09
CA ASP H 87 21.83 15.43 -34.27
C ASP H 87 21.90 16.50 -33.15
N ASP H 88 20.98 16.46 -32.16
CA ASP H 88 20.97 17.40 -31.03
C ASP H 88 22.21 17.20 -30.14
N PRO H 89 22.80 18.28 -29.58
CA PRO H 89 23.99 18.13 -28.72
C PRO H 89 23.84 17.19 -27.50
N THR H 90 22.59 16.91 -27.02
CA THR H 90 22.39 15.98 -25.90
C THR H 90 22.77 14.54 -26.29
N TYR H 91 22.69 14.22 -27.59
CA TYR H 91 23.00 12.88 -28.11
C TYR H 91 24.43 12.79 -28.69
N ARG H 92 25.30 13.77 -28.36
CA ARG H 92 26.70 13.86 -28.81
C ARG H 92 27.53 12.61 -28.51
N ASP H 93 27.33 12.00 -27.32
CA ASP H 93 28.07 10.80 -26.91
C ASP H 93 27.45 9.49 -27.44
N GLY H 94 26.46 9.61 -28.32
CA GLY H 94 25.80 8.48 -28.96
C GLY H 94 24.44 8.13 -28.40
N LEU H 95 23.62 7.48 -29.23
CA LEU H 95 22.28 7.04 -28.87
C LEU H 95 22.40 5.77 -28.06
N LYS H 96 21.72 5.75 -26.89
CA LYS H 96 21.72 4.61 -25.99
C LYS H 96 20.32 4.04 -25.97
N HIS H 97 20.20 2.71 -26.12
CA HIS H 97 18.92 2.03 -26.18
C HIS H 97 18.89 0.81 -25.30
N ASP H 98 19.27 0.94 -24.02
CA ASP H 98 19.23 -0.18 -23.08
C ASP H 98 17.77 -0.65 -22.95
N PRO H 99 17.49 -1.97 -22.99
CA PRO H 99 16.10 -2.43 -23.03
C PRO H 99 15.22 -2.07 -21.85
N VAL H 100 13.93 -1.92 -22.15
CA VAL H 100 12.86 -1.67 -21.18
C VAL H 100 11.65 -2.45 -21.67
N ASP H 101 10.63 -2.59 -20.81
CA ASP H 101 9.32 -3.10 -21.21
C ASP H 101 8.33 -1.95 -21.06
N VAL H 102 7.36 -1.85 -21.97
CA VAL H 102 6.31 -0.86 -21.85
C VAL H 102 5.16 -1.58 -21.12
N VAL H 103 4.78 -1.10 -19.92
CA VAL H 103 3.67 -1.64 -19.13
C VAL H 103 2.34 -1.03 -19.65
N SER H 104 2.33 0.26 -19.90
CA SER H 104 1.18 1.00 -20.35
C SER H 104 1.65 2.26 -21.05
N ILE H 105 0.94 2.64 -22.13
CA ILE H 105 1.25 3.83 -22.93
C ILE H 105 -0.07 4.41 -23.45
N TRP H 106 -0.23 5.73 -23.35
CA TRP H 106 -1.47 6.39 -23.78
C TRP H 106 -1.28 7.88 -23.90
N LEU H 107 -2.15 8.50 -24.66
CA LEU H 107 -2.20 9.94 -24.77
C LEU H 107 -3.09 10.48 -23.67
N GLY H 108 -2.64 11.54 -23.03
CA GLY H 108 -3.40 12.17 -21.97
C GLY H 108 -2.87 13.55 -21.65
N ARG H 109 -3.77 14.55 -21.74
CA ARG H 109 -3.59 15.94 -21.40
C ARG H 109 -2.32 16.60 -21.95
N GLY H 110 -2.08 16.43 -23.25
CA GLY H 110 -0.95 17.05 -23.93
C GLY H 110 0.39 16.44 -23.60
N TYR H 111 0.38 15.12 -23.40
CA TYR H 111 1.55 14.29 -23.11
C TYR H 111 1.36 12.92 -23.67
N LEU H 112 2.48 12.27 -24.01
CA LEU H 112 2.49 10.86 -24.36
C LEU H 112 3.02 10.19 -23.11
N ASN H 113 2.12 9.59 -22.30
CA ASN H 113 2.49 8.96 -21.02
C ASN H 113 2.79 7.50 -21.17
N MSE H 114 3.75 6.98 -20.38
CA MSE H 114 4.07 5.58 -20.34
C MSE H 114 4.69 5.16 -18.99
O MSE H 114 5.38 5.92 -18.30
CB MSE H 114 4.99 5.14 -21.51
CG MSE H 114 6.41 5.65 -21.38
SE MSE H 114 7.33 5.62 -23.06
CE MSE H 114 6.50 7.11 -23.93
N ILE H 115 4.38 3.93 -18.63
CA ILE H 115 4.91 3.24 -17.49
C ILE H 115 5.87 2.20 -18.07
N LEU H 116 7.13 2.25 -17.66
CA LEU H 116 8.11 1.31 -18.12
C LEU H 116 8.53 0.35 -17.02
N ASN H 117 8.95 -0.83 -17.38
CA ASN H 117 9.54 -1.78 -16.44
C ASN H 117 10.99 -1.95 -16.86
N LEU H 118 11.88 -1.75 -15.89
CA LEU H 118 13.33 -1.84 -16.00
C LEU H 118 13.88 -2.90 -15.11
N LYS H 119 15.05 -3.45 -15.47
CA LYS H 119 15.82 -4.32 -14.59
C LYS H 119 17.04 -3.47 -14.19
N VAL H 120 17.12 -3.13 -12.89
CA VAL H 120 18.13 -2.23 -12.31
C VAL H 120 18.90 -2.93 -11.17
N ASN H 121 19.84 -2.19 -10.59
CA ASN H 121 20.56 -2.57 -9.39
C ASN H 121 20.59 -1.31 -8.50
N GLY H 122 21.60 -0.48 -8.69
CA GLY H 122 21.71 0.79 -7.95
C GLY H 122 22.99 1.55 -8.24
N GLY H 123 22.98 2.81 -7.79
CA GLY H 123 24.10 3.74 -7.88
C GLY H 123 24.39 4.29 -9.26
N LYS H 124 23.59 3.92 -10.25
CA LYS H 124 23.73 4.39 -11.62
C LYS H 124 22.44 5.05 -12.01
N GLN H 125 22.55 6.24 -12.63
CA GLN H 125 21.41 7.01 -13.09
C GLN H 125 20.94 6.46 -14.44
N HIS H 126 19.65 6.18 -14.54
CA HIS H 126 19.02 5.73 -15.77
C HIS H 126 18.54 6.99 -16.44
N VAL H 127 19.13 7.30 -17.61
CA VAL H 127 18.82 8.52 -18.35
C VAL H 127 17.90 8.18 -19.51
N PHE H 128 16.75 8.89 -19.57
CA PHE H 128 15.74 8.72 -20.61
C PHE H 128 15.64 9.94 -21.48
N GLY H 129 15.29 9.72 -22.74
CA GLY H 129 15.09 10.77 -23.73
C GLY H 129 14.24 10.25 -24.87
N ILE H 130 13.90 11.13 -25.81
CA ILE H 130 13.11 10.80 -26.99
C ILE H 130 13.88 11.31 -28.18
N VAL H 131 14.24 10.37 -29.09
CA VAL H 131 14.92 10.70 -30.33
C VAL H 131 13.81 10.96 -31.37
N GLU H 132 13.73 12.20 -31.85
CA GLU H 132 12.70 12.68 -32.75
C GLU H 132 13.12 12.64 -34.22
N ASP H 133 12.20 12.14 -35.08
CA ASP H 133 12.36 12.10 -36.53
C ASP H 133 11.11 12.71 -37.16
N LEU H 134 11.27 13.85 -37.86
CA LEU H 134 10.12 14.53 -38.46
C LEU H 134 10.11 14.42 -39.98
N SER H 135 10.80 13.40 -40.55
CA SER H 135 10.89 13.17 -41.99
C SER H 135 9.53 12.99 -42.69
N GLU H 136 8.52 12.45 -41.97
CA GLU H 136 7.16 12.23 -42.50
C GLU H 136 6.17 13.27 -42.02
N PHE H 137 6.61 14.24 -41.19
CA PHE H 137 5.72 15.25 -40.61
C PHE H 137 5.01 16.12 -41.64
N GLU H 138 5.70 16.52 -42.74
CA GLU H 138 5.07 17.34 -43.78
C GLU H 138 4.23 16.46 -44.70
N THR H 139 4.64 15.18 -44.85
CA THR H 139 3.97 14.17 -45.69
C THR H 139 2.58 13.78 -45.14
N ASN H 140 2.51 13.32 -43.86
CA ASN H 140 1.26 12.83 -43.27
C ASN H 140 1.07 13.17 -41.77
N GLY H 141 1.82 14.14 -41.25
CA GLY H 141 1.72 14.56 -39.85
C GLY H 141 2.24 13.56 -38.83
N THR H 142 3.07 12.59 -39.30
CA THR H 142 3.65 11.55 -38.47
C THR H 142 4.89 12.08 -37.74
N VAL H 143 4.92 11.86 -36.41
CA VAL H 143 6.03 12.18 -35.51
C VAL H 143 6.61 10.84 -35.10
N ASN H 144 7.84 10.56 -35.54
CA ASN H 144 8.53 9.32 -35.15
C ASN H 144 9.33 9.56 -33.89
N MSE H 145 9.13 8.70 -32.89
CA MSE H 145 9.81 8.81 -31.60
C MSE H 145 10.50 7.52 -31.25
O MSE H 145 9.88 6.45 -31.33
CB MSE H 145 8.81 9.16 -30.49
CG MSE H 145 8.18 10.52 -30.64
SE MSE H 145 7.21 10.94 -29.01
CE MSE H 145 6.45 12.64 -29.57
N LEU H 146 11.76 7.60 -30.85
CA LEU H 146 12.55 6.45 -30.42
C LEU H 146 13.01 6.69 -29.00
N LEU H 147 12.76 5.74 -28.12
CA LEU H 147 13.18 5.87 -26.72
C LEU H 147 14.69 5.77 -26.60
N TYR H 148 15.28 6.76 -25.93
CA TYR H 148 16.67 6.79 -25.54
C TYR H 148 16.72 6.33 -24.09
N HIS H 149 17.54 5.33 -23.79
CA HIS H 149 17.70 4.85 -22.43
C HIS H 149 19.15 4.46 -22.19
N ASP H 150 19.82 5.19 -21.28
CA ASP H 150 21.19 4.91 -20.86
C ASP H 150 21.16 4.42 -19.43
N ALA H 151 21.44 3.12 -19.23
CA ALA H 151 21.45 2.47 -17.91
C ALA H 151 22.77 2.71 -17.19
N ASN H 152 23.76 3.32 -17.88
CA ASN H 152 25.09 3.65 -17.35
C ASN H 152 25.81 2.40 -16.73
N GLY H 153 25.64 1.25 -17.38
CA GLY H 153 26.23 -0.02 -16.97
C GLY H 153 25.58 -0.68 -15.77
N ASP H 154 24.42 -0.14 -15.30
CA ASP H 154 23.68 -0.71 -14.16
C ASP H 154 23.28 -2.15 -14.47
N GLU H 155 23.51 -3.07 -13.51
CA GLU H 155 23.20 -4.50 -13.65
C GLU H 155 21.68 -4.71 -13.73
N GLU H 156 21.26 -5.76 -14.43
CA GLU H 156 19.85 -6.06 -14.62
C GLU H 156 19.41 -7.08 -13.57
N TYR H 157 19.23 -6.61 -12.32
CA TYR H 157 18.92 -7.49 -11.20
C TYR H 157 17.46 -7.44 -10.73
N TYR H 158 16.92 -6.25 -10.48
CA TYR H 158 15.61 -6.07 -9.88
C TYR H 158 14.69 -5.25 -10.76
N ASN H 159 13.40 -5.63 -10.78
CA ASN H 159 12.40 -4.92 -11.54
C ASN H 159 12.06 -3.62 -10.86
N ARG H 160 12.01 -2.55 -11.63
CA ARG H 160 11.67 -1.21 -11.15
C ARG H 160 10.89 -0.50 -12.24
N ARG H 161 9.83 0.23 -11.85
CA ARG H 161 9.03 1.03 -12.79
C ARG H 161 9.61 2.40 -12.97
N ALA H 162 9.47 2.95 -14.17
CA ALA H 162 9.84 4.31 -14.52
C ALA H 162 8.64 4.94 -15.15
N TYR H 163 8.45 6.23 -14.93
CA TYR H 163 7.30 6.98 -15.39
C TYR H 163 7.77 8.12 -16.25
N LEU H 164 7.32 8.09 -17.50
CA LEU H 164 7.66 9.07 -18.48
C LEU H 164 6.40 9.77 -18.98
N SER H 165 6.51 11.08 -19.20
CA SER H 165 5.45 11.96 -19.70
C SER H 165 6.06 12.90 -20.71
N VAL H 166 6.06 12.50 -21.99
CA VAL H 166 6.62 13.27 -23.10
C VAL H 166 5.74 14.50 -23.39
N PRO H 167 6.20 15.75 -23.14
CA PRO H 167 5.37 16.91 -23.50
C PRO H 167 5.17 17.01 -25.01
N LEU H 168 3.91 17.20 -25.48
CA LEU H 168 3.50 17.31 -26.90
C LEU H 168 3.14 18.78 -27.28
N ASP H 169 3.65 19.71 -26.48
CA ASP H 169 3.42 21.15 -26.67
C ASP H 169 4.10 21.67 -27.94
N LYS H 170 5.27 21.11 -28.30
CA LYS H 170 6.06 21.54 -29.46
C LYS H 170 5.37 21.24 -30.80
N TYR H 171 4.33 20.40 -30.80
CA TYR H 171 3.64 20.02 -32.04
C TYR H 171 2.37 20.84 -32.26
N ALA H 172 1.92 21.56 -31.22
CA ALA H 172 0.76 22.43 -31.32
C ALA H 172 1.13 23.74 -32.01
N ASP H 173 0.32 24.17 -32.96
CA ASP H 173 0.57 25.45 -33.62
C ASP H 173 -0.69 26.27 -33.48
N ALA H 174 -0.54 27.45 -32.88
CA ALA H 174 -1.63 28.39 -32.65
C ALA H 174 -2.20 28.92 -33.97
N GLU H 175 -1.33 29.11 -34.98
CA GLU H 175 -1.73 29.61 -36.31
C GLU H 175 -2.11 28.45 -37.25
N ASN H 176 -2.14 27.20 -36.74
CA ASN H 176 -2.52 25.99 -37.47
C ASN H 176 -3.41 25.09 -36.58
N PRO H 177 -4.65 25.53 -36.22
CA PRO H 177 -5.48 24.70 -35.32
C PRO H 177 -6.23 23.59 -36.04
N GLY H 178 -6.50 22.51 -35.31
CA GLY H 178 -7.22 21.34 -35.81
C GLY H 178 -6.37 20.32 -36.54
N GLN H 179 -5.04 20.55 -36.53
CA GLN H 179 -4.00 19.74 -37.15
C GLN H 179 -3.95 18.36 -36.46
N LYS H 180 -4.07 17.26 -37.24
CA LYS H 180 -4.04 15.89 -36.76
C LYS H 180 -2.61 15.33 -36.85
N ILE H 181 -2.01 15.01 -35.70
CA ILE H 181 -0.65 14.47 -35.57
C ILE H 181 -0.74 12.96 -35.22
N THR H 182 0.18 12.14 -35.78
CA THR H 182 0.26 10.70 -35.50
C THR H 182 1.61 10.40 -34.86
N ILE H 183 1.62 10.01 -33.58
CA ILE H 183 2.88 9.68 -32.91
C ILE H 183 3.12 8.19 -33.07
N LYS H 184 4.30 7.84 -33.60
CA LYS H 184 4.72 6.45 -33.78
C LYS H 184 5.94 6.24 -32.89
N PHE H 185 5.72 5.54 -31.77
CA PHE H 185 6.75 5.33 -30.76
C PHE H 185 7.43 3.96 -30.88
N LYS H 186 8.77 3.97 -30.93
CA LYS H 186 9.64 2.81 -30.99
C LYS H 186 10.52 2.76 -29.75
N TYR H 187 10.92 1.56 -29.33
CA TYR H 187 11.78 1.37 -28.16
C TYR H 187 12.45 0.02 -28.26
N TYR H 188 13.65 -0.11 -27.66
CA TYR H 188 14.37 -1.39 -27.61
C TYR H 188 13.93 -2.14 -26.38
N THR H 189 13.65 -3.43 -26.58
CA THR H 189 13.16 -4.35 -25.56
C THR H 189 13.79 -5.71 -25.78
N TYR H 190 13.66 -6.59 -24.78
CA TYR H 190 14.13 -7.96 -24.94
C TYR H 190 13.00 -8.79 -25.49
N ASP H 191 13.29 -9.69 -26.45
CA ASP H 191 12.27 -10.62 -26.92
C ASP H 191 12.17 -11.80 -25.91
N LYS H 192 11.33 -12.80 -26.21
CA LYS H 192 11.14 -13.99 -25.35
C LYS H 192 12.48 -14.72 -25.03
N ASP H 193 13.49 -14.64 -25.95
CA ASP H 193 14.79 -15.30 -25.85
C ASP H 193 15.91 -14.43 -25.23
N GLY H 194 15.61 -13.20 -24.89
CA GLY H 194 16.57 -12.29 -24.27
C GLY H 194 17.43 -11.49 -25.24
N THR H 195 16.96 -11.35 -26.49
CA THR H 195 17.63 -10.61 -27.56
C THR H 195 17.06 -9.19 -27.61
N ALA H 196 17.94 -8.16 -27.52
CA ALA H 196 17.48 -6.78 -27.59
C ALA H 196 17.05 -6.45 -29.02
N ILE H 197 15.77 -6.08 -29.19
CA ILE H 197 15.19 -5.76 -30.50
C ILE H 197 14.45 -4.42 -30.45
N GLU H 198 14.40 -3.70 -31.57
CA GLU H 198 13.63 -2.45 -31.70
C GLU H 198 12.18 -2.85 -31.97
N SER H 199 11.27 -2.50 -31.05
CA SER H 199 9.86 -2.83 -31.17
C SER H 199 9.07 -1.70 -31.83
N GLY H 200 8.33 -2.07 -32.87
CA GLY H 200 7.45 -1.16 -33.60
C GLY H 200 5.99 -1.43 -33.26
N LYS H 201 5.77 -2.14 -32.13
CA LYS H 201 4.47 -2.50 -31.54
C LYS H 201 3.49 -1.29 -31.47
N TYR H 202 3.99 -0.11 -31.07
CA TYR H 202 3.16 1.07 -30.90
C TYR H 202 3.20 2.06 -32.11
N CYS H 203 3.60 1.54 -33.29
CA CYS H 203 3.70 2.27 -34.55
C CYS H 203 2.52 1.97 -35.46
N ASN H 204 1.86 0.82 -35.26
CA ASN H 204 0.74 0.45 -36.11
C ASN H 204 -0.55 0.36 -35.29
N PRO H 205 -1.48 1.33 -35.44
CA PRO H 205 -1.47 2.48 -36.39
C PRO H 205 -0.74 3.72 -35.88
N GLY H 206 -0.36 3.70 -34.60
CA GLY H 206 0.27 4.83 -33.94
C GLY H 206 -0.78 5.59 -33.14
N PHE H 207 -0.38 6.66 -32.46
CA PHE H 207 -1.31 7.42 -31.62
C PHE H 207 -1.74 8.70 -32.31
N GLU H 208 -3.03 8.79 -32.69
CA GLU H 208 -3.58 9.97 -33.36
C GLU H 208 -4.09 10.96 -32.31
N TYR H 209 -3.64 12.23 -32.43
CA TYR H 209 -3.85 13.30 -31.49
C TYR H 209 -4.02 14.68 -32.20
N VAL H 210 -5.05 15.47 -31.80
CA VAL H 210 -5.28 16.84 -32.29
C VAL H 210 -4.92 17.76 -31.12
N PRO H 211 -3.75 18.47 -31.16
CA PRO H 211 -3.37 19.30 -30.01
C PRO H 211 -4.24 20.55 -29.84
N ASP H 212 -5.43 20.37 -29.21
CA ASP H 212 -6.41 21.44 -28.94
C ASP H 212 -7.19 21.17 -27.65
N PRO I 8 -10.31 -14.94 76.81
CA PRO I 8 -9.90 -16.31 76.49
C PRO I 8 -8.49 -16.43 75.88
N SER I 9 -7.85 -17.59 76.12
CA SER I 9 -6.51 -17.93 75.64
C SER I 9 -6.48 -18.03 74.09
N VAL I 10 -7.57 -18.54 73.48
CA VAL I 10 -7.75 -18.70 72.03
C VAL I 10 -8.77 -17.70 71.55
N LYS I 11 -8.43 -16.96 70.48
CA LYS I 11 -9.32 -15.97 69.88
C LYS I 11 -10.39 -16.74 69.06
N LEU I 12 -11.68 -16.58 69.40
CA LEU I 12 -12.79 -17.25 68.73
C LEU I 12 -13.65 -16.30 67.93
N GLU I 13 -14.08 -16.74 66.76
CA GLU I 13 -14.95 -15.97 65.86
C GLU I 13 -16.28 -16.69 65.60
N PHE I 14 -17.36 -15.89 65.32
CA PHE I 14 -18.65 -16.45 64.87
C PHE I 14 -18.53 -16.80 63.37
N VAL I 15 -18.74 -18.09 63.04
CA VAL I 15 -18.72 -18.64 61.67
C VAL I 15 -19.84 -19.66 61.47
N THR I 16 -19.92 -20.11 60.26
CA THR I 16 -20.83 -21.12 59.77
C THR I 16 -19.95 -22.21 59.15
N VAL I 17 -20.19 -23.47 59.52
CA VAL I 17 -19.40 -24.61 58.99
C VAL I 17 -20.34 -25.52 58.23
N LYS I 18 -19.89 -26.02 57.06
CA LYS I 18 -20.67 -26.94 56.23
C LYS I 18 -19.92 -28.26 56.08
N ALA I 19 -20.62 -29.37 56.30
CA ALA I 19 -20.07 -30.72 56.19
C ALA I 19 -20.23 -31.33 54.83
N GLY I 20 -19.30 -32.25 54.52
CA GLY I 20 -19.34 -33.05 53.30
C GLY I 20 -20.33 -34.19 53.42
N THR I 21 -20.09 -35.30 52.68
CA THR I 21 -21.04 -36.42 52.82
C THR I 21 -20.54 -37.31 53.98
N ASP I 22 -19.21 -37.29 54.25
CA ASP I 22 -18.58 -38.09 55.33
C ASP I 22 -18.81 -37.43 56.72
N GLY I 23 -19.31 -36.19 56.73
CA GLY I 23 -19.58 -35.45 57.95
C GLY I 23 -18.46 -34.54 58.41
N SER I 24 -17.27 -34.59 57.74
CA SER I 24 -16.11 -33.75 58.07
C SER I 24 -16.37 -32.34 57.61
N ILE I 25 -15.68 -31.36 58.14
CA ILE I 25 -15.91 -29.96 57.76
C ILE I 25 -15.22 -29.68 56.45
N GLN I 26 -15.99 -29.28 55.44
CA GLN I 26 -15.43 -29.01 54.11
C GLN I 26 -15.37 -27.52 53.84
N THR I 27 -16.35 -26.73 54.33
CA THR I 27 -16.42 -25.29 54.07
C THR I 27 -16.67 -24.50 55.38
N LEU I 28 -15.92 -23.39 55.53
CA LEU I 28 -16.00 -22.44 56.65
C LEU I 28 -16.43 -21.11 56.07
N ILE I 29 -17.51 -20.56 56.58
CA ILE I 29 -18.02 -19.31 56.04
C ILE I 29 -17.98 -18.27 57.14
N PRO I 30 -17.04 -17.34 57.00
CA PRO I 30 -16.94 -16.27 58.01
C PRO I 30 -18.13 -15.35 57.90
N ASP I 31 -18.47 -14.65 58.97
CA ASP I 31 -19.58 -13.69 58.95
C ASP I 31 -19.22 -12.52 57.99
N ASN I 32 -17.95 -12.05 58.07
CA ASN I 32 -17.40 -10.91 57.33
C ASN I 32 -16.35 -11.37 56.27
N GLY I 33 -16.79 -12.28 55.41
CA GLY I 33 -16.00 -12.75 54.29
C GLY I 33 -16.74 -13.77 53.46
N GLU I 34 -16.12 -14.15 52.33
CA GLU I 34 -16.61 -15.17 51.42
C GLU I 34 -16.26 -16.57 51.97
N ALA I 35 -17.00 -17.61 51.55
CA ALA I 35 -16.85 -18.99 51.94
C ALA I 35 -15.46 -19.50 51.57
N LEU I 36 -14.91 -20.36 52.45
CA LEU I 36 -13.58 -20.92 52.32
C LEU I 36 -13.61 -22.41 52.32
N THR I 37 -12.86 -23.02 51.42
CA THR I 37 -12.69 -24.45 51.39
C THR I 37 -11.74 -24.76 52.56
N VAL I 38 -12.04 -25.79 53.36
CA VAL I 38 -11.27 -26.18 54.54
C VAL I 38 -10.13 -27.11 54.08
N SER I 39 -8.91 -26.53 53.89
CA SER I 39 -7.77 -27.33 53.44
C SER I 39 -7.35 -28.31 54.52
N LYS I 40 -7.54 -27.95 55.80
CA LYS I 40 -7.21 -28.82 56.92
C LYS I 40 -8.07 -28.51 58.14
N ASP I 41 -8.72 -29.52 58.70
CA ASP I 41 -9.46 -29.39 59.95
C ASP I 41 -8.63 -30.14 61.00
N ARG I 42 -7.83 -29.38 61.76
CA ARG I 42 -6.94 -29.97 62.76
C ARG I 42 -7.73 -30.50 63.98
N THR I 43 -9.02 -30.15 64.11
CA THR I 43 -9.86 -30.62 65.23
C THR I 43 -10.39 -32.02 64.96
N GLY I 44 -10.43 -32.43 63.70
CA GLY I 44 -11.00 -33.71 63.28
C GLY I 44 -12.46 -33.84 63.65
N SER I 45 -13.21 -32.73 63.56
CA SER I 45 -14.60 -32.69 63.91
C SER I 45 -15.44 -33.32 62.82
N ALA I 46 -16.63 -33.75 63.20
CA ALA I 46 -17.61 -34.37 62.30
C ALA I 46 -19.00 -34.00 62.76
N ILE I 47 -19.80 -33.36 61.90
CA ILE I 47 -21.18 -33.01 62.23
C ILE I 47 -22.09 -33.87 61.32
N SER I 48 -23.45 -33.79 61.47
CA SER I 48 -24.35 -34.62 60.64
C SER I 48 -24.06 -34.36 59.15
N PRO I 49 -23.87 -35.43 58.35
CA PRO I 49 -23.50 -35.24 56.94
C PRO I 49 -24.36 -34.24 56.22
N ASN I 50 -23.67 -33.43 55.39
CA ASN I 50 -24.19 -32.38 54.52
C ASN I 50 -24.75 -31.11 55.22
N THR I 51 -24.92 -31.14 56.56
CA THR I 51 -25.50 -30.03 57.33
C THR I 51 -24.55 -28.85 57.50
N SER I 52 -25.14 -27.73 57.95
CA SER I 52 -24.51 -26.45 58.32
C SER I 52 -24.80 -26.18 59.78
N ARG I 53 -23.80 -25.67 60.47
CA ARG I 53 -23.94 -25.34 61.87
C ARG I 53 -23.33 -23.98 62.15
N ARG I 54 -24.01 -23.17 62.98
CA ARG I 54 -23.46 -21.92 63.48
C ARG I 54 -22.62 -22.33 64.69
N VAL I 55 -21.34 -21.89 64.73
CA VAL I 55 -20.31 -22.30 65.72
C VAL I 55 -19.28 -21.20 65.97
N MSE I 56 -18.49 -21.38 67.05
CA MSE I 56 -17.31 -20.62 67.45
C MSE I 56 -16.06 -21.34 66.93
O MSE I 56 -15.89 -22.56 67.14
CB MSE I 56 -17.22 -20.45 68.98
CG MSE I 56 -18.38 -19.63 69.58
SE MSE I 56 -18.76 -17.92 68.66
CE MSE I 56 -17.10 -17.04 69.04
N SER I 57 -15.20 -20.62 66.19
CA SER I 57 -14.01 -21.23 65.64
C SER I 57 -12.76 -20.37 65.70
N ASN I 58 -11.65 -21.02 66.03
CA ASN I 58 -10.32 -20.47 65.82
C ASN I 58 -9.83 -21.09 64.51
N TYR I 59 -9.58 -20.24 63.54
CA TYR I 59 -9.14 -20.70 62.24
C TYR I 59 -8.25 -19.66 61.57
N GLU I 60 -7.48 -20.07 60.55
CA GLU I 60 -6.73 -19.10 59.79
C GLU I 60 -6.96 -19.29 58.28
N THR I 61 -6.87 -18.18 57.56
CA THR I 61 -6.97 -18.06 56.12
C THR I 61 -5.58 -18.10 55.51
N LEU I 62 -5.36 -19.06 54.58
CA LEU I 62 -4.10 -19.20 53.84
C LEU I 62 -4.33 -18.75 52.42
N SER I 63 -3.64 -17.72 51.98
CA SER I 63 -3.84 -17.20 50.65
C SER I 63 -2.64 -17.43 49.78
N ASN I 64 -2.89 -17.64 48.47
CA ASN I 64 -1.82 -17.79 47.47
C ASN I 64 -1.76 -16.52 46.62
N GLY I 65 -2.48 -15.49 47.08
CA GLY I 65 -2.57 -14.18 46.44
C GLY I 65 -3.69 -14.04 45.45
N HIS I 66 -4.44 -15.13 45.22
CA HIS I 66 -5.58 -15.18 44.29
C HIS I 66 -6.78 -15.78 45.01
N THR I 67 -6.56 -16.95 45.61
CA THR I 67 -7.59 -17.70 46.33
C THR I 67 -7.07 -18.04 47.72
N ALA I 68 -7.96 -18.47 48.59
CA ALA I 68 -7.61 -18.81 49.93
C ALA I 68 -8.38 -20.01 50.43
N THR I 69 -7.80 -20.71 51.43
CA THR I 69 -8.42 -21.85 52.11
C THR I 69 -8.37 -21.61 53.60
N ALA I 70 -9.16 -22.39 54.35
CA ALA I 70 -9.20 -22.28 55.79
C ALA I 70 -8.56 -23.50 56.46
N VAL I 71 -7.84 -23.25 57.55
CA VAL I 71 -7.27 -24.24 58.45
C VAL I 71 -7.98 -24.01 59.77
N ILE I 72 -8.72 -25.01 60.27
CA ILE I 72 -9.47 -24.92 61.53
C ILE I 72 -8.64 -25.46 62.67
N TYR I 73 -8.44 -24.65 63.72
CA TYR I 73 -7.66 -25.01 64.90
C TYR I 73 -8.57 -25.39 66.07
N SER I 74 -9.76 -24.76 66.17
CA SER I 74 -10.73 -25.13 67.21
C SER I 74 -12.14 -24.86 66.73
N LEU I 75 -13.07 -25.68 67.22
CA LEU I 75 -14.49 -25.61 66.90
C LEU I 75 -15.33 -25.89 68.11
N GLN I 76 -16.39 -25.10 68.31
CA GLN I 76 -17.31 -25.36 69.41
C GLN I 76 -18.69 -24.81 69.12
N SER I 77 -19.68 -25.41 69.78
CA SER I 77 -21.06 -24.97 69.68
C SER I 77 -21.26 -23.61 70.34
N LEU I 78 -22.34 -22.96 69.93
CA LEU I 78 -22.88 -21.73 70.49
C LEU I 78 -24.39 -21.93 70.60
N VAL I 79 -25.06 -21.14 71.44
CA VAL I 79 -26.50 -21.25 71.65
C VAL I 79 -27.20 -20.44 70.57
N THR I 80 -28.20 -21.02 69.90
CA THR I 80 -29.03 -20.34 68.90
C THR I 80 -30.47 -20.32 69.44
N PRO I 81 -30.80 -19.44 70.43
CA PRO I 81 -32.16 -19.47 70.99
C PRO I 81 -33.18 -18.80 70.09
N THR I 82 -34.28 -19.50 69.83
CA THR I 82 -35.35 -18.91 69.03
C THR I 82 -36.22 -18.05 69.97
N PRO I 83 -36.45 -16.77 69.64
CA PRO I 83 -37.33 -15.94 70.50
C PRO I 83 -38.74 -16.52 70.62
N LYS I 84 -39.21 -16.70 71.87
CA LYS I 84 -40.53 -17.28 72.15
C LYS I 84 -41.28 -16.43 73.18
N PRO I 85 -42.62 -16.29 73.09
CA PRO I 85 -43.35 -15.48 74.09
C PRO I 85 -43.32 -16.11 75.48
N ALA I 86 -43.55 -15.30 76.54
CA ALA I 86 -43.51 -15.74 77.93
C ALA I 86 -44.49 -16.86 78.22
N ASP I 87 -45.59 -16.95 77.41
CA ASP I 87 -46.67 -17.94 77.48
C ASP I 87 -46.34 -19.23 76.71
N ASP I 88 -45.12 -19.33 76.11
CA ASP I 88 -44.70 -20.53 75.39
C ASP I 88 -44.46 -21.68 76.38
N PRO I 89 -44.81 -22.93 75.99
CA PRO I 89 -44.59 -24.07 76.90
C PRO I 89 -43.16 -24.26 77.41
N THR I 90 -42.09 -23.73 76.72
CA THR I 90 -40.71 -23.86 77.23
C THR I 90 -40.53 -23.08 78.54
N TYR I 91 -41.34 -22.04 78.76
CA TYR I 91 -41.24 -21.19 79.94
C TYR I 91 -42.30 -21.56 81.02
N ARG I 92 -42.86 -22.80 80.92
CA ARG I 92 -43.86 -23.35 81.84
C ARG I 92 -43.41 -23.36 83.31
N ASP I 93 -42.13 -23.69 83.55
CA ASP I 93 -41.56 -23.73 84.90
C ASP I 93 -41.08 -22.35 85.40
N GLY I 94 -41.39 -21.29 84.66
CA GLY I 94 -41.05 -19.92 85.04
C GLY I 94 -39.86 -19.33 84.33
N LEU I 95 -39.85 -17.99 84.26
CA LEU I 95 -38.75 -17.26 83.63
C LEU I 95 -37.59 -17.19 84.61
N LYS I 96 -36.38 -17.51 84.11
CA LYS I 96 -35.14 -17.49 84.91
C LYS I 96 -34.24 -16.41 84.35
N HIS I 97 -33.70 -15.56 85.22
CA HIS I 97 -32.88 -14.44 84.80
C HIS I 97 -31.62 -14.30 85.64
N ASP I 98 -30.85 -15.39 85.76
CA ASP I 98 -29.58 -15.36 86.50
C ASP I 98 -28.63 -14.35 85.78
N PRO I 99 -27.91 -13.49 86.54
CA PRO I 99 -27.16 -12.39 85.91
C PRO I 99 -26.04 -12.80 85.01
N VAL I 100 -25.80 -11.95 84.00
CA VAL I 100 -24.72 -12.07 83.01
C VAL I 100 -24.22 -10.64 82.73
N ASP I 101 -23.06 -10.54 82.09
CA ASP I 101 -22.56 -9.28 81.56
C ASP I 101 -22.51 -9.42 80.05
N VAL I 102 -22.84 -8.38 79.31
CA VAL I 102 -22.72 -8.39 77.87
C VAL I 102 -21.32 -7.83 77.57
N VAL I 103 -20.46 -8.65 76.93
CA VAL I 103 -19.10 -8.22 76.55
C VAL I 103 -19.15 -7.42 75.23
N SER I 104 -19.87 -7.94 74.25
CA SER I 104 -20.04 -7.35 72.93
C SER I 104 -21.34 -7.89 72.36
N ILE I 105 -22.08 -7.07 71.59
CA ILE I 105 -23.38 -7.42 71.00
C ILE I 105 -23.49 -6.72 69.63
N TRP I 106 -24.04 -7.40 68.64
CA TRP I 106 -24.14 -6.85 67.28
C TRP I 106 -25.03 -7.71 66.38
N LEU I 107 -25.54 -7.08 65.34
CA LEU I 107 -26.31 -7.73 64.28
C LEU I 107 -25.34 -8.21 63.23
N GLY I 108 -25.57 -9.41 62.75
CA GLY I 108 -24.72 -9.96 61.72
C GLY I 108 -25.11 -11.33 61.21
N ARG I 109 -25.24 -11.42 59.87
CA ARG I 109 -25.52 -12.63 59.10
C ARG I 109 -26.87 -13.23 59.52
N GLY I 110 -27.86 -12.35 59.74
CA GLY I 110 -29.22 -12.76 60.09
C GLY I 110 -29.45 -13.13 61.55
N TYR I 111 -28.47 -12.84 62.40
CA TYR I 111 -28.55 -13.09 63.83
C TYR I 111 -28.32 -11.83 64.62
N LEU I 112 -28.73 -11.88 65.90
CA LEU I 112 -28.37 -10.92 66.93
C LEU I 112 -27.31 -11.68 67.70
N ASN I 113 -26.04 -11.36 67.48
CA ASN I 113 -24.93 -12.07 68.10
C ASN I 113 -24.49 -11.37 69.36
N MSE I 114 -24.01 -12.15 70.36
CA MSE I 114 -23.50 -11.57 71.59
C MSE I 114 -22.55 -12.51 72.29
O MSE I 114 -22.68 -13.74 72.20
CB MSE I 114 -24.62 -11.13 72.56
CG MSE I 114 -25.43 -12.29 73.16
SE MSE I 114 -27.07 -11.68 74.04
CE MSE I 114 -28.11 -11.33 72.43
N ILE I 115 -21.60 -11.90 73.00
CA ILE I 115 -20.63 -12.53 73.85
C ILE I 115 -21.04 -12.15 75.25
N LEU I 116 -21.29 -13.16 76.09
CA LEU I 116 -21.65 -12.93 77.50
C LEU I 116 -20.54 -13.33 78.41
N ASN I 117 -20.48 -12.71 79.59
CA ASN I 117 -19.59 -13.15 80.63
C ASN I 117 -20.46 -13.63 81.77
N LEU I 118 -20.18 -14.84 82.22
CA LEU I 118 -20.85 -15.56 83.30
C LEU I 118 -19.88 -15.87 84.40
N LYS I 119 -20.40 -16.06 85.60
CA LYS I 119 -19.64 -16.56 86.73
C LYS I 119 -20.24 -17.94 86.97
N VAL I 120 -19.42 -19.00 86.75
CA VAL I 120 -19.82 -20.42 86.81
C VAL I 120 -18.98 -21.20 87.83
N ASN I 121 -19.28 -22.50 87.94
CA ASN I 121 -18.52 -23.45 88.72
C ASN I 121 -18.42 -24.70 87.84
N GLY I 122 -19.38 -25.60 87.97
CA GLY I 122 -19.42 -26.81 87.16
C GLY I 122 -20.54 -27.75 87.50
N GLY I 123 -20.76 -28.72 86.61
CA GLY I 123 -21.75 -29.78 86.79
C GLY I 123 -23.20 -29.39 86.59
N LYS I 124 -23.44 -28.10 86.28
CA LYS I 124 -24.78 -27.57 86.04
C LYS I 124 -24.81 -26.93 84.69
N GLN I 125 -25.87 -27.23 83.94
CA GLN I 125 -26.09 -26.70 82.59
C GLN I 125 -26.68 -25.32 82.68
N HIS I 126 -26.05 -24.35 82.01
CA HIS I 126 -26.54 -22.98 81.92
C HIS I 126 -27.42 -22.95 80.68
N VAL I 127 -28.73 -22.70 80.89
CA VAL I 127 -29.73 -22.71 79.83
C VAL I 127 -30.08 -21.27 79.49
N PHE I 128 -29.96 -20.93 78.22
CA PHE I 128 -30.26 -19.61 77.65
C PHE I 128 -31.45 -19.68 76.72
N GLY I 129 -32.20 -18.57 76.66
CA GLY I 129 -33.37 -18.40 75.82
C GLY I 129 -33.62 -16.93 75.61
N ILE I 130 -34.60 -16.61 74.77
CA ILE I 130 -35.03 -15.24 74.50
C ILE I 130 -36.53 -15.18 74.73
N VAL I 131 -36.95 -14.31 75.67
CA VAL I 131 -38.37 -14.08 75.94
C VAL I 131 -38.81 -12.93 75.02
N GLU I 132 -39.72 -13.23 74.12
CA GLU I 132 -40.19 -12.32 73.08
C GLU I 132 -41.49 -11.62 73.45
N ASP I 133 -41.52 -10.31 73.19
CA ASP I 133 -42.71 -9.48 73.37
C ASP I 133 -42.93 -8.71 72.08
N LEU I 134 -44.05 -9.00 71.39
CA LEU I 134 -44.36 -8.34 70.13
C LEU I 134 -45.48 -7.31 70.25
N SER I 135 -45.75 -6.80 71.48
CA SER I 135 -46.83 -5.85 71.76
C SER I 135 -46.73 -4.56 70.93
N GLU I 136 -45.50 -4.12 70.59
CA GLU I 136 -45.25 -2.91 69.82
C GLU I 136 -44.91 -3.20 68.35
N PHE I 137 -44.86 -4.48 67.95
CA PHE I 137 -44.45 -4.87 66.60
C PHE I 137 -45.34 -4.32 65.48
N GLU I 138 -46.67 -4.29 65.68
CA GLU I 138 -47.57 -3.74 64.66
C GLU I 138 -47.58 -2.21 64.75
N THR I 139 -47.34 -1.67 65.96
CA THR I 139 -47.30 -0.23 66.24
C THR I 139 -46.09 0.44 65.54
N ASN I 140 -44.84 -0.05 65.79
CA ASN I 140 -43.63 0.60 65.26
C ASN I 140 -42.50 -0.36 64.85
N GLY I 141 -42.81 -1.64 64.68
CA GLY I 141 -41.83 -2.65 64.30
C GLY I 141 -40.81 -3.02 65.36
N THR I 142 -41.11 -2.71 66.64
CA THR I 142 -40.24 -3.01 67.76
C THR I 142 -40.43 -4.45 68.23
N VAL I 143 -39.30 -5.17 68.36
CA VAL I 143 -39.23 -6.52 68.89
C VAL I 143 -38.54 -6.41 70.25
N ASN I 144 -39.27 -6.71 71.32
CA ASN I 144 -38.70 -6.70 72.66
C ASN I 144 -38.18 -8.07 73.01
N MSE I 145 -36.93 -8.14 73.43
CA MSE I 145 -36.27 -9.40 73.80
C MSE I 145 -35.68 -9.33 75.18
O MSE I 145 -34.99 -8.38 75.52
CB MSE I 145 -35.14 -9.71 72.81
CG MSE I 145 -35.61 -9.97 71.40
SE MSE I 145 -34.11 -10.62 70.34
CE MSE I 145 -35.00 -10.73 68.66
N LEU I 146 -35.95 -10.33 75.98
CA LEU I 146 -35.41 -10.43 77.33
C LEU I 146 -34.64 -11.73 77.42
N LEU I 147 -33.39 -11.64 77.89
CA LEU I 147 -32.57 -12.82 78.04
C LEU I 147 -33.09 -13.70 79.16
N TYR I 148 -33.24 -14.98 78.85
CA TYR I 148 -33.58 -16.03 79.80
C TYR I 148 -32.29 -16.71 80.12
N HIS I 149 -31.95 -16.84 81.40
CA HIS I 149 -30.74 -17.56 81.81
C HIS I 149 -31.02 -18.32 83.10
N ASP I 150 -30.94 -19.67 83.01
CA ASP I 150 -31.09 -20.57 84.14
C ASP I 150 -29.73 -21.19 84.43
N ALA I 151 -29.10 -20.79 85.54
CA ALA I 151 -27.78 -21.29 85.96
C ALA I 151 -27.91 -22.61 86.69
N ASN I 152 -29.15 -23.07 86.96
CA ASN I 152 -29.48 -24.32 87.64
C ASN I 152 -28.74 -24.47 88.98
N GLY I 153 -28.67 -23.37 89.73
CA GLY I 153 -28.03 -23.32 91.03
C GLY I 153 -26.52 -23.30 91.02
N ASP I 154 -25.88 -23.23 89.82
CA ASP I 154 -24.42 -23.20 89.69
C ASP I 154 -23.85 -22.00 90.44
N GLU I 155 -22.78 -22.22 91.21
CA GLU I 155 -22.11 -21.18 92.01
C GLU I 155 -21.41 -20.17 91.09
N GLU I 156 -21.27 -18.93 91.56
CA GLU I 156 -20.66 -17.86 90.77
C GLU I 156 -19.20 -17.72 91.16
N TYR I 157 -18.36 -18.67 90.69
CA TYR I 157 -16.96 -18.73 91.08
C TYR I 157 -15.98 -18.23 90.01
N TYR I 158 -16.08 -18.73 88.79
CA TYR I 158 -15.12 -18.47 87.71
C TYR I 158 -15.76 -17.82 86.50
N ASN I 159 -15.05 -16.88 85.89
CA ASN I 159 -15.52 -16.20 84.69
C ASN I 159 -15.44 -17.11 83.51
N ARG I 160 -16.53 -17.18 82.74
CA ARG I 160 -16.63 -17.99 81.53
C ARG I 160 -17.47 -17.25 80.53
N ARG I 161 -17.09 -17.32 79.26
CA ARG I 161 -17.83 -16.68 78.19
C ARG I 161 -18.86 -17.64 77.63
N ALA I 162 -19.96 -17.06 77.19
CA ALA I 162 -21.03 -17.76 76.50
C ALA I 162 -21.27 -17.02 75.21
N TYR I 163 -21.61 -17.75 74.17
CA TYR I 163 -21.83 -17.20 72.85
C TYR I 163 -23.24 -17.51 72.41
N LEU I 164 -24.00 -16.47 72.03
CA LEU I 164 -25.39 -16.58 71.54
C LEU I 164 -25.56 -15.95 70.17
N SER I 165 -26.33 -16.60 69.31
CA SER I 165 -26.72 -16.11 67.98
C SER I 165 -28.20 -16.29 67.88
N VAL I 166 -28.92 -15.19 68.14
CA VAL I 166 -30.36 -15.20 68.10
C VAL I 166 -30.83 -15.10 66.64
N PRO I 167 -31.47 -16.17 66.06
CA PRO I 167 -31.98 -16.07 64.67
C PRO I 167 -33.09 -15.02 64.51
N LEU I 168 -33.01 -14.20 63.46
CA LEU I 168 -33.97 -13.12 63.20
C LEU I 168 -34.80 -13.33 61.93
N ASP I 169 -34.79 -14.54 61.37
CA ASP I 169 -35.52 -14.89 60.15
C ASP I 169 -37.04 -14.80 60.32
N LYS I 170 -37.56 -15.05 61.54
CA LYS I 170 -38.99 -15.02 61.84
C LYS I 170 -39.61 -13.61 61.74
N TYR I 171 -38.77 -12.56 61.64
CA TYR I 171 -39.22 -11.17 61.57
C TYR I 171 -39.31 -10.67 60.15
N ALA I 172 -38.68 -11.40 59.21
CA ALA I 172 -38.74 -11.10 57.79
C ALA I 172 -40.13 -11.42 57.26
N ASP I 173 -40.72 -10.46 56.53
CA ASP I 173 -42.04 -10.64 55.92
C ASP I 173 -41.86 -10.46 54.40
N ALA I 174 -42.01 -11.57 53.66
CA ALA I 174 -41.85 -11.61 52.21
C ALA I 174 -42.90 -10.74 51.49
N GLU I 175 -44.13 -10.66 52.06
CA GLU I 175 -45.23 -9.85 51.53
C GLU I 175 -45.19 -8.39 52.09
N ASN I 176 -44.16 -8.05 52.88
CA ASN I 176 -43.95 -6.72 53.44
C ASN I 176 -42.45 -6.36 53.37
N PRO I 177 -41.89 -6.16 52.15
CA PRO I 177 -40.44 -5.89 52.06
C PRO I 177 -40.04 -4.45 52.38
N GLY I 178 -38.81 -4.30 52.86
CA GLY I 178 -38.22 -3.00 53.23
C GLY I 178 -38.59 -2.52 54.61
N GLN I 179 -39.27 -3.40 55.39
CA GLN I 179 -39.74 -3.21 56.76
C GLN I 179 -38.52 -3.06 57.69
N LYS I 180 -38.49 -1.94 58.44
CA LYS I 180 -37.44 -1.61 59.41
C LYS I 180 -37.87 -2.12 60.78
N ILE I 181 -37.13 -3.12 61.32
CA ILE I 181 -37.39 -3.73 62.62
C ILE I 181 -36.39 -3.18 63.65
N THR I 182 -36.87 -2.92 64.89
CA THR I 182 -36.03 -2.42 65.97
C THR I 182 -36.00 -3.46 67.08
N ILE I 183 -34.84 -4.09 67.29
CA ILE I 183 -34.69 -5.07 68.36
C ILE I 183 -34.25 -4.32 69.61
N LYS I 184 -35.02 -4.45 70.69
CA LYS I 184 -34.70 -3.88 72.00
C LYS I 184 -34.41 -5.01 72.96
N PHE I 185 -33.13 -5.23 73.24
CA PHE I 185 -32.68 -6.35 74.09
C PHE I 185 -32.44 -5.94 75.53
N LYS I 186 -33.06 -6.68 76.47
CA LYS I 186 -32.94 -6.52 77.91
C LYS I 186 -32.31 -7.78 78.52
N TYR I 187 -31.64 -7.62 79.66
CA TYR I 187 -30.99 -8.74 80.35
C TYR I 187 -30.75 -8.35 81.80
N TYR I 188 -30.79 -9.35 82.70
CA TYR I 188 -30.49 -9.12 84.12
C TYR I 188 -28.99 -9.21 84.32
N THR I 189 -28.46 -8.23 85.07
CA THR I 189 -27.04 -8.08 85.39
C THR I 189 -26.93 -7.55 86.81
N TYR I 190 -25.73 -7.56 87.38
CA TYR I 190 -25.50 -7.00 88.71
C TYR I 190 -25.14 -5.53 88.61
N ASP I 191 -25.69 -4.70 89.51
CA ASP I 191 -25.32 -3.27 89.57
C ASP I 191 -24.02 -3.12 90.40
N LYS I 192 -23.60 -1.86 90.65
CA LYS I 192 -22.39 -1.51 91.43
C LYS I 192 -22.39 -2.16 92.83
N ASP I 193 -23.59 -2.38 93.42
CA ASP I 193 -23.80 -2.94 94.76
C ASP I 193 -24.04 -4.47 94.81
N GLY I 194 -24.02 -5.14 93.65
CA GLY I 194 -24.24 -6.58 93.57
C GLY I 194 -25.70 -7.01 93.58
N THR I 195 -26.59 -6.09 93.23
CA THR I 195 -28.04 -6.33 93.13
C THR I 195 -28.37 -6.67 91.67
N ALA I 196 -29.15 -7.73 91.46
CA ALA I 196 -29.55 -8.11 90.14
C ALA I 196 -30.63 -7.14 89.63
N ILE I 197 -30.37 -6.49 88.49
CA ILE I 197 -31.28 -5.51 87.89
C ILE I 197 -31.46 -5.80 86.40
N GLU I 198 -32.64 -5.44 85.86
CA GLU I 198 -32.92 -5.59 84.44
C GLU I 198 -32.30 -4.38 83.73
N SER I 199 -31.30 -4.62 82.84
CA SER I 199 -30.63 -3.55 82.08
C SER I 199 -31.30 -3.31 80.74
N GLY I 200 -31.62 -2.06 80.50
CA GLY I 200 -32.23 -1.61 79.25
C GLY I 200 -31.23 -0.87 78.41
N LYS I 201 -29.92 -1.03 78.73
CA LYS I 201 -28.74 -0.44 78.08
C LYS I 201 -28.82 -0.52 76.53
N TYR I 202 -29.26 -1.66 75.99
CA TYR I 202 -29.29 -1.95 74.54
C TYR I 202 -30.69 -1.74 73.92
N CYS I 203 -31.55 -0.98 74.63
CA CYS I 203 -32.91 -0.63 74.19
C CYS I 203 -32.97 0.77 73.62
N ASN I 204 -31.99 1.62 73.95
CA ASN I 204 -32.00 3.01 73.51
C ASN I 204 -30.78 3.31 72.63
N PRO I 205 -30.99 3.45 71.29
CA PRO I 205 -32.27 3.39 70.54
C PRO I 205 -32.75 1.99 70.14
N GLY I 206 -31.89 0.98 70.25
CA GLY I 206 -32.18 -0.40 69.87
C GLY I 206 -31.42 -0.77 68.61
N PHE I 207 -31.50 -2.03 68.17
CA PHE I 207 -30.78 -2.42 66.96
C PHE I 207 -31.74 -2.35 65.78
N GLU I 208 -31.52 -1.38 64.90
CA GLU I 208 -32.35 -1.22 63.71
C GLU I 208 -31.76 -2.01 62.56
N TYR I 209 -32.62 -2.72 61.84
CA TYR I 209 -32.20 -3.51 60.69
C TYR I 209 -33.39 -3.79 59.77
N VAL I 210 -33.10 -4.01 58.47
CA VAL I 210 -34.10 -4.31 57.44
C VAL I 210 -33.85 -5.75 57.00
N PRO I 211 -34.69 -6.73 57.39
CA PRO I 211 -34.41 -8.13 57.01
C PRO I 211 -34.60 -8.40 55.49
N ASP I 212 -33.60 -8.03 54.65
CA ASP I 212 -33.61 -8.21 53.19
C ASP I 212 -32.19 -8.40 52.66
N TYR J 5 -6.01 -37.32 67.49
CA TYR J 5 -5.07 -36.32 68.02
C TYR J 5 -5.79 -34.98 68.34
N TYR J 6 -5.64 -34.49 69.61
CA TYR J 6 -6.19 -33.24 70.14
C TYR J 6 -5.40 -32.75 71.38
N TYR J 7 -5.14 -31.40 71.45
CA TYR J 7 -4.49 -30.70 72.56
C TYR J 7 -5.09 -29.29 72.75
N PRO J 8 -5.53 -28.94 73.99
CA PRO J 8 -6.14 -27.62 74.24
C PRO J 8 -5.22 -26.40 74.03
N SER J 9 -5.85 -25.23 73.77
CA SER J 9 -5.22 -23.92 73.54
C SER J 9 -4.43 -23.44 74.77
N VAL J 10 -4.96 -23.70 75.99
CA VAL J 10 -4.34 -23.36 77.26
C VAL J 10 -3.89 -24.63 77.97
N LYS J 11 -2.61 -24.68 78.39
CA LYS J 11 -2.04 -25.83 79.10
C LYS J 11 -2.57 -25.76 80.56
N LEU J 12 -3.27 -26.80 81.00
CA LEU J 12 -3.87 -26.86 82.32
C LEU J 12 -3.22 -27.89 83.19
N GLU J 13 -3.19 -27.64 84.50
CA GLU J 13 -2.64 -28.52 85.51
C GLU J 13 -3.68 -28.81 86.59
N PHE J 14 -3.63 -29.99 87.19
CA PHE J 14 -4.41 -30.35 88.38
C PHE J 14 -3.74 -29.68 89.59
N VAL J 15 -4.46 -28.80 90.30
CA VAL J 15 -4.00 -28.06 91.46
C VAL J 15 -5.13 -28.00 92.50
N THR J 16 -4.81 -27.53 93.72
CA THR J 16 -5.74 -27.21 94.79
C THR J 16 -5.62 -25.70 95.08
N VAL J 17 -6.75 -24.99 95.17
CA VAL J 17 -6.76 -23.56 95.45
C VAL J 17 -7.43 -23.33 96.80
N LYS J 18 -6.92 -22.39 97.59
CA LYS J 18 -7.47 -22.04 98.90
C LYS J 18 -7.92 -20.60 98.88
N ALA J 19 -9.11 -20.33 99.41
CA ALA J 19 -9.63 -18.96 99.50
C ALA J 19 -9.41 -18.38 100.88
N GLY J 20 -9.22 -17.06 100.94
CA GLY J 20 -9.11 -16.30 102.18
C GLY J 20 -10.48 -15.93 102.73
N THR J 21 -10.55 -14.95 103.66
CA THR J 21 -11.82 -14.61 104.29
C THR J 21 -12.78 -13.89 103.34
N ASP J 22 -12.26 -13.27 102.27
CA ASP J 22 -13.07 -12.56 101.29
C ASP J 22 -13.42 -13.47 100.06
N GLY J 23 -13.00 -14.73 100.08
CA GLY J 23 -13.28 -15.66 98.98
C GLY J 23 -12.31 -15.62 97.82
N SER J 24 -11.38 -14.65 97.83
CA SER J 24 -10.34 -14.53 96.78
C SER J 24 -9.33 -15.67 96.92
N ILE J 25 -8.73 -16.12 95.79
CA ILE J 25 -7.75 -17.20 95.78
C ILE J 25 -6.45 -16.69 96.39
N GLN J 26 -6.04 -17.27 97.54
CA GLN J 26 -4.85 -16.84 98.27
C GLN J 26 -3.70 -17.79 98.08
N THR J 27 -3.97 -19.09 97.89
CA THR J 27 -2.93 -20.11 97.78
C THR J 27 -3.26 -21.07 96.67
N LEU J 28 -2.20 -21.48 95.92
CA LEU J 28 -2.28 -22.51 94.89
C LEU J 28 -1.31 -23.59 95.30
N ILE J 29 -1.81 -24.82 95.40
CA ILE J 29 -1.00 -25.97 95.79
C ILE J 29 -0.86 -26.91 94.58
N PRO J 30 0.30 -26.93 93.91
CA PRO J 30 0.50 -27.85 92.78
C PRO J 30 0.54 -29.30 93.27
N ASP J 31 0.29 -30.27 92.39
CA ASP J 31 0.36 -31.68 92.79
C ASP J 31 1.82 -32.07 93.00
N ASN J 32 2.72 -31.53 92.15
CA ASN J 32 4.16 -31.80 92.09
C ASN J 32 5.02 -31.01 93.10
N GLY J 33 4.53 -29.88 93.61
CA GLY J 33 5.32 -29.06 94.53
C GLY J 33 4.67 -28.60 95.81
N GLU J 34 5.36 -27.66 96.47
CA GLU J 34 4.94 -27.02 97.71
C GLU J 34 3.93 -25.90 97.41
N ALA J 35 3.12 -25.53 98.44
CA ALA J 35 2.09 -24.48 98.39
C ALA J 35 2.68 -23.11 98.06
N LEU J 36 2.03 -22.37 97.15
CA LEU J 36 2.44 -21.05 96.67
C LEU J 36 1.42 -20.01 97.04
N THR J 37 1.89 -18.86 97.54
CA THR J 37 1.05 -17.69 97.77
C THR J 37 0.70 -17.16 96.37
N VAL J 38 -0.55 -16.79 96.16
CA VAL J 38 -0.96 -16.24 94.89
C VAL J 38 -0.65 -14.74 94.93
N SER J 39 0.34 -14.30 94.14
CA SER J 39 0.70 -12.87 94.13
C SER J 39 -0.29 -12.10 93.26
N LYS J 40 -0.85 -12.78 92.24
CA LYS J 40 -1.82 -12.16 91.35
C LYS J 40 -2.75 -13.24 90.76
N ASP J 41 -4.06 -13.06 90.94
CA ASP J 41 -5.08 -13.91 90.33
C ASP J 41 -5.69 -13.06 89.21
N ARG J 42 -5.21 -13.29 87.99
CA ARG J 42 -5.68 -12.50 86.86
C ARG J 42 -7.14 -12.86 86.50
N THR J 43 -7.65 -14.02 86.96
CA THR J 43 -9.02 -14.45 86.66
C THR J 43 -10.05 -13.70 87.50
N GLY J 44 -9.66 -13.15 88.64
CA GLY J 44 -10.57 -12.49 89.56
C GLY J 44 -11.62 -13.44 90.10
N SER J 45 -11.25 -14.71 90.31
CA SER J 45 -12.16 -15.75 90.79
C SER J 45 -12.45 -15.58 92.27
N ALA J 46 -13.60 -16.10 92.70
CA ALA J 46 -14.04 -16.06 94.09
C ALA J 46 -14.76 -17.34 94.43
N ILE J 47 -14.31 -18.04 95.47
CA ILE J 47 -14.99 -19.28 95.88
C ILE J 47 -15.54 -19.03 97.30
N SER J 48 -16.13 -20.05 97.95
CA SER J 48 -16.64 -19.88 99.30
C SER J 48 -15.48 -19.49 100.28
N PRO J 49 -15.64 -18.43 101.11
CA PRO J 49 -14.52 -18.02 101.98
C PRO J 49 -14.00 -19.13 102.86
N ASN J 50 -12.66 -19.18 102.99
CA ASN J 50 -11.92 -20.13 103.81
C ASN J 50 -12.18 -21.60 103.39
N THR J 51 -12.32 -21.85 102.09
CA THR J 51 -12.49 -23.22 101.58
C THR J 51 -11.38 -23.53 100.59
N SER J 52 -11.24 -24.83 100.28
CA SER J 52 -10.30 -25.39 99.32
C SER J 52 -11.05 -26.09 98.23
N ARG J 53 -10.57 -25.97 97.00
CA ARG J 53 -11.18 -26.62 95.86
C ARG J 53 -10.11 -27.26 95.01
N ARG J 54 -10.38 -28.46 94.56
CA ARG J 54 -9.55 -29.18 93.62
C ARG J 54 -10.06 -28.67 92.24
N VAL J 55 -9.16 -28.03 91.45
CA VAL J 55 -9.48 -27.38 90.15
C VAL J 55 -8.37 -27.61 89.12
N MSE J 56 -8.60 -27.16 87.87
CA MSE J 56 -7.62 -27.13 86.76
C MSE J 56 -7.15 -25.68 86.62
O MSE J 56 -7.98 -24.76 86.60
CB MSE J 56 -8.21 -27.62 85.42
CG MSE J 56 -8.78 -28.99 85.48
SE MSE J 56 -7.33 -30.25 85.83
CE MSE J 56 -6.16 -29.85 84.34
N SER J 57 -5.84 -25.47 86.54
CA SER J 57 -5.38 -24.11 86.40
C SER J 57 -4.27 -23.96 85.40
N ASN J 58 -4.26 -22.79 84.76
CA ASN J 58 -3.11 -22.28 84.02
C ASN J 58 -2.53 -21.23 84.92
N TYR J 59 -1.34 -21.49 85.43
CA TYR J 59 -0.65 -20.56 86.32
C TYR J 59 0.85 -20.61 86.06
N GLU J 60 1.58 -19.61 86.55
CA GLU J 60 3.02 -19.67 86.49
C GLU J 60 3.62 -19.31 87.84
N THR J 61 4.79 -19.87 88.12
CA THR J 61 5.59 -19.67 89.32
C THR J 61 6.61 -18.58 89.04
N LEU J 62 6.63 -17.53 89.88
CA LEU J 62 7.60 -16.45 89.81
C LEU J 62 8.54 -16.56 90.98
N SER J 63 9.83 -16.73 90.71
CA SER J 63 10.79 -16.89 91.76
C SER J 63 11.75 -15.71 91.86
N ASN J 64 12.21 -15.42 93.09
CA ASN J 64 13.23 -14.39 93.34
C ASN J 64 14.56 -15.07 93.69
N GLY J 65 14.60 -16.38 93.47
CA GLY J 65 15.77 -17.23 93.73
C GLY J 65 15.82 -17.83 95.11
N HIS J 66 14.85 -17.47 95.97
CA HIS J 66 14.74 -17.96 97.34
C HIS J 66 13.33 -18.50 97.57
N THR J 67 12.36 -17.66 97.26
CA THR J 67 10.94 -17.96 97.42
C THR J 67 10.21 -17.71 96.09
N ALA J 68 9.02 -18.24 95.97
CA ALA J 68 8.21 -18.08 94.79
C ALA J 68 6.75 -17.81 95.14
N THR J 69 6.01 -17.25 94.15
CA THR J 69 4.59 -16.96 94.23
C THR J 69 3.95 -17.46 92.96
N ALA J 70 2.63 -17.57 92.96
CA ALA J 70 1.89 -18.00 91.79
C ALA J 70 1.08 -16.84 91.20
N VAL J 71 1.03 -16.80 89.85
CA VAL J 71 0.20 -15.91 89.06
C VAL J 71 -0.77 -16.84 88.32
N ILE J 72 -2.07 -16.69 88.60
CA ILE J 72 -3.12 -17.53 88.00
C ILE J 72 -3.65 -16.86 86.74
N TYR J 73 -3.63 -17.59 85.61
CA TYR J 73 -4.11 -17.08 84.32
C TYR J 73 -5.48 -17.62 84.01
N SER J 74 -5.79 -18.87 84.45
CA SER J 74 -7.12 -19.46 84.26
C SER J 74 -7.42 -20.47 85.35
N LEU J 75 -8.72 -20.60 85.68
CA LEU J 75 -9.27 -21.54 86.66
C LEU J 75 -10.56 -22.10 86.15
N GLN J 76 -10.77 -23.39 86.39
CA GLN J 76 -12.00 -24.08 86.02
C GLN J 76 -12.14 -25.30 86.90
N SER J 77 -13.38 -25.72 87.07
CA SER J 77 -13.70 -26.87 87.87
C SER J 77 -13.29 -28.18 87.20
N LEU J 78 -13.25 -29.23 88.00
CA LEU J 78 -13.03 -30.60 87.58
C LEU J 78 -14.04 -31.46 88.33
N VAL J 79 -14.28 -32.68 87.86
CA VAL J 79 -15.25 -33.55 88.49
C VAL J 79 -14.54 -34.36 89.57
N THR J 80 -15.11 -34.40 90.78
CA THR J 80 -14.60 -35.20 91.89
C THR J 80 -15.66 -36.24 92.23
N PRO J 81 -15.80 -37.34 91.43
CA PRO J 81 -16.85 -38.32 91.73
C PRO J 81 -16.47 -39.28 92.86
N THR J 82 -17.36 -39.41 93.84
CA THR J 82 -17.14 -40.33 94.94
C THR J 82 -17.56 -41.73 94.48
N PRO J 83 -16.68 -42.74 94.58
CA PRO J 83 -17.07 -44.10 94.14
C PRO J 83 -18.28 -44.60 94.94
N LYS J 84 -19.31 -45.07 94.23
CA LYS J 84 -20.55 -45.57 94.85
C LYS J 84 -20.97 -46.91 94.23
N PRO J 85 -21.55 -47.85 95.01
CA PRO J 85 -21.96 -49.15 94.41
C PRO J 85 -23.08 -48.99 93.39
N ALA J 86 -23.24 -49.97 92.48
CA ALA J 86 -24.26 -49.96 91.41
C ALA J 86 -25.69 -49.85 91.97
N ASP J 87 -25.89 -50.31 93.23
CA ASP J 87 -27.16 -50.31 93.95
C ASP J 87 -27.43 -48.97 94.67
N ASP J 88 -26.51 -47.98 94.59
CA ASP J 88 -26.66 -46.67 95.23
C ASP J 88 -27.81 -45.89 94.58
N PRO J 89 -28.59 -45.11 95.37
CA PRO J 89 -29.70 -44.33 94.78
C PRO J 89 -29.34 -43.40 93.62
N THR J 90 -28.05 -42.93 93.49
CA THR J 90 -27.65 -42.07 92.35
C THR J 90 -27.76 -42.81 91.01
N TYR J 91 -27.63 -44.16 91.04
CA TYR J 91 -27.67 -44.99 89.84
C TYR J 91 -29.05 -45.65 89.62
N ARG J 92 -30.09 -45.12 90.31
CA ARG J 92 -31.49 -45.61 90.24
C ARG J 92 -32.05 -45.67 88.81
N ASP J 93 -31.73 -44.65 87.98
CA ASP J 93 -32.19 -44.55 86.59
C ASP J 93 -31.32 -45.36 85.60
N GLY J 94 -30.37 -46.13 86.12
CA GLY J 94 -29.52 -46.99 85.32
C GLY J 94 -28.11 -46.48 85.11
N LEU J 95 -27.20 -47.42 84.86
CA LEU J 95 -25.79 -47.12 84.60
C LEU J 95 -25.64 -46.66 83.16
N LYS J 96 -24.94 -45.53 82.99
CA LYS J 96 -24.70 -44.93 81.67
C LYS J 96 -23.24 -45.00 81.39
N HIS J 97 -22.88 -45.46 80.18
CA HIS J 97 -21.49 -45.65 79.80
C HIS J 97 -21.19 -45.13 78.41
N ASP J 98 -21.54 -43.87 78.15
CA ASP J 98 -21.24 -43.23 76.86
C ASP J 98 -19.70 -43.19 76.67
N PRO J 99 -19.18 -43.53 75.46
CA PRO J 99 -17.72 -43.71 75.30
C PRO J 99 -16.89 -42.47 75.52
N VAL J 100 -15.68 -42.71 76.03
CA VAL J 100 -14.64 -41.70 76.26
C VAL J 100 -13.30 -42.34 75.89
N ASP J 101 -12.26 -41.52 75.71
CA ASP J 101 -10.88 -41.98 75.58
C ASP J 101 -10.12 -41.51 76.81
N VAL J 102 -9.19 -42.32 77.32
CA VAL J 102 -8.36 -41.89 78.43
C VAL J 102 -7.09 -41.32 77.80
N VAL J 103 -6.80 -40.03 78.04
CA VAL J 103 -5.59 -39.37 77.52
C VAL J 103 -4.41 -39.70 78.45
N SER J 104 -4.61 -39.53 79.75
CA SER J 104 -3.61 -39.73 80.80
C SER J 104 -4.32 -40.10 82.09
N ILE J 105 -3.76 -41.02 82.87
CA ILE J 105 -4.37 -41.49 84.14
C ILE J 105 -3.26 -41.80 85.12
N TRP J 106 -3.38 -41.35 86.37
CA TRP J 106 -2.33 -41.56 87.38
C TRP J 106 -2.86 -41.32 88.78
N LEU J 107 -2.16 -41.91 89.76
CA LEU J 107 -2.43 -41.68 91.17
C LEU J 107 -1.68 -40.43 91.63
N GLY J 108 -2.34 -39.55 92.37
CA GLY J 108 -1.71 -38.35 92.86
C GLY J 108 -2.53 -37.56 93.86
N ARG J 109 -1.86 -37.09 94.92
CA ARG J 109 -2.34 -36.27 96.03
C ARG J 109 -3.72 -36.73 96.59
N GLY J 110 -3.84 -38.05 96.80
CA GLY J 110 -5.02 -38.68 97.37
C GLY J 110 -6.13 -39.01 96.38
N TYR J 111 -5.87 -38.80 95.09
CA TYR J 111 -6.83 -39.03 94.03
C TYR J 111 -6.34 -39.98 92.97
N LEU J 112 -7.29 -40.52 92.21
CA LEU J 112 -7.05 -41.21 90.96
C LEU J 112 -7.42 -40.14 89.91
N ASN J 113 -6.41 -39.59 89.26
CA ASN J 113 -6.59 -38.51 88.30
C ASN J 113 -6.59 -39.01 86.90
N MSE J 114 -7.40 -38.34 86.05
CA MSE J 114 -7.44 -38.69 84.65
C MSE J 114 -7.90 -37.53 83.81
O MSE J 114 -8.71 -36.72 84.25
CB MSE J 114 -8.30 -39.94 84.38
CG MSE J 114 -9.79 -39.74 84.62
SE MSE J 114 -10.78 -41.41 84.72
CE MSE J 114 -10.23 -41.97 86.47
N ILE J 115 -7.35 -37.50 82.59
CA ILE J 115 -7.72 -36.59 81.51
C ILE J 115 -8.45 -37.46 80.50
N LEU J 116 -9.69 -37.10 80.18
CA LEU J 116 -10.48 -37.84 79.21
C LEU J 116 -10.67 -37.04 77.96
N ASN J 117 -10.88 -37.71 76.84
CA ASN J 117 -11.27 -37.04 75.60
C ASN J 117 -12.65 -37.54 75.26
N LEU J 118 -13.54 -36.58 75.03
CA LEU J 118 -14.94 -36.73 74.71
C LEU J 118 -15.25 -36.13 73.36
N LYS J 119 -16.32 -36.60 72.74
CA LYS J 119 -16.87 -36.02 71.53
C LYS J 119 -18.22 -35.47 71.99
N VAL J 120 -18.34 -34.14 71.96
CA VAL J 120 -19.50 -33.37 72.46
C VAL J 120 -20.12 -32.49 71.37
N ASN J 121 -21.19 -31.78 71.73
CA ASN J 121 -21.82 -30.76 70.90
C ASN J 121 -22.10 -29.57 71.83
N GLY J 122 -23.25 -29.58 72.49
CA GLY J 122 -23.61 -28.53 73.44
C GLY J 122 -25.02 -28.63 73.97
N GLY J 123 -25.31 -27.85 75.01
CA GLY J 123 -26.61 -27.76 75.68
C GLY J 123 -26.97 -28.94 76.56
N LYS J 124 -26.09 -29.98 76.63
CA LYS J 124 -26.33 -31.16 77.43
C LYS J 124 -25.19 -31.32 78.40
N GLN J 125 -25.55 -31.61 79.66
CA GLN J 125 -24.59 -31.82 80.75
C GLN J 125 -24.05 -33.25 80.68
N HIS J 126 -22.71 -33.37 80.69
CA HIS J 126 -22.04 -34.66 80.70
C HIS J 126 -21.82 -35.00 82.15
N VAL J 127 -22.48 -36.08 82.61
CA VAL J 127 -22.44 -36.48 84.01
C VAL J 127 -21.50 -37.68 84.15
N PHE J 128 -20.51 -37.54 85.03
CA PHE J 128 -19.52 -38.54 85.36
C PHE J 128 -19.69 -39.07 86.76
N GLY J 129 -19.32 -40.34 86.94
CA GLY J 129 -19.37 -41.01 88.22
C GLY J 129 -18.46 -42.21 88.18
N ILE J 130 -18.33 -42.88 89.33
CA ILE J 130 -17.53 -44.08 89.48
C ILE J 130 -18.43 -45.14 90.11
N VAL J 131 -18.61 -46.25 89.40
CA VAL J 131 -19.38 -47.40 89.88
C VAL J 131 -18.38 -48.31 90.61
N GLU J 132 -18.55 -48.47 91.91
CA GLU J 132 -17.66 -49.18 92.80
C GLU J 132 -18.10 -50.61 93.05
N ASP J 133 -17.14 -51.53 92.96
CA ASP J 133 -17.32 -52.95 93.25
C ASP J 133 -16.24 -53.35 94.23
N LEU J 134 -16.64 -53.72 95.45
CA LEU J 134 -15.68 -54.09 96.49
C LEU J 134 -15.70 -55.59 96.78
N SER J 135 -16.18 -56.41 95.83
CA SER J 135 -16.28 -57.87 95.98
C SER J 135 -14.94 -58.55 96.30
N GLU J 136 -13.82 -57.98 95.81
CA GLU J 136 -12.47 -58.52 96.03
C GLU J 136 -11.69 -57.74 97.10
N PHE J 137 -12.28 -56.67 97.68
CA PHE J 137 -11.58 -55.82 98.65
C PHE J 137 -11.10 -56.55 99.91
N GLU J 138 -11.90 -57.49 100.45
CA GLU J 138 -11.48 -58.25 101.64
C GLU J 138 -10.52 -59.36 101.24
N THR J 139 -10.68 -59.90 100.01
CA THR J 139 -9.88 -60.97 99.43
C THR J 139 -8.42 -60.51 99.18
N ASN J 140 -8.21 -59.40 98.40
CA ASN J 140 -6.85 -58.97 98.02
C ASN J 140 -6.67 -57.44 97.94
N GLY J 141 -7.57 -56.68 98.55
CA GLY J 141 -7.49 -55.21 98.57
C GLY J 141 -7.77 -54.54 97.23
N THR J 142 -8.42 -55.26 96.30
CA THR J 142 -8.75 -54.73 94.98
C THR J 142 -10.05 -53.92 95.04
N VAL J 143 -9.98 -52.69 94.49
CA VAL J 143 -11.11 -51.78 94.31
C VAL J 143 -11.41 -51.73 92.83
N ASN J 144 -12.58 -52.24 92.42
CA ASN J 144 -12.99 -52.21 91.03
C ASN J 144 -13.79 -50.96 90.78
N MSE J 145 -13.37 -50.18 89.78
CA MSE J 145 -14.01 -48.93 89.40
C MSE J 145 -14.42 -48.95 87.96
O MSE J 145 -13.62 -49.30 87.12
CB MSE J 145 -13.08 -47.76 89.65
CG MSE J 145 -12.78 -47.53 91.10
SE MSE J 145 -11.86 -45.83 91.28
CE MSE J 145 -11.47 -45.95 93.16
N LEU J 146 -15.66 -48.58 87.69
CA LEU J 146 -16.18 -48.46 86.33
C LEU J 146 -16.64 -47.04 86.14
N LEU J 147 -16.17 -46.41 85.04
CA LEU J 147 -16.59 -45.06 84.73
C LEU J 147 -18.05 -45.02 84.29
N TYR J 148 -18.80 -44.13 84.94
CA TYR J 148 -20.17 -43.80 84.61
C TYR J 148 -20.11 -42.53 83.79
N HIS J 149 -20.70 -42.52 82.61
CA HIS J 149 -20.73 -41.33 81.78
C HIS J 149 -22.06 -41.24 81.07
N ASP J 150 -22.83 -40.19 81.41
CA ASP J 150 -24.09 -39.89 80.79
C ASP J 150 -23.92 -38.62 79.95
N ALA J 151 -23.92 -38.76 78.62
CA ALA J 151 -23.79 -37.64 77.69
C ALA J 151 -25.14 -36.94 77.49
N ASN J 152 -26.24 -37.50 78.03
CA ASN J 152 -27.60 -36.95 77.97
C ASN J 152 -28.05 -36.70 76.52
N GLY J 153 -27.68 -37.63 75.64
CA GLY J 153 -28.01 -37.57 74.22
C GLY J 153 -27.24 -36.57 73.40
N ASP J 154 -26.19 -35.94 73.99
CA ASP J 154 -25.33 -34.97 73.30
C ASP J 154 -24.66 -35.66 72.11
N GLU J 155 -24.65 -34.98 70.95
CA GLU J 155 -24.08 -35.50 69.72
C GLU J 155 -22.56 -35.56 69.84
N GLU J 156 -21.92 -36.48 69.11
CA GLU J 156 -20.47 -36.68 69.17
C GLU J 156 -19.83 -35.93 68.00
N TYR J 157 -19.73 -34.60 68.13
CA TYR J 157 -19.24 -33.73 67.06
C TYR J 157 -17.80 -33.23 67.25
N TYR J 158 -17.50 -32.67 68.42
CA TYR J 158 -16.22 -32.01 68.68
C TYR J 158 -15.49 -32.60 69.86
N ASN J 159 -14.16 -32.68 69.74
CA ASN J 159 -13.30 -33.18 70.81
C ASN J 159 -13.20 -32.16 71.92
N ARG J 160 -13.37 -32.64 73.14
CA ARG J 160 -13.30 -31.82 74.34
C ARG J 160 -12.71 -32.69 75.46
N ARG J 161 -11.83 -32.11 76.25
CA ARG J 161 -11.25 -32.80 77.39
C ARG J 161 -12.11 -32.64 78.62
N ALA J 162 -12.08 -33.67 79.47
CA ALA J 162 -12.74 -33.68 80.78
C ALA J 162 -11.71 -34.12 81.79
N TYR J 163 -11.79 -33.57 82.97
CA TYR J 163 -10.85 -33.79 84.04
C TYR J 163 -11.55 -34.33 85.25
N LEU J 164 -11.10 -35.51 85.72
CA LEU J 164 -11.63 -36.20 86.90
C LEU J 164 -10.55 -36.45 87.94
N SER J 165 -10.90 -36.28 89.20
CA SER J 165 -10.08 -36.61 90.35
C SER J 165 -10.94 -37.41 91.28
N VAL J 166 -10.77 -38.70 91.25
CA VAL J 166 -11.54 -39.61 92.10
C VAL J 166 -10.91 -39.66 93.52
N PRO J 167 -11.63 -39.16 94.56
CA PRO J 167 -11.06 -39.20 95.93
C PRO J 167 -10.88 -40.63 96.46
N LEU J 168 -9.71 -40.93 97.07
CA LEU J 168 -9.42 -42.29 97.55
C LEU J 168 -9.29 -42.39 99.07
N ASP J 169 -9.77 -41.35 99.79
CA ASP J 169 -9.72 -41.26 101.25
C ASP J 169 -10.55 -42.35 101.93
N LYS J 170 -11.66 -42.79 101.29
CA LYS J 170 -12.57 -43.81 101.83
C LYS J 170 -11.93 -45.19 101.94
N TYR J 171 -10.75 -45.39 101.31
CA TYR J 171 -10.07 -46.69 101.31
C TYR J 171 -8.99 -46.76 102.39
N ALA J 172 -8.59 -45.61 102.95
CA ALA J 172 -7.62 -45.54 104.03
C ALA J 172 -8.26 -46.04 105.34
N ASP J 173 -7.55 -46.96 106.03
CA ASP J 173 -7.99 -47.53 107.31
C ASP J 173 -6.93 -47.24 108.36
N ALA J 174 -7.26 -46.35 109.30
CA ALA J 174 -6.38 -45.93 110.40
C ALA J 174 -6.03 -47.10 111.34
N GLU J 175 -6.97 -48.05 111.55
CA GLU J 175 -6.78 -49.22 112.40
C GLU J 175 -6.17 -50.40 111.59
N ASN J 176 -5.84 -50.18 110.31
CA ASN J 176 -5.21 -51.18 109.43
C ASN J 176 -4.13 -50.47 108.57
N PRO J 177 -3.00 -50.02 109.19
CA PRO J 177 -1.98 -49.29 108.42
C PRO J 177 -1.04 -50.19 107.61
N GLY J 178 -0.54 -49.64 106.50
CA GLY J 178 0.38 -50.30 105.56
C GLY J 178 -0.32 -51.18 104.53
N GLN J 179 -1.68 -51.12 104.50
CA GLN J 179 -2.58 -51.84 103.62
C GLN J 179 -2.35 -51.37 102.17
N LYS J 180 -2.05 -52.33 101.26
CA LYS J 180 -1.80 -52.10 99.84
C LYS J 180 -3.12 -52.29 99.09
N ILE J 181 -3.64 -51.19 98.51
CA ILE J 181 -4.91 -51.18 97.75
C ILE J 181 -4.57 -51.16 96.24
N THR J 182 -5.33 -51.95 95.45
CA THR J 182 -5.14 -52.01 94.01
C THR J 182 -6.42 -51.49 93.33
N ILE J 183 -6.33 -50.34 92.65
CA ILE J 183 -7.46 -49.78 91.92
C ILE J 183 -7.41 -50.31 90.50
N LYS J 184 -8.49 -50.98 90.09
CA LYS J 184 -8.64 -51.51 88.74
C LYS J 184 -9.76 -50.73 88.09
N PHE J 185 -9.39 -49.77 87.20
CA PHE J 185 -10.32 -48.89 86.52
C PHE J 185 -10.71 -49.40 85.11
N LYS J 186 -12.02 -49.48 84.87
CA LYS J 186 -12.65 -49.85 83.60
C LYS J 186 -13.47 -48.69 83.07
N TYR J 187 -13.63 -48.62 81.75
CA TYR J 187 -14.40 -47.55 81.09
C TYR J 187 -14.82 -48.01 79.69
N TYR J 188 -15.94 -47.50 79.20
CA TYR J 188 -16.39 -47.82 77.85
C TYR J 188 -15.78 -46.83 76.87
N THR J 189 -15.27 -47.36 75.76
CA THR J 189 -14.58 -46.63 74.70
C THR J 189 -14.95 -47.26 73.37
N TYR J 190 -14.64 -46.58 72.25
CA TYR J 190 -14.89 -47.15 70.93
C TYR J 190 -13.69 -47.96 70.47
N ASP J 191 -13.94 -49.12 69.82
CA ASP J 191 -12.86 -49.93 69.25
C ASP J 191 -12.53 -49.38 67.84
N LYS J 192 -11.62 -50.07 67.11
CA LYS J 192 -11.19 -49.73 65.73
C LYS J 192 -12.38 -49.59 64.76
N ASP J 193 -13.48 -50.35 65.00
CA ASP J 193 -14.69 -50.41 64.17
C ASP J 193 -15.83 -49.47 64.61
N GLY J 194 -15.62 -48.69 65.68
CA GLY J 194 -16.63 -47.77 66.21
C GLY J 194 -17.68 -48.43 67.10
N THR J 195 -17.35 -49.59 67.67
CA THR J 195 -18.21 -50.33 68.59
C THR J 195 -17.81 -49.97 70.02
N ALA J 196 -18.79 -49.64 70.85
CA ALA J 196 -18.53 -49.32 72.25
C ALA J 196 -18.22 -50.61 73.00
N ILE J 197 -17.02 -50.67 73.62
CA ILE J 197 -16.56 -51.83 74.39
C ILE J 197 -16.02 -51.38 75.76
N GLU J 198 -16.11 -52.26 76.75
CA GLU J 198 -15.59 -52.01 78.09
C GLU J 198 -14.10 -52.33 78.07
N SER J 199 -13.25 -51.32 78.29
CA SER J 199 -11.80 -51.48 78.30
C SER J 199 -11.26 -51.79 79.69
N GLY J 200 -10.47 -52.86 79.77
CA GLY J 200 -9.81 -53.30 81.00
C GLY J 200 -8.34 -52.95 80.97
N LYS J 201 -7.95 -52.04 80.06
CA LYS J 201 -6.60 -51.55 79.82
C LYS J 201 -5.82 -51.20 81.11
N TYR J 202 -6.49 -50.54 82.05
CA TYR J 202 -5.90 -50.03 83.29
C TYR J 202 -6.18 -50.92 84.51
N CYS J 203 -6.53 -52.20 84.26
CA CYS J 203 -6.80 -53.25 85.25
C CYS J 203 -5.62 -54.17 85.41
N ASN J 204 -4.71 -54.22 84.42
CA ASN J 204 -3.57 -55.12 84.44
C ASN J 204 -2.26 -54.34 84.46
N PRO J 205 -1.56 -54.28 85.63
CA PRO J 205 -1.87 -54.92 86.91
C PRO J 205 -2.81 -54.11 87.82
N GLY J 206 -3.12 -52.88 87.42
CA GLY J 206 -3.95 -51.96 88.18
C GLY J 206 -3.06 -50.94 88.86
N PHE J 207 -3.67 -50.00 89.57
CA PHE J 207 -2.89 -48.98 90.26
C PHE J 207 -2.74 -49.33 91.74
N GLU J 208 -1.51 -49.62 92.14
CA GLU J 208 -1.19 -50.01 93.51
C GLU J 208 -0.73 -48.82 94.31
N TYR J 209 -1.24 -48.71 95.53
CA TYR J 209 -0.89 -47.62 96.41
C TYR J 209 -1.18 -47.99 97.88
N VAL J 210 -0.43 -47.37 98.80
CA VAL J 210 -0.58 -47.56 100.25
C VAL J 210 -1.10 -46.23 100.81
N PRO J 211 -2.39 -46.14 101.20
CA PRO J 211 -2.90 -44.85 101.70
C PRO J 211 -2.34 -44.47 103.09
N ASP J 212 -1.11 -43.91 103.11
CA ASP J 212 -0.42 -43.48 104.34
C ASP J 212 0.47 -42.25 104.06
N TYR K 7 -0.19 -12.96 79.10
CA TYR K 7 0.27 -12.09 80.19
C TYR K 7 0.52 -10.66 79.72
N VAL K 10 1.33 -19.51 74.63
CA VAL K 10 1.80 -20.88 74.87
C VAL K 10 2.63 -20.90 76.13
N LYS K 11 2.30 -21.82 77.06
CA LYS K 11 3.02 -22.00 78.32
C LYS K 11 4.32 -22.77 78.00
N LEU K 12 5.46 -22.15 78.30
CA LEU K 12 6.77 -22.72 78.02
C LEU K 12 7.47 -23.05 79.28
N GLU K 13 8.25 -24.14 79.23
CA GLU K 13 9.06 -24.64 80.32
C GLU K 13 10.50 -24.75 79.93
N PHE K 14 11.38 -24.61 80.90
CA PHE K 14 12.80 -24.84 80.72
C PHE K 14 12.96 -26.34 80.80
N VAL K 15 13.55 -26.93 79.75
CA VAL K 15 13.82 -28.37 79.67
C VAL K 15 15.20 -28.61 79.03
N THR K 16 15.56 -29.89 78.94
CA THR K 16 16.73 -30.37 78.22
C THR K 16 16.20 -31.43 77.25
N VAL K 17 16.58 -31.34 75.98
CA VAL K 17 16.19 -32.33 74.98
C VAL K 17 17.44 -33.09 74.52
N LYS K 18 17.33 -34.40 74.28
CA LYS K 18 18.43 -35.25 73.80
C LYS K 18 18.08 -35.81 72.45
N ALA K 19 18.99 -35.68 71.48
CA ALA K 19 18.78 -36.24 70.14
C ALA K 19 19.45 -37.63 69.99
N GLY K 20 18.92 -38.43 69.11
CA GLY K 20 19.44 -39.75 68.78
C GLY K 20 20.33 -39.67 67.57
N THR K 21 20.78 -40.81 67.07
CA THR K 21 21.76 -40.84 66.00
C THR K 21 21.29 -40.18 64.70
N ASP K 22 19.98 -40.02 64.50
CA ASP K 22 19.38 -39.40 63.32
C ASP K 22 19.06 -37.91 63.60
N GLY K 23 19.35 -37.44 64.81
CA GLY K 23 19.09 -36.07 65.22
C GLY K 23 17.68 -35.78 65.72
N SER K 24 16.80 -36.76 65.70
CA SER K 24 15.41 -36.59 66.18
C SER K 24 15.40 -36.49 67.70
N ILE K 25 14.41 -35.76 68.31
CA ILE K 25 14.35 -35.63 69.76
C ILE K 25 13.86 -36.95 70.36
N GLN K 26 14.69 -37.60 71.18
CA GLN K 26 14.39 -38.90 71.79
C GLN K 26 13.98 -38.82 73.26
N THR K 27 14.51 -37.84 73.99
CA THR K 27 14.25 -37.67 75.41
C THR K 27 14.07 -36.21 75.74
N LEU K 28 13.11 -35.93 76.63
CA LEU K 28 12.85 -34.62 77.20
C LEU K 28 13.04 -34.75 78.69
N ILE K 29 13.93 -33.92 79.26
CA ILE K 29 14.20 -33.93 80.68
C ILE K 29 13.65 -32.61 81.31
N PRO K 30 12.53 -32.70 82.06
CA PRO K 30 12.00 -31.52 82.73
C PRO K 30 12.92 -31.09 83.87
N ASP K 31 12.83 -29.83 84.30
CA ASP K 31 13.65 -29.34 85.39
C ASP K 31 13.13 -29.93 86.72
N ASN K 32 11.80 -30.05 86.83
CA ASN K 32 11.05 -30.52 87.99
C ASN K 32 10.94 -32.07 88.12
N GLY K 33 11.08 -32.82 87.04
CA GLY K 33 10.93 -34.26 87.11
C GLY K 33 12.01 -35.13 86.49
N GLU K 34 11.67 -36.41 86.37
CA GLU K 34 12.46 -37.46 85.76
C GLU K 34 12.34 -37.38 84.22
N ALA K 35 13.35 -37.89 83.51
CA ALA K 35 13.43 -37.92 82.06
C ALA K 35 12.25 -38.65 81.47
N LEU K 36 11.77 -38.16 80.32
CA LEU K 36 10.66 -38.79 79.64
C LEU K 36 11.10 -39.18 78.23
N THR K 37 10.73 -40.38 77.79
CA THR K 37 10.93 -40.75 76.40
C THR K 37 9.89 -39.93 75.59
N VAL K 38 10.32 -39.39 74.45
CA VAL K 38 9.45 -38.63 73.59
C VAL K 38 8.65 -39.62 72.74
N SER K 39 7.35 -39.79 73.02
CA SER K 39 6.50 -40.71 72.22
C SER K 39 6.12 -40.04 70.90
N LYS K 40 6.10 -38.71 70.83
CA LYS K 40 5.79 -37.96 69.63
C LYS K 40 6.34 -36.54 69.72
N ASP K 41 7.08 -36.14 68.69
CA ASP K 41 7.58 -34.78 68.54
C ASP K 41 6.76 -34.15 67.39
N ARG K 42 5.72 -33.42 67.77
CA ARG K 42 4.82 -32.81 66.79
C ARG K 42 5.50 -31.63 66.04
N THR K 43 6.64 -31.12 66.55
CA THR K 43 7.37 -30.02 65.92
C THR K 43 8.23 -30.49 64.75
N GLY K 44 8.53 -31.79 64.70
CA GLY K 44 9.41 -32.35 63.68
C GLY K 44 10.78 -31.67 63.67
N SER K 45 11.31 -31.38 64.90
CA SER K 45 12.60 -30.76 65.08
C SER K 45 13.69 -31.76 64.89
N ALA K 46 14.84 -31.26 64.46
CA ALA K 46 16.04 -32.07 64.29
C ALA K 46 17.23 -31.24 64.72
N ILE K 47 17.96 -31.71 65.74
CA ILE K 47 19.15 -31.03 66.23
C ILE K 47 20.35 -31.88 65.83
N SER K 48 21.57 -31.45 66.18
CA SER K 48 22.76 -32.22 65.83
C SER K 48 22.67 -33.62 66.49
N PRO K 49 22.94 -34.70 65.72
CA PRO K 49 22.84 -36.07 66.28
C PRO K 49 23.64 -36.25 67.54
N ASN K 50 23.04 -36.96 68.51
CA ASN K 50 23.69 -37.33 69.78
C ASN K 50 24.12 -36.14 70.63
N THR K 51 23.37 -35.05 70.56
CA THR K 51 23.62 -33.88 71.38
C THR K 51 22.43 -33.65 72.29
N SER K 52 22.65 -32.81 73.29
CA SER K 52 21.68 -32.33 74.25
C SER K 52 21.61 -30.84 74.13
N ARG K 53 20.40 -30.28 74.24
CA ARG K 53 20.22 -28.84 74.19
C ARG K 53 19.29 -28.43 75.31
N ARG K 54 19.60 -27.26 75.89
CA ARG K 54 18.83 -26.55 76.89
C ARG K 54 17.88 -25.66 76.09
N VAL K 55 16.57 -25.95 76.14
CA VAL K 55 15.56 -25.28 75.32
C VAL K 55 14.31 -24.92 76.14
N MSE K 56 13.41 -24.17 75.53
CA MSE K 56 12.10 -23.82 76.05
C MSE K 56 11.11 -24.74 75.39
O MSE K 56 11.24 -24.98 74.17
CB MSE K 56 11.76 -22.32 75.76
CG MSE K 56 12.61 -21.33 76.53
SE MSE K 56 12.65 -21.57 78.50
CE MSE K 56 10.72 -21.32 78.82
N SER K 57 10.13 -25.29 76.12
CA SER K 57 9.25 -26.22 75.44
C SER K 57 7.81 -26.21 75.92
N ASN K 58 6.91 -26.41 75.00
CA ASN K 58 5.53 -26.73 75.31
C ASN K 58 5.38 -28.22 75.04
N TYR K 59 5.17 -29.00 76.09
CA TYR K 59 5.03 -30.43 75.98
C TYR K 59 4.03 -30.93 76.99
N GLU K 60 3.52 -32.16 76.79
CA GLU K 60 2.68 -32.76 77.81
C GLU K 60 3.16 -34.16 78.14
N THR K 61 2.95 -34.55 79.40
CA THR K 61 3.27 -35.85 79.95
C THR K 61 2.04 -36.72 79.88
N LEU K 62 2.20 -37.92 79.28
CA LEU K 62 1.14 -38.90 79.16
C LEU K 62 1.46 -40.04 80.08
N SER K 63 0.64 -40.27 81.11
CA SER K 63 0.87 -41.37 82.02
C SER K 63 -0.18 -42.44 81.86
N ASN K 64 0.22 -43.70 82.03
CA ASN K 64 -0.71 -44.84 82.00
C ASN K 64 -0.87 -45.39 83.40
N GLY K 65 -0.36 -44.64 84.38
CA GLY K 65 -0.40 -44.95 85.79
C GLY K 65 0.77 -45.75 86.31
N HIS K 66 1.68 -46.12 85.40
CA HIS K 66 2.89 -46.90 85.71
C HIS K 66 4.09 -46.18 85.12
N THR K 67 4.00 -45.84 83.82
CA THR K 67 5.04 -45.18 83.07
C THR K 67 4.48 -43.94 82.39
N ALA K 68 5.37 -43.05 81.95
CA ALA K 68 4.98 -41.86 81.26
C ALA K 68 5.92 -41.56 80.10
N THR K 69 5.44 -40.77 79.11
CA THR K 69 6.16 -40.31 77.93
C THR K 69 5.84 -38.86 77.71
N ALA K 70 6.62 -38.19 76.82
CA ALA K 70 6.36 -36.81 76.43
C ALA K 70 5.88 -36.70 74.98
N VAL K 71 4.98 -35.74 74.76
CA VAL K 71 4.52 -35.28 73.46
C VAL K 71 4.95 -33.81 73.41
N ILE K 72 5.81 -33.46 72.43
CA ILE K 72 6.34 -32.11 72.28
C ILE K 72 5.47 -31.35 71.30
N TYR K 73 4.97 -30.17 71.73
CA TYR K 73 4.12 -29.31 70.89
C TYR K 73 4.91 -28.13 70.34
N SER K 74 5.90 -27.62 71.09
CA SER K 74 6.75 -26.54 70.60
C SER K 74 8.11 -26.60 71.25
N LEU K 75 9.14 -26.14 70.50
CA LEU K 75 10.53 -26.04 70.93
C LEU K 75 11.08 -24.75 70.41
N GLN K 76 11.94 -24.14 71.19
CA GLN K 76 12.65 -22.91 70.84
C GLN K 76 13.91 -22.84 71.67
N SER K 77 14.89 -22.14 71.14
CA SER K 77 16.15 -21.97 71.81
C SER K 77 16.00 -20.98 72.97
N LEU K 78 16.99 -21.02 73.87
CA LEU K 78 17.15 -20.05 74.94
C LEU K 78 18.63 -19.67 74.92
N VAL K 79 18.99 -18.57 75.56
CA VAL K 79 20.40 -18.10 75.60
C VAL K 79 21.11 -18.82 76.73
N THR K 80 22.28 -19.42 76.45
CA THR K 80 23.09 -20.09 77.48
C THR K 80 24.43 -19.35 77.57
N PRO K 81 24.48 -18.16 78.21
CA PRO K 81 25.75 -17.42 78.25
C PRO K 81 26.74 -17.98 79.27
N THR K 82 27.97 -18.22 78.81
CA THR K 82 29.02 -18.69 79.72
C THR K 82 29.61 -17.46 80.44
N PRO K 83 29.66 -17.43 81.80
CA PRO K 83 30.24 -16.27 82.48
C PRO K 83 31.69 -16.06 82.07
N LYS K 84 32.04 -14.83 81.68
CA LYS K 84 33.37 -14.49 81.23
C LYS K 84 33.84 -13.18 81.90
N PRO K 85 35.15 -13.03 82.22
CA PRO K 85 35.61 -11.78 82.86
C PRO K 85 35.51 -10.59 81.90
N ALA K 86 35.45 -9.36 82.44
CA ALA K 86 35.32 -8.11 81.67
C ALA K 86 36.45 -7.95 80.62
N ASP K 87 37.61 -8.58 80.89
CA ASP K 87 38.82 -8.56 80.05
C ASP K 87 38.80 -9.67 78.95
N ASP K 88 37.71 -10.46 78.86
CA ASP K 88 37.57 -11.50 77.84
C ASP K 88 37.41 -10.87 76.46
N PRO K 89 37.98 -11.49 75.39
CA PRO K 89 37.86 -10.91 74.04
C PRO K 89 36.43 -10.61 73.55
N THR K 90 35.37 -11.32 74.08
CA THR K 90 33.99 -11.05 73.67
C THR K 90 33.53 -9.65 74.09
N TYR K 91 34.13 -9.10 75.15
CA TYR K 91 33.77 -7.79 75.67
C TYR K 91 34.73 -6.67 75.21
N ARG K 92 35.52 -6.95 74.16
CA ARG K 92 36.49 -6.02 73.60
C ARG K 92 35.87 -4.67 73.16
N ASP K 93 34.66 -4.71 72.58
CA ASP K 93 33.94 -3.52 72.09
C ASP K 93 33.15 -2.81 73.21
N GLY K 94 33.35 -3.24 74.45
CA GLY K 94 32.73 -2.61 75.61
C GLY K 94 31.55 -3.34 76.21
N LEU K 95 31.31 -3.10 77.50
CA LEU K 95 30.22 -3.70 78.23
C LEU K 95 28.95 -2.95 77.91
N LYS K 96 27.89 -3.69 77.56
CA LYS K 96 26.60 -3.12 77.23
C LYS K 96 25.62 -3.55 78.28
N HIS K 97 24.84 -2.61 78.82
CA HIS K 97 23.89 -2.90 79.88
C HIS K 97 22.55 -2.25 79.63
N ASP K 98 21.96 -2.51 78.44
CA ASP K 98 20.62 -2.00 78.12
C ASP K 98 19.60 -2.62 79.12
N PRO K 99 18.68 -1.80 79.69
CA PRO K 99 17.83 -2.31 80.78
C PRO K 99 16.88 -3.46 80.43
N VAL K 100 16.64 -4.29 81.43
CA VAL K 100 15.70 -5.41 81.39
C VAL K 100 14.99 -5.46 82.75
N ASP K 101 13.90 -6.22 82.85
CA ASP K 101 13.26 -6.56 84.11
C ASP K 101 13.44 -8.07 84.31
N VAL K 102 13.66 -8.52 85.55
CA VAL K 102 13.74 -9.91 85.88
C VAL K 102 12.32 -10.30 86.29
N VAL K 103 11.72 -11.26 85.58
CA VAL K 103 10.36 -11.73 85.88
C VAL K 103 10.46 -12.81 86.95
N SER K 104 11.48 -13.67 86.81
CA SER K 104 11.73 -14.82 87.64
C SER K 104 13.18 -15.23 87.52
N ILE K 105 13.79 -15.67 88.62
CA ILE K 105 15.19 -16.11 88.63
C ILE K 105 15.35 -17.25 89.66
N TRP K 106 16.06 -18.33 89.27
CA TRP K 106 16.26 -19.45 90.18
C TRP K 106 17.42 -20.36 89.79
N LEU K 107 17.96 -21.07 90.76
CA LEU K 107 18.95 -22.11 90.52
C LEU K 107 18.20 -23.39 90.23
N GLY K 108 18.71 -24.15 89.29
CA GLY K 108 18.11 -25.42 88.92
C GLY K 108 18.81 -26.07 87.76
N ARG K 109 19.03 -27.39 87.92
CA ARG K 109 19.57 -28.31 86.92
C ARG K 109 20.96 -27.89 86.39
N GLY K 110 21.79 -27.32 87.25
CA GLY K 110 23.14 -26.89 86.92
C GLY K 110 23.21 -25.52 86.25
N TYR K 111 22.09 -24.79 86.26
CA TYR K 111 22.01 -23.44 85.68
C TYR K 111 21.48 -22.43 86.66
N LEU K 112 21.75 -21.14 86.36
CA LEU K 112 21.11 -20.00 86.97
C LEU K 112 20.12 -19.56 85.91
N ASN K 113 18.84 -19.88 86.13
CA ASN K 113 17.81 -19.60 85.13
C ASN K 113 17.11 -18.32 85.41
N MSE K 114 16.64 -17.66 84.34
CA MSE K 114 15.84 -16.45 84.49
C MSE K 114 14.97 -16.18 83.27
O MSE K 114 15.32 -16.49 82.14
CB MSE K 114 16.73 -15.23 84.80
CG MSE K 114 17.65 -14.80 83.65
SE MSE K 114 18.98 -13.54 84.23
CE MSE K 114 20.22 -14.83 85.16
N ILE K 115 13.84 -15.53 83.54
CA ILE K 115 12.90 -15.01 82.58
C ILE K 115 13.05 -13.51 82.67
N LEU K 116 13.32 -12.88 81.53
CA LEU K 116 13.48 -11.42 81.47
C LEU K 116 12.34 -10.81 80.71
N ASN K 117 12.02 -9.57 81.05
CA ASN K 117 11.09 -8.78 80.25
C ASN K 117 11.88 -7.61 79.66
N LEU K 118 11.78 -7.47 78.36
CA LEU K 118 12.45 -6.49 77.52
C LEU K 118 11.46 -5.62 76.83
N LYS K 119 11.88 -4.41 76.46
CA LYS K 119 11.10 -3.52 75.60
C LYS K 119 11.90 -3.50 74.27
N VAL K 120 11.28 -4.06 73.23
CA VAL K 120 11.89 -4.26 71.90
C VAL K 120 11.07 -3.61 70.79
N ASN K 121 11.54 -3.74 69.57
CA ASN K 121 10.84 -3.34 68.37
C ASN K 121 11.05 -4.51 67.37
N GLY K 122 12.15 -4.46 66.62
CA GLY K 122 12.48 -5.51 65.67
C GLY K 122 13.66 -5.22 64.80
N GLY K 123 14.15 -6.25 64.12
CA GLY K 123 15.27 -6.16 63.19
C GLY K 123 16.64 -6.04 63.81
N LYS K 124 16.70 -6.00 65.15
CA LYS K 124 17.97 -5.89 65.88
C LYS K 124 18.10 -7.05 66.82
N GLN K 125 19.29 -7.67 66.85
CA GLN K 125 19.59 -8.82 67.72
C GLN K 125 19.91 -8.32 69.11
N HIS K 126 19.24 -8.91 70.11
CA HIS K 126 19.48 -8.61 71.50
C HIS K 126 20.51 -9.62 71.95
N VAL K 127 21.70 -9.15 72.32
CA VAL K 127 22.82 -10.00 72.70
C VAL K 127 22.96 -9.97 74.22
N PHE K 128 22.94 -11.16 74.84
CA PHE K 128 23.08 -11.38 76.27
C PHE K 128 24.38 -12.08 76.59
N GLY K 129 24.92 -11.76 77.76
CA GLY K 129 26.13 -12.35 78.30
C GLY K 129 26.17 -12.17 79.80
N ILE K 130 27.17 -12.77 80.44
CA ILE K 130 27.37 -12.63 81.88
C ILE K 130 28.80 -12.16 82.10
N VAL K 131 28.96 -11.00 82.76
CA VAL K 131 30.26 -10.45 83.10
C VAL K 131 30.60 -11.00 84.47
N GLU K 132 31.65 -11.81 84.52
CA GLU K 132 32.08 -12.53 85.71
C GLU K 132 33.16 -11.77 86.47
N ASP K 133 32.99 -11.67 87.80
CA ASP K 133 33.96 -11.08 88.71
C ASP K 133 34.24 -12.10 89.80
N LEU K 134 35.50 -12.58 89.88
CA LEU K 134 35.84 -13.59 90.87
C LEU K 134 36.75 -13.03 91.98
N SER K 135 36.74 -11.69 92.17
CA SER K 135 37.56 -11.00 93.16
C SER K 135 37.30 -11.49 94.61
N GLU K 136 36.07 -11.96 94.90
CA GLU K 136 35.67 -12.45 96.23
C GLU K 136 35.61 -13.99 96.27
N PHE K 137 35.89 -14.69 95.16
CA PHE K 137 35.76 -16.15 95.08
C PHE K 137 36.69 -16.90 96.03
N GLU K 138 37.93 -16.40 96.22
CA GLU K 138 38.88 -17.03 97.14
C GLU K 138 38.56 -16.58 98.57
N THR K 139 37.99 -15.37 98.73
CA THR K 139 37.62 -14.77 100.03
C THR K 139 36.45 -15.51 100.68
N ASN K 140 35.31 -15.68 99.96
CA ASN K 140 34.09 -16.27 100.54
C ASN K 140 33.25 -17.10 99.57
N GLY K 141 33.84 -17.52 98.43
CA GLY K 141 33.16 -18.34 97.42
C GLY K 141 32.10 -17.60 96.63
N THR K 142 32.14 -16.25 96.66
CA THR K 142 31.18 -15.40 95.97
C THR K 142 31.57 -15.26 94.50
N VAL K 143 30.59 -15.51 93.62
CA VAL K 143 30.68 -15.33 92.17
C VAL K 143 29.80 -14.12 91.85
N ASN K 144 30.43 -13.02 91.42
CA ASN K 144 29.68 -11.84 91.04
C ASN K 144 29.38 -11.93 89.56
N MSE K 145 28.10 -11.74 89.23
CA MSE K 145 27.62 -11.81 87.84
C MSE K 145 26.89 -10.56 87.51
O MSE K 145 26.01 -10.14 88.25
CB MSE K 145 26.71 -13.00 87.63
CG MSE K 145 27.40 -14.33 87.78
SE MSE K 145 26.21 -15.75 87.18
CE MSE K 145 27.35 -17.23 87.61
N LEU K 146 27.28 -9.94 86.40
CA LEU K 146 26.60 -8.75 85.88
C LEU K 146 26.05 -9.09 84.50
N LEU K 147 24.75 -8.84 84.30
CA LEU K 147 24.14 -9.09 83.01
C LEU K 147 24.64 -8.12 81.97
N TYR K 148 25.09 -8.68 80.84
CA TYR K 148 25.48 -7.95 79.65
C TYR K 148 24.27 -8.01 78.72
N HIS K 149 23.80 -6.84 78.24
CA HIS K 149 22.69 -6.82 77.31
C HIS K 149 22.93 -5.72 76.31
N ASP K 150 23.09 -6.10 75.03
CA ASP K 150 23.23 -5.18 73.91
C ASP K 150 21.95 -5.25 73.08
N ALA K 151 21.17 -4.19 73.09
CA ALA K 151 19.89 -4.08 72.34
C ALA K 151 20.16 -3.66 70.90
N ASN K 152 21.41 -3.29 70.56
CA ASN K 152 21.84 -2.87 69.23
C ASN K 152 20.97 -1.73 68.65
N GLY K 153 20.62 -0.79 69.53
CA GLY K 153 19.84 0.38 69.16
C GLY K 153 18.36 0.14 68.95
N ASP K 154 17.87 -1.10 69.23
CA ASP K 154 16.46 -1.45 69.10
C ASP K 154 15.61 -0.56 69.99
N GLU K 155 14.50 -0.03 69.44
CA GLU K 155 13.61 0.88 70.16
C GLU K 155 12.89 0.13 71.28
N GLU K 156 12.53 0.83 72.35
CA GLU K 156 11.86 0.24 73.49
C GLU K 156 10.33 0.44 73.34
N TYR K 157 9.71 -0.38 72.45
CA TYR K 157 8.29 -0.22 72.12
C TYR K 157 7.38 -1.29 72.72
N TYR K 158 7.72 -2.57 72.55
CA TYR K 158 6.87 -3.69 72.95
C TYR K 158 7.54 -4.63 73.93
N ASN K 159 6.76 -5.14 74.86
CA ASN K 159 7.25 -6.08 75.86
C ASN K 159 7.44 -7.42 75.22
N ARG K 160 8.59 -8.03 75.50
CA ARG K 160 8.96 -9.34 75.00
C ARG K 160 9.76 -10.05 76.06
N ARG K 161 9.51 -11.35 76.25
CA ARG K 161 10.26 -12.17 77.20
C ARG K 161 11.48 -12.76 76.54
N ALA K 162 12.56 -12.90 77.33
CA ALA K 162 13.78 -13.56 76.96
C ALA K 162 14.06 -14.61 78.03
N TYR K 163 14.67 -15.72 77.62
CA TYR K 163 14.95 -16.82 78.52
C TYR K 163 16.44 -17.10 78.52
N LEU K 164 17.06 -17.10 79.72
CA LEU K 164 18.51 -17.37 79.94
C LEU K 164 18.71 -18.48 80.93
N SER K 165 19.73 -19.32 80.66
CA SER K 165 20.18 -20.42 81.52
C SER K 165 21.64 -20.31 81.54
N VAL K 166 22.16 -19.74 82.60
CA VAL K 166 23.60 -19.55 82.79
C VAL K 166 24.21 -20.86 83.29
N PRO K 167 25.08 -21.54 82.51
CA PRO K 167 25.72 -22.78 83.00
C PRO K 167 26.69 -22.53 84.18
N LEU K 168 26.61 -23.38 85.22
CA LEU K 168 27.41 -23.21 86.44
C LEU K 168 28.43 -24.33 86.66
N ASP K 169 28.67 -25.15 85.61
CA ASP K 169 29.62 -26.29 85.63
C ASP K 169 31.06 -25.85 85.91
N LYS K 170 31.44 -24.63 85.48
CA LYS K 170 32.80 -24.12 85.63
C LYS K 170 33.20 -23.84 87.11
N TYR K 171 32.21 -23.83 88.02
CA TYR K 171 32.43 -23.53 89.43
C TYR K 171 32.60 -24.80 90.26
N ALA K 172 32.20 -25.95 89.69
CA ALA K 172 32.37 -27.25 90.31
C ALA K 172 33.82 -27.69 90.27
N ASP K 173 34.37 -28.09 91.42
CA ASP K 173 35.75 -28.54 91.55
C ASP K 173 35.74 -29.97 92.09
N ALA K 174 36.15 -30.93 91.25
CA ALA K 174 36.19 -32.35 91.59
C ALA K 174 37.19 -32.65 92.73
N GLU K 175 38.30 -31.90 92.80
CA GLU K 175 39.31 -32.06 93.85
C GLU K 175 38.99 -31.18 95.09
N ASN K 176 37.84 -30.49 95.08
CA ASN K 176 37.37 -29.65 96.19
C ASN K 176 35.85 -29.87 96.37
N PRO K 177 35.39 -31.07 96.81
CA PRO K 177 33.94 -31.30 96.92
C PRO K 177 33.30 -30.73 98.17
N GLY K 178 32.01 -30.38 98.07
CA GLY K 178 31.23 -29.82 99.17
C GLY K 178 31.38 -28.32 99.36
N GLN K 179 32.09 -27.67 98.41
CA GLN K 179 32.36 -26.24 98.31
C GLN K 179 31.03 -25.49 98.08
N LYS K 180 30.73 -24.50 98.96
CA LYS K 180 29.52 -23.67 98.91
C LYS K 180 29.83 -22.39 98.17
N ILE K 181 29.19 -22.20 97.02
CA ILE K 181 29.34 -21.04 96.14
C ILE K 181 28.12 -20.12 96.32
N THR K 182 28.35 -18.79 96.32
CA THR K 182 27.28 -17.80 96.42
C THR K 182 27.25 -16.95 95.14
N ILE K 183 26.19 -17.09 94.34
CA ILE K 183 26.08 -16.30 93.12
C ILE K 183 25.33 -15.01 93.47
N LYS K 184 25.96 -13.88 93.18
CA LYS K 184 25.36 -12.57 93.38
C LYS K 184 25.17 -11.95 91.99
N PHE K 185 23.91 -11.94 91.52
CA PHE K 185 23.57 -11.44 90.19
C PHE K 185 23.07 -9.98 90.22
N LYS K 186 23.71 -9.13 89.37
CA LYS K 186 23.39 -7.73 89.15
C LYS K 186 22.95 -7.55 87.70
N TYR K 187 22.12 -6.54 87.45
CA TYR K 187 21.62 -6.23 86.12
C TYR K 187 21.13 -4.80 86.13
N TYR K 188 21.19 -4.14 84.97
CA TYR K 188 20.67 -2.77 84.82
C TYR K 188 19.20 -2.85 84.47
N THR K 189 18.40 -2.02 85.14
CA THR K 189 16.96 -1.94 84.98
C THR K 189 16.54 -0.49 85.12
N TYR K 190 15.32 -0.18 84.74
CA TYR K 190 14.78 1.16 84.92
C TYR K 190 14.10 1.25 86.26
N ASP K 191 14.30 2.39 86.96
CA ASP K 191 13.56 2.62 88.20
C ASP K 191 12.16 3.17 87.84
N LYS K 192 11.36 3.51 88.86
CA LYS K 192 10.00 4.06 88.69
C LYS K 192 9.98 5.30 87.79
N ASP K 193 11.09 6.09 87.76
CA ASP K 193 11.25 7.35 87.01
C ASP K 193 11.87 7.19 85.61
N GLY K 194 12.19 5.96 85.20
CA GLY K 194 12.79 5.68 83.90
C GLY K 194 14.31 5.90 83.83
N THR K 195 14.97 5.92 85.00
CA THR K 195 16.42 6.05 85.11
C THR K 195 17.03 4.64 85.15
N ALA K 196 18.02 4.38 84.30
CA ALA K 196 18.71 3.10 84.28
C ALA K 196 19.64 3.01 85.48
N ILE K 197 19.41 1.99 86.32
CA ILE K 197 20.19 1.78 87.54
C ILE K 197 20.68 0.33 87.60
N GLU K 198 21.83 0.09 88.23
CA GLU K 198 22.35 -1.26 88.45
C GLU K 198 21.64 -1.80 89.70
N SER K 199 20.83 -2.88 89.53
CA SER K 199 20.08 -3.48 90.63
C SER K 199 20.85 -4.59 91.30
N GLY K 200 20.95 -4.48 92.63
CA GLY K 200 21.61 -5.46 93.48
C GLY K 200 20.59 -6.27 94.24
N LYS K 201 19.32 -6.24 93.79
CA LYS K 201 18.15 -6.95 94.33
C LYS K 201 18.44 -8.43 94.63
N TYR K 202 19.16 -9.13 93.72
CA TYR K 202 19.43 -10.55 93.83
C TYR K 202 20.84 -10.88 94.41
N CYS K 203 21.46 -9.88 95.09
CA CYS K 203 22.77 -9.98 95.71
C CYS K 203 22.68 -10.17 97.22
N ASN K 204 21.54 -9.80 97.83
CA ASN K 204 21.38 -9.95 99.25
C ASN K 204 20.25 -10.95 99.57
N PRO K 205 20.59 -12.17 100.07
CA PRO K 205 21.95 -12.67 100.41
C PRO K 205 22.70 -13.30 99.23
N GLY K 206 22.03 -13.47 98.09
CA GLY K 206 22.60 -14.10 96.90
C GLY K 206 22.09 -15.53 96.81
N PHE K 207 22.48 -16.25 95.75
CA PHE K 207 22.04 -17.63 95.57
C PHE K 207 23.12 -18.61 96.01
N GLU K 208 22.86 -19.32 97.12
CA GLU K 208 23.80 -20.29 97.64
C GLU K 208 23.52 -21.66 97.06
N TYR K 209 24.59 -22.35 96.66
CA TYR K 209 24.47 -23.69 96.12
C TYR K 209 25.81 -24.46 96.25
N VAL K 210 25.71 -25.78 96.36
CA VAL K 210 26.85 -26.68 96.45
C VAL K 210 26.87 -27.46 95.13
N PRO K 211 27.81 -27.19 94.20
CA PRO K 211 27.80 -27.93 92.93
C PRO K 211 28.22 -29.41 93.07
N ASP K 212 27.25 -30.27 93.45
CA ASP K 212 27.45 -31.71 93.65
C ASP K 212 26.15 -32.49 93.33
N VAL L 10 -0.81 -17.39 70.63
CA VAL L 10 -1.65 -16.21 70.45
C VAL L 10 -1.94 -16.01 68.97
N LYS L 11 -3.23 -15.84 68.61
CA LYS L 11 -3.65 -15.60 67.24
C LYS L 11 -3.38 -14.11 66.93
N LEU L 12 -2.55 -13.87 65.92
CA LEU L 12 -2.12 -12.54 65.50
C LEU L 12 -2.73 -12.14 64.19
N GLU L 13 -2.92 -10.84 64.01
CA GLU L 13 -3.48 -10.22 62.80
C GLU L 13 -2.59 -9.12 62.35
N PHE L 14 -2.52 -8.88 61.00
CA PHE L 14 -1.80 -7.74 60.38
C PHE L 14 -2.71 -6.53 60.54
N VAL L 15 -2.22 -5.52 61.29
CA VAL L 15 -2.93 -4.26 61.58
C VAL L 15 -1.96 -3.09 61.42
N THR L 16 -2.51 -1.87 61.47
CA THR L 16 -1.83 -0.57 61.53
C THR L 16 -2.27 0.10 62.85
N VAL L 17 -1.30 0.59 63.64
CA VAL L 17 -1.60 1.26 64.90
C VAL L 17 -1.17 2.71 64.76
N LYS L 18 -1.95 3.65 65.32
CA LYS L 18 -1.65 5.09 65.29
C LYS L 18 -1.45 5.59 66.69
N ALA L 19 -0.36 6.35 66.94
CA ALA L 19 -0.08 6.90 68.26
C ALA L 19 -0.51 8.36 68.32
N GLY L 20 -0.87 8.84 69.49
CA GLY L 20 -1.26 10.23 69.69
C GLY L 20 -0.04 11.06 70.05
N THR L 21 -0.27 12.22 70.62
CA THR L 21 0.81 13.14 70.93
C THR L 21 1.69 12.66 72.12
N ASP L 22 1.19 11.74 72.95
CA ASP L 22 1.92 11.18 74.08
C ASP L 22 2.57 9.82 73.75
N GLY L 23 2.40 9.33 72.51
CA GLY L 23 2.97 8.06 72.08
C GLY L 23 2.12 6.84 72.39
N SER L 24 1.00 7.03 73.08
CA SER L 24 0.06 5.94 73.40
C SER L 24 -0.72 5.51 72.14
N ILE L 25 -1.08 4.21 72.01
CA ILE L 25 -1.82 3.72 70.86
C ILE L 25 -3.26 4.21 70.96
N GLN L 26 -3.69 5.03 69.96
CA GLN L 26 -5.02 5.65 69.92
C GLN L 26 -5.99 4.96 68.97
N THR L 27 -5.49 4.47 67.84
CA THR L 27 -6.32 3.83 66.83
C THR L 27 -5.66 2.55 66.33
N LEU L 28 -6.48 1.50 66.09
CA LEU L 28 -6.08 0.25 65.49
C LEU L 28 -6.88 0.11 64.21
N ILE L 29 -6.19 -0.06 63.09
CA ILE L 29 -6.83 -0.22 61.79
C ILE L 29 -6.62 -1.67 61.30
N PRO L 30 -7.68 -2.53 61.35
CA PRO L 30 -7.56 -3.91 60.80
C PRO L 30 -7.46 -3.89 59.29
N ASP L 31 -6.96 -4.96 58.71
CA ASP L 31 -6.83 -5.01 57.26
C ASP L 31 -8.20 -5.21 56.61
N ASN L 32 -9.07 -6.02 57.22
CA ASN L 32 -10.37 -6.26 56.55
C ASN L 32 -11.53 -5.39 57.10
N GLY L 33 -11.30 -4.59 58.12
CA GLY L 33 -12.34 -3.72 58.63
C GLY L 33 -12.01 -2.23 58.71
N GLU L 34 -12.97 -1.50 59.31
CA GLU L 34 -12.89 -0.07 59.57
C GLU L 34 -12.00 0.16 60.78
N ALA L 35 -11.41 1.38 60.89
CA ALA L 35 -10.56 1.81 62.00
C ALA L 35 -11.33 1.75 63.29
N LEU L 36 -10.63 1.43 64.38
CA LEU L 36 -11.21 1.33 65.71
C LEU L 36 -10.46 2.22 66.69
N THR L 37 -11.19 2.93 67.53
CA THR L 37 -10.59 3.69 68.60
C THR L 37 -10.15 2.63 69.63
N VAL L 38 -8.95 2.77 70.19
CA VAL L 38 -8.47 1.83 71.17
C VAL L 38 -9.06 2.26 72.51
N SER L 39 -9.99 1.45 73.06
CA SER L 39 -10.59 1.78 74.36
C SER L 39 -9.63 1.37 75.49
N LYS L 40 -8.77 0.37 75.24
CA LYS L 40 -7.81 -0.07 76.23
C LYS L 40 -6.64 -0.76 75.55
N ASP L 41 -5.41 -0.33 75.86
CA ASP L 41 -4.17 -0.97 75.39
C ASP L 41 -3.58 -1.68 76.61
N ARG L 42 -3.85 -2.98 76.74
CA ARG L 42 -3.39 -3.76 77.88
C ARG L 42 -1.87 -4.00 77.81
N THR L 43 -1.24 -3.78 76.63
CA THR L 43 0.21 -3.97 76.48
C THR L 43 1.02 -2.82 77.04
N GLY L 44 0.39 -1.66 77.20
CA GLY L 44 1.08 -0.46 77.66
C GLY L 44 2.24 -0.09 76.75
N SER L 45 2.03 -0.24 75.44
CA SER L 45 3.02 0.10 74.44
C SER L 45 3.04 1.60 74.21
N ALA L 46 4.21 2.10 73.84
CA ALA L 46 4.40 3.50 73.49
C ALA L 46 5.31 3.56 72.29
N ILE L 47 4.82 4.13 71.18
CA ILE L 47 5.62 4.26 69.96
C ILE L 47 5.93 5.73 69.80
N SER L 48 6.62 6.10 68.69
CA SER L 48 6.96 7.51 68.53
C SER L 48 5.65 8.35 68.41
N PRO L 49 5.52 9.46 69.16
CA PRO L 49 4.30 10.29 69.08
C PRO L 49 3.92 10.67 67.65
N ASN L 50 2.62 10.57 67.35
CA ASN L 50 2.03 10.96 66.06
C ASN L 50 2.55 10.16 64.88
N THR L 51 2.84 8.88 65.11
CA THR L 51 3.30 8.03 64.03
C THR L 51 2.31 6.87 63.90
N SER L 52 2.40 6.18 62.76
CA SER L 52 1.69 4.97 62.44
C SER L 52 2.71 3.86 62.27
N ARG L 53 2.39 2.65 62.72
CA ARG L 53 3.25 1.50 62.53
C ARG L 53 2.43 0.31 62.05
N ARG L 54 3.03 -0.49 61.12
CA ARG L 54 2.54 -1.73 60.55
C ARG L 54 2.98 -2.82 61.52
N VAL L 55 2.04 -3.45 62.24
CA VAL L 55 2.38 -4.40 63.32
C VAL L 55 1.50 -5.66 63.33
N MSE L 56 1.91 -6.65 64.13
CA MSE L 56 1.15 -7.88 64.38
C MSE L 56 0.41 -7.66 65.75
O MSE L 56 1.05 -7.21 66.71
CB MSE L 56 2.07 -9.14 64.42
CG MSE L 56 2.73 -9.48 63.10
SE MSE L 56 1.46 -9.75 61.60
CE MSE L 56 0.46 -11.24 62.44
N SER L 57 -0.90 -7.94 65.82
CA SER L 57 -1.62 -7.70 67.04
C SER L 57 -2.65 -8.77 67.37
N ASN L 58 -2.81 -9.00 68.65
CA ASN L 58 -3.91 -9.75 69.25
C ASN L 58 -4.77 -8.69 69.93
N TYR L 59 -5.95 -8.48 69.41
CA TYR L 59 -6.88 -7.50 69.91
C TYR L 59 -8.31 -8.05 69.78
N GLU L 60 -9.24 -7.43 70.48
CA GLU L 60 -10.63 -7.79 70.29
C GLU L 60 -11.46 -6.53 70.07
N THR L 61 -12.54 -6.69 69.29
CA THR L 61 -13.51 -5.66 68.98
C THR L 61 -14.65 -5.75 69.96
N LEU L 62 -14.99 -4.62 70.61
CA LEU L 62 -16.11 -4.56 71.52
C LEU L 62 -17.18 -3.73 70.88
N SER L 63 -18.33 -4.32 70.56
CA SER L 63 -19.41 -3.58 69.95
C SER L 63 -20.56 -3.41 70.94
N ASN L 64 -21.22 -2.25 70.87
CA ASN L 64 -22.39 -1.96 71.69
C ASN L 64 -23.64 -2.04 70.86
N GLY L 65 -23.49 -2.58 69.64
CA GLY L 65 -24.53 -2.75 68.65
C GLY L 65 -24.72 -1.59 67.70
N HIS L 66 -23.95 -0.51 67.91
CA HIS L 66 -23.98 0.72 67.10
C HIS L 66 -22.56 1.08 66.68
N THR L 67 -21.66 1.16 67.66
CA THR L 67 -20.26 1.49 67.43
C THR L 67 -19.38 0.44 68.07
N ALA L 68 -18.08 0.47 67.76
CA ALA L 68 -17.14 -0.46 68.34
C ALA L 68 -15.79 0.22 68.67
N THR L 69 -15.02 -0.44 69.57
CA THR L 69 -13.69 -0.03 69.98
C THR L 69 -12.80 -1.28 70.04
N ALA L 70 -11.47 -1.06 70.11
CA ALA L 70 -10.53 -2.14 70.21
C ALA L 70 -9.86 -2.20 71.60
N VAL L 71 -9.65 -3.42 72.10
CA VAL L 71 -8.88 -3.73 73.28
C VAL L 71 -7.68 -4.50 72.77
N ILE L 72 -6.45 -3.98 73.00
CA ILE L 72 -5.20 -4.60 72.50
C ILE L 72 -4.63 -5.47 73.59
N TYR L 73 -4.39 -6.76 73.26
CA TYR L 73 -3.83 -7.74 74.19
C TYR L 73 -2.37 -7.95 73.91
N SER L 74 -1.94 -7.87 72.66
CA SER L 74 -0.51 -8.01 72.32
C SER L 74 -0.19 -7.23 71.07
N LEU L 75 1.06 -6.76 71.01
CA LEU L 75 1.63 -6.05 69.87
C LEU L 75 3.01 -6.53 69.65
N GLN L 76 3.40 -6.67 68.40
CA GLN L 76 4.76 -7.03 68.02
C GLN L 76 4.99 -6.52 66.63
N SER L 77 6.25 -6.28 66.34
CA SER L 77 6.66 -5.75 65.07
C SER L 77 6.61 -6.83 64.02
N LEU L 78 6.65 -6.39 62.77
CA LEU L 78 6.79 -7.23 61.60
C LEU L 78 7.88 -6.55 60.73
N VAL L 79 8.39 -7.23 59.72
CA VAL L 79 9.42 -6.69 58.84
C VAL L 79 8.71 -5.95 57.75
N THR L 80 9.10 -4.69 57.49
CA THR L 80 8.55 -3.88 56.41
C THR L 80 9.69 -3.58 55.46
N PRO L 81 10.11 -4.55 54.61
CA PRO L 81 11.25 -4.28 53.71
C PRO L 81 10.85 -3.42 52.52
N THR L 82 11.59 -2.35 52.30
CA THR L 82 11.35 -1.52 51.13
C THR L 82 12.06 -2.19 49.92
N PRO L 83 11.35 -2.46 48.80
CA PRO L 83 12.03 -3.06 47.63
C PRO L 83 13.19 -2.19 47.14
N LYS L 84 14.36 -2.79 46.97
CA LYS L 84 15.57 -2.08 46.56
C LYS L 84 16.30 -2.86 45.46
N PRO L 85 16.93 -2.18 44.46
CA PRO L 85 17.63 -2.92 43.40
C PRO L 85 18.85 -3.65 43.94
N ALA L 86 19.34 -4.69 43.22
CA ALA L 86 20.48 -5.51 43.61
C ALA L 86 21.77 -4.68 43.86
N ASP L 87 21.86 -3.50 43.21
CA ASP L 87 22.99 -2.57 43.29
C ASP L 87 22.87 -1.58 44.47
N ASP L 88 21.81 -1.69 45.29
CA ASP L 88 21.61 -0.85 46.46
C ASP L 88 22.68 -1.13 47.53
N PRO L 89 23.16 -0.10 48.27
CA PRO L 89 24.20 -0.35 49.30
C PRO L 89 23.86 -1.40 50.36
N THR L 90 22.56 -1.69 50.64
CA THR L 90 22.20 -2.72 51.63
C THR L 90 22.64 -4.12 51.16
N TYR L 91 22.76 -4.33 49.83
CA TYR L 91 23.13 -5.63 49.25
C TYR L 91 24.62 -5.70 48.86
N ARG L 92 25.45 -4.77 49.40
CA ARG L 92 26.89 -4.66 49.16
C ARG L 92 27.65 -5.97 49.44
N ASP L 93 27.29 -6.70 50.52
CA ASP L 93 27.98 -7.95 50.88
C ASP L 93 27.44 -9.20 50.14
N GLY L 94 26.54 -8.97 49.19
CA GLY L 94 25.96 -10.03 48.37
C GLY L 94 24.53 -10.39 48.73
N LEU L 95 23.81 -10.95 47.73
CA LEU L 95 22.43 -11.37 47.91
C LEU L 95 22.40 -12.68 48.66
N LYS L 96 21.56 -12.74 49.71
CA LYS L 96 21.43 -13.93 50.54
C LYS L 96 20.05 -14.47 50.35
N HIS L 97 19.95 -15.79 50.09
CA HIS L 97 18.65 -16.41 49.82
C HIS L 97 18.46 -17.69 50.62
N ASP L 98 18.66 -17.63 51.94
CA ASP L 98 18.48 -18.80 52.79
C ASP L 98 16.99 -19.23 52.71
N PRO L 99 16.71 -20.53 52.55
CA PRO L 99 15.33 -20.97 52.29
C PRO L 99 14.28 -20.66 53.35
N VAL L 100 13.05 -20.42 52.89
CA VAL L 100 11.86 -20.22 53.70
C VAL L 100 10.70 -20.92 53.01
N ASP L 101 9.59 -21.08 53.71
CA ASP L 101 8.33 -21.55 53.12
C ASP L 101 7.34 -20.41 53.21
N VAL L 102 6.51 -20.24 52.19
CA VAL L 102 5.47 -19.20 52.22
C VAL L 102 4.23 -19.93 52.77
N VAL L 103 3.69 -19.45 53.91
CA VAL L 103 2.47 -20.00 54.51
C VAL L 103 1.24 -19.36 53.86
N SER L 104 1.29 -18.04 53.68
CA SER L 104 0.21 -17.25 53.12
C SER L 104 0.80 -15.99 52.53
N ILE L 105 0.25 -15.52 51.38
CA ILE L 105 0.73 -14.32 50.68
C ILE L 105 -0.44 -13.62 50.03
N TRP L 106 -0.51 -12.27 50.18
CA TRP L 106 -1.64 -11.52 49.64
C TRP L 106 -1.43 -10.00 49.65
N LEU L 107 -2.15 -9.32 48.80
CA LEU L 107 -2.15 -7.87 48.73
C LEU L 107 -3.25 -7.38 49.64
N GLY L 108 -2.94 -6.32 50.38
CA GLY L 108 -3.91 -5.69 51.25
C GLY L 108 -3.32 -4.53 51.98
N ARG L 109 -4.09 -3.43 52.03
CA ARG L 109 -3.78 -2.18 52.75
C ARG L 109 -2.49 -1.48 52.28
N GLY L 110 -2.15 -1.65 51.00
CA GLY L 110 -0.97 -1.03 50.41
C GLY L 110 0.30 -1.82 50.56
N TYR L 111 0.20 -3.05 51.04
CA TYR L 111 1.32 -3.96 51.24
C TYR L 111 1.13 -5.25 50.49
N LEU L 112 2.26 -5.90 50.20
CA LEU L 112 2.35 -7.29 49.81
C LEU L 112 2.67 -8.01 51.11
N ASN L 113 1.67 -8.64 51.72
CA ASN L 113 1.80 -9.31 53.01
C ASN L 113 2.07 -10.76 52.84
N MSE L 114 2.90 -11.31 53.73
CA MSE L 114 3.17 -12.72 53.75
C MSE L 114 3.57 -13.23 55.14
O MSE L 114 4.17 -12.54 55.92
CB MSE L 114 4.23 -13.08 52.71
CG MSE L 114 5.61 -12.55 53.04
SE MSE L 114 6.76 -12.76 51.52
CE MSE L 114 6.15 -11.27 50.46
N ILE L 115 3.22 -14.47 55.39
CA ILE L 115 3.59 -15.25 56.55
C ILE L 115 4.57 -16.28 56.03
N LEU L 116 5.77 -16.32 56.63
CA LEU L 116 6.80 -17.28 56.25
C LEU L 116 7.00 -18.28 57.36
N ASN L 117 7.45 -19.48 56.99
CA ASN L 117 7.90 -20.48 57.95
C ASN L 117 9.38 -20.67 57.73
N LEU L 118 10.14 -20.57 58.80
CA LEU L 118 11.59 -20.67 58.89
C LEU L 118 12.01 -21.79 59.80
N LYS L 119 13.20 -22.34 59.58
CA LYS L 119 13.84 -23.27 60.48
C LYS L 119 15.01 -22.47 61.10
N VAL L 120 14.92 -22.23 62.41
CA VAL L 120 15.86 -21.39 63.17
C VAL L 120 16.49 -22.16 64.35
N ASN L 121 17.34 -21.48 65.09
CA ASN L 121 17.89 -21.94 66.36
C ASN L 121 17.81 -20.71 67.32
N GLY L 122 18.87 -19.90 67.33
CA GLY L 122 18.92 -18.69 68.14
C GLY L 122 20.25 -17.97 68.09
N GLY L 123 20.24 -16.74 68.63
CA GLY L 123 21.40 -15.88 68.72
C GLY L 123 21.82 -15.22 67.42
N LYS L 124 21.13 -15.53 66.33
CA LYS L 124 21.44 -14.97 65.01
C LYS L 124 20.24 -14.25 64.47
N GLN L 125 20.46 -13.05 63.93
CA GLN L 125 19.41 -12.22 63.36
C GLN L 125 19.12 -12.68 61.96
N HIS L 126 17.84 -12.92 61.67
CA HIS L 126 17.36 -13.29 60.35
C HIS L 126 17.00 -12.00 59.66
N VAL L 127 17.75 -11.64 58.62
CA VAL L 127 17.58 -10.37 57.92
C VAL L 127 16.82 -10.62 56.61
N PHE L 128 15.69 -9.91 56.42
CA PHE L 128 14.83 -9.98 55.25
C PHE L 128 14.89 -8.70 54.45
N GLY L 129 14.69 -8.85 53.15
CA GLY L 129 14.67 -7.76 52.21
C GLY L 129 13.97 -8.19 50.94
N ILE L 130 13.78 -7.23 50.04
CA ILE L 130 13.17 -7.46 48.75
C ILE L 130 14.15 -6.95 47.71
N VAL L 131 14.57 -7.82 46.78
CA VAL L 131 15.45 -7.44 45.68
C VAL L 131 14.52 -7.10 44.51
N GLU L 132 14.54 -5.81 44.11
CA GLU L 132 13.66 -5.25 43.10
C GLU L 132 14.31 -5.23 41.74
N ASP L 133 13.53 -5.65 40.73
CA ASP L 133 13.90 -5.61 39.32
C ASP L 133 12.76 -4.95 38.56
N LEU L 134 13.04 -3.79 37.98
CA LEU L 134 12.02 -3.06 37.25
C LEU L 134 12.24 -3.09 35.72
N SER L 135 13.00 -4.10 35.23
CA SER L 135 13.32 -4.25 33.79
C SER L 135 12.07 -4.37 32.89
N GLU L 136 10.97 -4.91 33.43
CA GLU L 136 9.71 -5.10 32.71
C GLU L 136 8.65 -4.09 33.14
N PHE L 137 8.98 -3.10 33.99
CA PHE L 137 8.01 -2.14 34.51
C PHE L 137 7.42 -1.23 33.42
N GLU L 138 8.23 -0.83 32.43
CA GLU L 138 7.74 -0.04 31.29
C GLU L 138 7.15 -1.00 30.22
N THR L 139 7.57 -2.29 30.24
CA THR L 139 7.17 -3.38 29.33
C THR L 139 5.73 -3.86 29.58
N ASN L 140 5.35 -4.10 30.86
CA ASN L 140 4.05 -4.62 31.21
C ASN L 140 3.54 -4.16 32.59
N GLY L 141 4.24 -3.23 33.25
CA GLY L 141 3.89 -2.75 34.61
C GLY L 141 4.27 -3.78 35.65
N THR L 142 5.19 -4.70 35.27
CA THR L 142 5.70 -5.81 36.06
C THR L 142 6.76 -5.32 37.07
N VAL L 143 6.53 -5.68 38.33
CA VAL L 143 7.49 -5.45 39.41
C VAL L 143 7.97 -6.82 39.79
N ASN L 144 9.24 -7.13 39.51
CA ASN L 144 9.85 -8.40 39.92
C ASN L 144 10.45 -8.23 41.31
N MSE L 145 10.08 -9.15 42.21
CA MSE L 145 10.57 -9.16 43.58
C MSE L 145 11.17 -10.50 43.90
O MSE L 145 10.57 -11.55 43.61
CB MSE L 145 9.43 -8.87 44.56
CG MSE L 145 8.86 -7.45 44.43
SE MSE L 145 7.66 -7.05 45.85
CE MSE L 145 7.07 -5.34 45.30
N LEU L 146 12.37 -10.48 44.49
CA LEU L 146 13.05 -11.66 44.98
C LEU L 146 13.29 -11.48 46.46
N LEU L 147 12.89 -12.48 47.26
CA LEU L 147 13.12 -12.41 48.70
C LEU L 147 14.58 -12.57 49.03
N TYR L 148 15.06 -11.64 49.85
CA TYR L 148 16.40 -11.67 50.42
C TYR L 148 16.24 -12.22 51.83
N HIS L 149 17.01 -13.25 52.18
CA HIS L 149 16.97 -13.79 53.52
C HIS L 149 18.35 -14.22 53.93
N ASP L 150 18.88 -13.56 54.96
CA ASP L 150 20.19 -13.89 55.54
C ASP L 150 19.93 -14.46 56.93
N ALA L 151 20.17 -15.77 57.10
CA ALA L 151 20.00 -16.48 58.36
C ALA L 151 21.21 -16.30 59.27
N ASN L 152 22.29 -15.68 58.76
CA ASN L 152 23.55 -15.41 59.48
C ASN L 152 24.13 -16.68 60.13
N GLY L 153 24.07 -17.79 59.40
CA GLY L 153 24.59 -19.08 59.81
C GLY L 153 23.77 -19.80 60.88
N ASP L 154 22.55 -19.27 61.21
CA ASP L 154 21.68 -19.89 62.19
C ASP L 154 21.31 -21.30 61.73
N GLU L 155 21.37 -22.28 62.67
CA GLU L 155 21.06 -23.67 62.37
C GLU L 155 19.56 -23.85 62.07
N GLU L 156 19.21 -24.84 61.26
CA GLU L 156 17.82 -25.07 60.87
C GLU L 156 17.22 -26.16 61.78
N TYR L 157 16.89 -25.75 63.04
CA TYR L 157 16.42 -26.71 64.04
C TYR L 157 14.93 -26.67 64.33
N TYR L 158 14.38 -25.47 64.56
CA TYR L 158 12.98 -25.29 64.99
C TYR L 158 12.19 -24.42 64.03
N ASN L 159 10.92 -24.75 63.84
CA ASN L 159 10.03 -23.98 62.99
C ASN L 159 9.64 -22.71 63.70
N ARG L 160 9.70 -21.60 62.99
CA ARG L 160 9.30 -20.28 63.50
C ARG L 160 8.66 -19.50 62.35
N ARG L 161 7.60 -18.76 62.64
CA ARG L 161 6.97 -17.90 61.64
C ARG L 161 7.63 -16.51 61.62
N ALA L 162 7.67 -15.91 60.44
CA ALA L 162 8.13 -14.54 60.22
C ALA L 162 7.03 -13.83 59.43
N TYR L 163 6.83 -12.55 59.69
CA TYR L 163 5.77 -11.75 59.10
C TYR L 163 6.38 -10.59 58.39
N LEU L 164 6.00 -10.40 57.10
CA LEU L 164 6.49 -9.34 56.22
C LEU L 164 5.32 -8.59 55.60
N SER L 165 5.44 -7.26 55.57
CA SER L 165 4.54 -6.37 54.91
C SER L 165 5.38 -5.46 53.99
N VAL L 166 5.42 -5.83 52.71
CA VAL L 166 6.22 -5.07 51.72
C VAL L 166 5.44 -3.82 51.31
N PRO L 167 5.92 -2.60 51.65
CA PRO L 167 5.19 -1.39 51.23
C PRO L 167 5.22 -1.19 49.71
N LEU L 168 4.06 -0.88 49.09
CA LEU L 168 3.95 -0.72 47.64
C LEU L 168 3.64 0.73 47.22
N ASP L 169 3.79 1.69 48.15
CA ASP L 169 3.54 3.12 47.94
C ASP L 169 4.47 3.72 46.86
N LYS L 170 5.70 3.19 46.71
CA LYS L 170 6.70 3.66 45.76
C LYS L 170 6.30 3.44 44.30
N TYR L 171 5.27 2.61 44.05
CA TYR L 171 4.84 2.26 42.69
C TYR L 171 3.68 3.14 42.24
N ALA L 172 3.08 3.88 43.18
CA ALA L 172 2.00 4.82 42.90
C ALA L 172 2.58 6.06 42.21
N ASP L 173 1.98 6.44 41.08
CA ASP L 173 2.36 7.60 40.30
C ASP L 173 1.19 8.58 40.29
N ALA L 174 1.36 9.75 40.92
CA ALA L 174 0.33 10.79 41.06
C ALA L 174 -0.14 11.31 39.70
N GLU L 175 0.79 11.43 38.73
CA GLU L 175 0.50 11.90 37.38
C GLU L 175 0.06 10.76 36.45
N ASN L 176 -0.07 9.54 36.98
CA ASN L 176 -0.50 8.36 36.23
C ASN L 176 -1.46 7.51 37.12
N PRO L 177 -2.68 8.00 37.44
CA PRO L 177 -3.58 7.21 38.32
C PRO L 177 -4.35 6.11 37.57
N GLY L 178 -4.70 5.03 38.27
CA GLY L 178 -5.41 3.88 37.70
C GLY L 178 -4.50 2.85 37.07
N GLN L 179 -3.18 3.05 37.23
CA GLN L 179 -2.10 2.23 36.70
C GLN L 179 -2.14 0.85 37.35
N LYS L 180 -2.20 -0.22 36.52
CA LYS L 180 -2.24 -1.62 36.93
C LYS L 180 -0.82 -2.17 36.95
N ILE L 181 -0.35 -2.52 38.14
CA ILE L 181 0.97 -3.08 38.42
C ILE L 181 0.82 -4.60 38.67
N THR L 182 1.78 -5.40 38.22
CA THR L 182 1.78 -6.85 38.44
C THR L 182 3.01 -7.21 39.24
N ILE L 183 2.83 -7.66 40.49
CA ILE L 183 3.95 -8.05 41.33
C ILE L 183 4.19 -9.53 41.12
N LYS L 184 5.41 -9.88 40.72
CA LYS L 184 5.82 -11.26 40.54
C LYS L 184 6.88 -11.55 41.59
N PHE L 185 6.48 -12.29 42.65
CA PHE L 185 7.35 -12.60 43.78
C PHE L 185 7.99 -13.99 43.68
N LYS L 186 9.33 -14.01 43.81
CA LYS L 186 10.18 -15.19 43.81
C LYS L 186 10.88 -15.32 45.18
N TYR L 187 11.19 -16.55 45.57
CA TYR L 187 11.87 -16.81 46.84
C TYR L 187 12.52 -18.16 46.76
N TYR L 188 13.62 -18.34 47.51
CA TYR L 188 14.29 -19.63 47.59
C TYR L 188 13.66 -20.44 48.71
N THR L 189 13.40 -21.71 48.40
CA THR L 189 12.77 -22.68 49.28
C THR L 189 13.40 -24.04 49.04
N TYR L 190 13.16 -24.99 49.95
CA TYR L 190 13.64 -26.34 49.77
C TYR L 190 12.60 -27.14 49.03
N ASP L 191 13.06 -28.00 48.11
CA ASP L 191 12.15 -28.91 47.43
C ASP L 191 11.96 -30.16 48.36
N LYS L 192 11.20 -31.17 47.88
CA LYS L 192 10.92 -32.42 48.59
C LYS L 192 12.20 -33.13 49.05
N ASP L 193 13.32 -32.99 48.29
CA ASP L 193 14.64 -33.61 48.53
C ASP L 193 15.64 -32.78 49.35
N GLY L 194 15.23 -31.59 49.79
CA GLY L 194 16.08 -30.71 50.58
C GLY L 194 17.05 -29.85 49.78
N THR L 195 16.76 -29.66 48.48
CA THR L 195 17.56 -28.84 47.58
C THR L 195 16.95 -27.45 47.54
N ALA L 196 17.76 -26.41 47.74
CA ALA L 196 17.32 -25.02 47.69
C ALA L 196 17.09 -24.64 46.25
N ILE L 197 15.84 -24.24 45.93
CA ILE L 197 15.45 -23.86 44.58
C ILE L 197 14.74 -22.50 44.61
N GLU L 198 14.85 -21.73 43.52
CA GLU L 198 14.14 -20.47 43.36
C GLU L 198 12.72 -20.81 42.89
N SER L 199 11.70 -20.49 43.71
CA SER L 199 10.30 -20.78 43.39
C SER L 199 9.64 -19.63 42.69
N GLY L 200 9.03 -19.92 41.56
CA GLY L 200 8.30 -18.96 40.75
C GLY L 200 6.81 -19.19 40.85
N LYS L 201 6.40 -19.97 41.87
CA LYS L 201 5.01 -20.33 42.25
C LYS L 201 4.04 -19.10 42.20
N TYR L 202 4.49 -17.95 42.72
CA TYR L 202 3.66 -16.73 42.83
C TYR L 202 3.92 -15.70 41.70
N CYS L 203 4.50 -16.17 40.58
CA CYS L 203 4.80 -15.37 39.40
C CYS L 203 3.80 -15.59 38.30
N ASN L 204 3.08 -16.73 38.31
CA ASN L 204 2.13 -17.04 37.25
C ASN L 204 0.71 -17.11 37.80
N PRO L 205 -0.15 -16.09 37.52
CA PRO L 205 0.08 -14.90 36.68
C PRO L 205 0.73 -13.71 37.42
N GLY L 206 0.87 -13.81 38.75
CA GLY L 206 1.42 -12.74 39.58
C GLY L 206 0.28 -12.01 40.27
N PHE L 207 0.60 -11.02 41.11
CA PHE L 207 -0.43 -10.27 41.85
C PHE L 207 -0.71 -8.92 41.20
N GLU L 208 -1.93 -8.76 40.67
CA GLU L 208 -2.32 -7.53 39.99
C GLU L 208 -2.92 -6.56 41.01
N TYR L 209 -2.30 -5.34 41.10
CA TYR L 209 -2.54 -4.27 42.08
C TYR L 209 -2.66 -2.88 41.41
N VAL L 210 -3.71 -2.10 41.77
CA VAL L 210 -3.88 -0.72 41.32
C VAL L 210 -3.63 0.15 42.56
N PRO L 211 -2.46 0.83 42.66
CA PRO L 211 -2.19 1.66 43.85
C PRO L 211 -3.06 2.91 43.95
N ASP L 212 -4.32 2.76 44.43
CA ASP L 212 -5.29 3.85 44.60
C ASP L 212 -6.24 3.58 45.77
CL CL M . -15.57 36.60 -71.71
CL CL N . 2.75 18.61 -97.69
CL CL O . -16.38 18.79 -71.28
CL CL P . -21.85 14.82 -81.11
CL CL Q . 3.92 -3.34 -68.34
CL CL R . 17.59 29.03 -57.47
CL CL S . -8.15 8.84 -63.16
CL CL T . -6.16 10.98 -51.35
CL CL U . 19.90 24.54 -74.62
CL CL V . 27.35 14.84 -74.60
CL CL W . 0.04 36.33 -100.28
CL CL X . 12.75 28.96 -86.83
CL CL Y . 9.49 40.47 -88.51
CL CL Z . -0.42 29.10 -88.54
CL CL AA . -12.99 41.02 -82.05
CL CL BA . 15.02 43.39 -85.73
C1 EDO CA . 22.55 33.95 -96.25
O1 EDO CA . 21.58 34.68 -95.53
C2 EDO CA . 23.72 33.68 -95.32
O2 EDO CA . 24.64 34.78 -95.38
CL CL DA . -17.02 15.91 2.48
CL CL EA . 0.29 -2.50 -23.58
CL CL FA . -17.65 -2.12 4.12
CL CL GA . -23.63 -6.32 -5.51
CL CL HA . -21.81 -8.53 -0.65
CL CL IA . -8.92 -11.91 12.31
CL CL JA . -6.63 -8.95 23.45
CL CL KA . 3.32 -23.89 6.22
CL CL LA . 17.07 8.93 15.95
CL CL MA . 19.08 4.22 -1.42
CL CL NA . 26.24 -6.07 -1.10
CL CL OA . 15.59 -3.68 9.00
CL CL PA . 10.39 7.60 -12.91
CL CL QA . 7.28 19.18 -15.21
CL CL RA . -0.02 -20.32 49.52
CL CL SA . -21.86 -21.08 74.91
CL CL TA . -26.82 -24.30 64.65
C1 EDO UA . -22.38 -12.42 86.31
O1 EDO UA . -22.30 -12.92 87.65
C2 EDO UA . -21.33 -11.34 86.07
O2 EDO UA . -20.35 -11.78 85.12
CL CL VA . 10.81 -11.93 91.41
CL CL WA . -2.11 -43.49 78.58
CL CL XA . -14.15 -31.44 83.23
CL CL YA . 15.16 -16.20 74.47
CL CL ZA . 22.30 -25.57 74.76
CL CL AB . 10.03 -24.03 83.67
CL CL BB . -20.08 -2.81 74.69
CL CL CB . 8.63 -11.11 62.05
C1 EDO DB . 11.62 -25.04 56.23
O1 EDO DB . 10.47 -24.24 56.55
C2 EDO DB . 12.58 -24.30 55.28
O2 EDO DB . 13.82 -23.97 55.96
#